data_8W0M
#
_entry.id   8W0M
#
_cell.length_a   101.399
_cell.length_b   115.398
_cell.length_c   106.265
_cell.angle_alpha   90.00
_cell.angle_beta   116.40
_cell.angle_gamma   90.00
#
_symmetry.space_group_name_H-M   'P 1 21 1'
#
loop_
_entity.id
_entity.type
_entity.pdbx_description
1 polymer 'Acetyl-coenzyme A synthetase 2'
2 non-polymer "5'-O-(acetylsulfamoyl)adenosine"
#
_entity_poly.entity_id   1
_entity_poly.type   'polypeptide(L)'
_entity_poly.pdbx_seq_one_letter_code
;MHHHHHHHHENLYFQGPTEQTHNVVHEANGVKLRETPKEFFERQPNKGHIHDVNQYKQMYEQSIKDPQGFFGPLAKELLS
WDHDFHTVKSGTLKNGDAAWFLGGELNASYNCVDRHAFANPDKPALICEADDEKDSHILTYGDLLREVSKVAGVLQSWGI
KKGDTVAVYLPMNAQAIIAMLAIARLGAAHSVIFAGFSAGSIKDRVNDASCKALITCDEGKRGGRTTNIKKLCDEALVDC
PTVEKVLVYKRTNNPEIHLTEGRDYYWDVETAKFPGYLPPVSVNSEDPLFLLYTSGSTGTPKGVVHSTAGYLLGAALSTK
YIFDIHPEDILFTAGDVGWITGHTYALYGPLLLGVPTIIFEGTPAYPDYGRFWQIVEKHKATHFYVAPTALRLLRKAGEQ
EIAKYDLSSLRTLGSVGEPISPDIWEWYNEFVGKNQCHISDTYWQTESGSHLIAPLAGVVPNKPGSASYPFFGIDAALID
PVTGVEIEGNDAEGVLAIKDHWPSMARTVYKNHTKYMDTYMNPYPGYYFTGDGAARDHDGYYWIRGRVDDVVNVSGHRLS
TAEIEAALIEDKKVSEAAVVGIHDDITGQAVIAYVALKEGNSDEDSEGLRKELVLQVRKTIGPFAAPKSVIIVQDLPKTR
SGKIMRRILRKVSSNEADQLGDISTLSNPQSVEGIISAFGAQFGKK
;
_entity_poly.pdbx_strand_id   A,B,C
#
# COMPACT_ATOMS: atom_id res chain seq x y z
N THR A 21 -36.75 35.22 -29.62
CA THR A 21 -35.94 36.42 -29.41
C THR A 21 -35.51 36.53 -27.96
N HIS A 22 -34.20 36.49 -27.73
CA HIS A 22 -33.66 36.58 -26.38
C HIS A 22 -33.52 38.04 -25.96
N ASN A 23 -34.16 38.40 -24.84
CA ASN A 23 -33.98 39.74 -24.29
C ASN A 23 -32.66 39.88 -23.54
N VAL A 24 -32.15 38.80 -22.97
CA VAL A 24 -30.92 38.82 -22.18
C VAL A 24 -29.74 38.28 -22.98
N VAL A 25 -29.91 37.12 -23.61
CA VAL A 25 -28.79 36.42 -24.27
C VAL A 25 -28.74 36.99 -25.69
N HIS A 26 -28.04 38.13 -25.82
CA HIS A 26 -27.91 38.77 -27.11
C HIS A 26 -27.13 37.90 -28.09
N GLU A 27 -26.19 37.10 -27.59
CA GLU A 27 -25.44 36.21 -28.47
C GLU A 27 -26.37 35.25 -29.22
N ALA A 28 -27.43 34.79 -28.56
CA ALA A 28 -28.25 33.72 -29.12
C ALA A 28 -29.13 34.20 -30.27
N ASN A 29 -29.49 35.48 -30.28
CA ASN A 29 -30.42 35.97 -31.30
C ASN A 29 -29.85 35.76 -32.71
N GLY A 30 -30.64 35.15 -33.57
CA GLY A 30 -30.26 35.00 -34.96
C GLY A 30 -29.07 34.09 -35.20
N VAL A 31 -28.91 33.06 -34.37
CA VAL A 31 -27.85 32.07 -34.53
C VAL A 31 -28.48 30.74 -34.84
N LYS A 32 -28.13 30.16 -35.99
CA LYS A 32 -28.70 28.90 -36.46
C LYS A 32 -27.83 27.74 -35.97
N LEU A 33 -28.49 26.68 -35.51
CA LEU A 33 -27.77 25.48 -35.11
C LEU A 33 -26.97 24.93 -36.29
N ARG A 34 -25.76 24.47 -36.00
CA ARG A 34 -24.85 23.92 -37.01
C ARG A 34 -24.75 22.41 -36.79
N GLU A 35 -25.49 21.64 -37.58
CA GLU A 35 -25.40 20.19 -37.48
C GLU A 35 -24.02 19.73 -37.93
N THR A 36 -23.56 18.62 -37.36
CA THR A 36 -22.25 18.09 -37.71
C THR A 36 -22.27 17.65 -39.18
N PRO A 37 -21.27 18.05 -39.98
CA PRO A 37 -21.29 17.67 -41.40
C PRO A 37 -21.30 16.16 -41.61
N LYS A 38 -21.87 15.77 -42.75
CA LYS A 38 -21.96 14.34 -43.08
C LYS A 38 -20.58 13.70 -43.12
N GLU A 39 -19.58 14.43 -43.60
CA GLU A 39 -18.23 13.88 -43.73
C GLU A 39 -17.69 13.42 -42.37
N PHE A 40 -18.17 14.02 -41.28
CA PHE A 40 -17.75 13.56 -39.96
C PHE A 40 -18.11 12.09 -39.75
N PHE A 41 -19.38 11.72 -39.99
CA PHE A 41 -19.79 10.34 -39.78
C PHE A 41 -19.16 9.41 -40.81
N GLU A 42 -18.91 9.90 -42.03
CA GLU A 42 -18.19 9.07 -43.00
C GLU A 42 -16.81 8.71 -42.48
N ARG A 43 -16.08 9.69 -41.93
CA ARG A 43 -14.72 9.45 -41.46
C ARG A 43 -14.70 8.73 -40.12
N GLN A 44 -15.81 8.76 -39.38
CA GLN A 44 -15.84 8.15 -38.06
C GLN A 44 -15.55 6.66 -38.17
N PRO A 45 -14.61 6.12 -37.38
CA PRO A 45 -14.23 4.71 -37.60
C PRO A 45 -15.32 3.72 -37.25
N ASN A 46 -16.20 4.05 -36.31
CA ASN A 46 -17.24 3.13 -35.88
C ASN A 46 -18.48 3.92 -35.55
N LYS A 47 -19.56 3.21 -35.21
CA LYS A 47 -20.76 3.85 -34.70
C LYS A 47 -20.40 4.79 -33.57
N GLY A 48 -21.16 5.88 -33.44
CA GLY A 48 -20.88 6.83 -32.38
C GLY A 48 -21.17 6.27 -31.01
N HIS A 49 -20.47 6.79 -30.01
CA HIS A 49 -20.69 6.33 -28.64
C HIS A 49 -22.08 6.72 -28.14
N ILE A 50 -22.63 7.82 -28.65
CA ILE A 50 -23.98 8.26 -28.34
C ILE A 50 -24.73 8.46 -29.66
N HIS A 51 -25.97 7.99 -29.71
CA HIS A 51 -26.73 8.02 -30.95
C HIS A 51 -27.10 9.45 -31.35
N ASP A 52 -27.81 10.16 -30.48
CA ASP A 52 -28.31 11.48 -30.80
C ASP A 52 -28.36 12.32 -29.52
N VAL A 53 -28.74 13.59 -29.69
CA VAL A 53 -28.81 14.50 -28.55
C VAL A 53 -29.83 14.00 -27.53
N ASN A 54 -30.87 13.30 -27.99
CA ASN A 54 -31.88 12.81 -27.07
C ASN A 54 -31.31 11.78 -26.11
N GLN A 55 -30.56 10.81 -26.62
CA GLN A 55 -29.89 9.85 -25.76
C GLN A 55 -28.92 10.56 -24.82
N TYR A 56 -28.21 11.57 -25.32
CA TYR A 56 -27.28 12.30 -24.48
C TYR A 56 -27.99 12.90 -23.26
N LYS A 57 -29.15 13.53 -23.49
CA LYS A 57 -29.87 14.14 -22.37
C LYS A 57 -30.41 13.10 -21.41
N GLN A 58 -30.83 11.94 -21.93
CA GLN A 58 -31.25 10.86 -21.04
C GLN A 58 -30.09 10.41 -20.16
N MET A 59 -28.92 10.21 -20.75
CA MET A 59 -27.74 9.82 -19.98
C MET A 59 -27.36 10.92 -19.01
N TYR A 60 -27.41 12.18 -19.47
CA TYR A 60 -27.07 13.30 -18.59
C TYR A 60 -27.96 13.32 -17.37
N GLU A 61 -29.28 13.20 -17.55
CA GLU A 61 -30.19 13.21 -16.42
C GLU A 61 -29.86 12.11 -15.44
N GLN A 62 -29.46 10.93 -15.94
CA GLN A 62 -29.05 9.87 -15.03
C GLN A 62 -27.80 10.26 -14.25
N SER A 63 -26.84 10.89 -14.93
CA SER A 63 -25.61 11.29 -14.25
C SER A 63 -25.88 12.32 -13.17
N ILE A 64 -26.94 13.11 -13.32
CA ILE A 64 -27.29 14.13 -12.32
C ILE A 64 -28.13 13.54 -11.20
N LYS A 65 -29.24 12.87 -11.55
CA LYS A 65 -30.13 12.38 -10.51
C LYS A 65 -29.56 11.14 -9.82
N ASP A 66 -28.88 10.28 -10.56
CA ASP A 66 -28.40 8.99 -10.05
C ASP A 66 -26.94 8.83 -10.43
N PRO A 67 -26.05 9.64 -9.84
CA PRO A 67 -24.62 9.54 -10.19
C PRO A 67 -24.04 8.16 -9.91
N GLN A 68 -24.53 7.46 -8.89
CA GLN A 68 -23.97 6.15 -8.56
C GLN A 68 -24.19 5.16 -9.72
N GLY A 69 -25.45 5.01 -10.14
CA GLY A 69 -25.75 4.08 -11.22
C GLY A 69 -25.15 4.46 -12.55
N PHE A 70 -24.78 5.73 -12.73
CA PHE A 70 -24.18 6.18 -13.97
C PHE A 70 -22.67 6.01 -13.98
N PHE A 71 -21.99 6.55 -12.97
CA PHE A 71 -20.53 6.59 -13.00
C PHE A 71 -19.90 5.29 -12.51
N GLY A 72 -20.58 4.56 -11.62
CA GLY A 72 -20.07 3.31 -11.13
C GLY A 72 -19.72 2.39 -12.27
N PRO A 73 -20.70 2.10 -13.13
CA PRO A 73 -20.41 1.25 -14.29
C PRO A 73 -19.32 1.80 -15.18
N LEU A 74 -19.36 3.10 -15.48
CA LEU A 74 -18.34 3.70 -16.35
C LEU A 74 -16.96 3.57 -15.73
N ALA A 75 -16.87 3.73 -14.40
CA ALA A 75 -15.58 3.60 -13.74
C ALA A 75 -15.01 2.20 -13.91
N LYS A 76 -15.87 1.18 -13.79
CA LYS A 76 -15.41 -0.19 -13.98
C LYS A 76 -15.05 -0.45 -15.44
N GLU A 77 -15.75 0.19 -16.38
CA GLU A 77 -15.49 -0.03 -17.80
C GLU A 77 -14.16 0.61 -18.21
N LEU A 78 -13.96 1.87 -17.86
CA LEU A 78 -12.85 2.65 -18.40
C LEU A 78 -11.57 2.56 -17.57
N LEU A 79 -11.61 2.05 -16.35
CA LEU A 79 -10.45 2.01 -15.48
C LEU A 79 -10.18 0.60 -15.00
N SER A 80 -8.90 0.31 -14.78
CA SER A 80 -8.43 -0.99 -14.30
C SER A 80 -8.04 -0.84 -12.84
N TRP A 81 -8.75 -1.55 -11.98
CA TRP A 81 -8.66 -1.37 -10.54
C TRP A 81 -7.83 -2.46 -9.89
N ASP A 82 -6.93 -2.06 -8.98
CA ASP A 82 -6.23 -3.02 -8.14
C ASP A 82 -7.10 -3.50 -6.99
N HIS A 83 -8.02 -2.65 -6.53
CA HIS A 83 -8.97 -3.00 -5.48
C HIS A 83 -10.30 -2.32 -5.81
N ASP A 84 -11.38 -3.06 -5.64
CA ASP A 84 -12.70 -2.54 -6.00
C ASP A 84 -13.15 -1.46 -5.01
N PHE A 85 -13.93 -0.51 -5.52
CA PHE A 85 -14.48 0.56 -4.69
C PHE A 85 -15.85 0.15 -4.16
N HIS A 86 -16.19 0.69 -2.98
CA HIS A 86 -17.44 0.37 -2.31
C HIS A 86 -18.45 1.51 -2.33
N THR A 87 -18.03 2.73 -2.65
CA THR A 87 -18.94 3.86 -2.72
C THR A 87 -18.56 4.73 -3.92
N VAL A 88 -19.53 4.98 -4.79
CA VAL A 88 -19.24 5.77 -5.99
C VAL A 88 -18.99 7.22 -5.64
N LYS A 89 -19.77 7.76 -4.71
CA LYS A 89 -19.80 9.20 -4.48
C LYS A 89 -19.99 9.48 -3.00
N SER A 90 -19.25 10.46 -2.50
CA SER A 90 -19.33 10.84 -1.10
C SER A 90 -18.92 12.30 -0.96
N GLY A 91 -19.40 12.94 0.10
CA GLY A 91 -19.05 14.30 0.41
C GLY A 91 -19.93 15.32 -0.28
N THR A 92 -19.85 16.55 0.21
CA THR A 92 -20.65 17.67 -0.30
C THR A 92 -19.74 18.86 -0.55
N LEU A 93 -20.23 19.77 -1.40
CA LEU A 93 -19.50 21.01 -1.66
C LEU A 93 -19.40 21.85 -0.38
N LYS A 94 -20.52 21.99 0.33
CA LYS A 94 -20.55 22.88 1.49
C LYS A 94 -19.51 22.51 2.53
N ASN A 95 -19.17 21.23 2.64
CA ASN A 95 -18.19 20.77 3.62
C ASN A 95 -16.82 20.53 3.03
N GLY A 96 -16.66 20.66 1.72
CA GLY A 96 -15.36 20.47 1.10
C GLY A 96 -14.73 19.12 1.40
N ASP A 97 -15.53 18.05 1.41
CA ASP A 97 -15.04 16.70 1.65
C ASP A 97 -15.48 15.76 0.53
N ALA A 98 -15.47 16.27 -0.70
CA ALA A 98 -15.88 15.46 -1.84
C ALA A 98 -14.94 14.29 -2.05
N ALA A 99 -15.51 13.11 -2.32
CA ALA A 99 -14.74 11.91 -2.59
C ALA A 99 -15.54 11.01 -3.52
N TRP A 100 -14.83 10.33 -4.43
CA TRP A 100 -15.43 9.43 -5.40
C TRP A 100 -14.73 8.08 -5.38
N PHE A 101 -15.50 7.02 -5.54
CA PHE A 101 -14.97 5.66 -5.67
C PHE A 101 -14.11 5.30 -4.45
N LEU A 102 -14.74 5.40 -3.29
CA LEU A 102 -14.05 5.23 -2.02
C LEU A 102 -13.70 3.76 -1.80
N GLY A 103 -12.50 3.54 -1.27
CA GLY A 103 -11.99 2.20 -1.03
C GLY A 103 -11.30 1.57 -2.22
N GLY A 104 -11.49 2.13 -3.41
CA GLY A 104 -10.84 1.59 -4.58
C GLY A 104 -9.36 1.88 -4.60
N GLU A 105 -8.61 1.00 -5.25
CA GLU A 105 -7.18 1.20 -5.47
C GLU A 105 -6.86 0.99 -6.93
N LEU A 106 -5.90 1.75 -7.43
CA LEU A 106 -5.49 1.68 -8.83
C LEU A 106 -4.17 2.43 -8.96
N ASN A 107 -3.59 2.38 -10.16
CA ASN A 107 -2.38 3.11 -10.48
C ASN A 107 -2.54 3.79 -11.82
N ALA A 108 -2.22 5.08 -11.88
CA ALA A 108 -2.43 5.83 -13.12
C ALA A 108 -1.54 5.32 -14.24
N SER A 109 -0.26 5.04 -13.94
CA SER A 109 0.65 4.62 -15.00
C SER A 109 0.28 3.26 -15.56
N TYR A 110 -0.32 2.39 -14.74
CA TYR A 110 -0.80 1.12 -15.27
C TYR A 110 -1.92 1.33 -16.27
N ASN A 111 -2.87 2.20 -15.96
CA ASN A 111 -4.00 2.42 -16.85
C ASN A 111 -3.60 3.18 -18.10
N CYS A 112 -2.56 4.00 -18.01
CA CYS A 112 -2.09 4.75 -19.17
C CYS A 112 -1.06 4.01 -20.01
N VAL A 113 -0.35 3.05 -19.43
CA VAL A 113 0.77 2.42 -20.12
C VAL A 113 0.64 0.90 -20.13
N ASP A 114 0.70 0.28 -18.95
CA ASP A 114 0.93 -1.16 -18.87
C ASP A 114 -0.11 -1.95 -19.66
N ARG A 115 -1.39 -1.72 -19.38
CA ARG A 115 -2.43 -2.56 -19.98
C ARG A 115 -2.42 -2.46 -21.49
N HIS A 116 -2.16 -1.27 -22.03
CA HIS A 116 -2.07 -1.11 -23.47
C HIS A 116 -0.84 -1.81 -24.04
N ALA A 117 0.28 -1.75 -23.33
CA ALA A 117 1.48 -2.45 -23.79
C ALA A 117 1.24 -3.95 -23.86
N PHE A 118 0.55 -4.51 -22.85
CA PHE A 118 0.24 -5.93 -22.88
C PHE A 118 -0.68 -6.27 -24.06
N ALA A 119 -1.64 -5.39 -24.35
CA ALA A 119 -2.52 -5.65 -25.49
C ALA A 119 -1.73 -5.73 -26.79
N ASN A 120 -0.94 -4.70 -27.07
CA ASN A 120 -0.11 -4.66 -28.28
C ASN A 120 1.06 -3.74 -27.98
N PRO A 121 2.22 -4.29 -27.60
CA PRO A 121 3.34 -3.43 -27.20
C PRO A 121 3.87 -2.57 -28.32
N ASP A 122 3.57 -2.90 -29.58
CA ASP A 122 4.07 -2.14 -30.72
C ASP A 122 3.12 -1.04 -31.17
N LYS A 123 1.99 -0.87 -30.49
CA LYS A 123 1.08 0.23 -30.81
C LYS A 123 1.75 1.56 -30.47
N PRO A 124 1.66 2.56 -31.35
CA PRO A 124 2.22 3.87 -31.01
C PRO A 124 1.51 4.49 -29.81
N ALA A 125 2.29 5.08 -28.91
CA ALA A 125 1.76 5.80 -27.76
C ALA A 125 2.09 7.29 -27.82
N LEU A 126 3.37 7.64 -27.91
CA LEU A 126 3.80 9.04 -27.94
C LEU A 126 4.41 9.33 -29.31
N ILE A 127 3.71 10.11 -30.12
CA ILE A 127 4.23 10.59 -31.40
C ILE A 127 4.88 11.94 -31.09
N CYS A 128 6.19 11.94 -30.92
CA CYS A 128 6.92 13.12 -30.49
C CYS A 128 7.45 13.88 -31.69
N GLU A 129 6.97 15.10 -31.87
CA GLU A 129 7.48 16.04 -32.86
C GLU A 129 8.31 17.09 -32.11
N ALA A 130 9.62 17.08 -32.34
CA ALA A 130 10.50 18.00 -31.65
C ALA A 130 10.43 19.39 -32.26
N ASP A 131 11.08 20.35 -31.59
CA ASP A 131 11.14 21.70 -32.11
C ASP A 131 11.58 21.70 -33.57
N ASP A 132 12.63 20.94 -33.88
CA ASP A 132 13.06 20.71 -35.24
C ASP A 132 12.74 19.26 -35.59
N GLU A 133 12.10 19.05 -36.75
CA GLU A 133 11.52 17.75 -37.05
C GLU A 133 12.58 16.65 -37.15
N LYS A 134 13.84 17.00 -37.39
CA LYS A 134 14.87 15.97 -37.49
C LYS A 134 14.98 15.17 -36.20
N ASP A 135 14.71 15.80 -35.06
CA ASP A 135 14.78 15.15 -33.77
C ASP A 135 13.48 14.44 -33.38
N SER A 136 12.48 14.43 -34.25
CA SER A 136 11.22 13.78 -33.94
C SER A 136 11.39 12.26 -33.89
N HIS A 137 10.52 11.60 -33.13
CA HIS A 137 10.55 10.16 -32.98
C HIS A 137 9.20 9.69 -32.44
N ILE A 138 9.02 8.37 -32.42
CA ILE A 138 7.77 7.75 -31.99
C ILE A 138 8.09 6.65 -30.98
N LEU A 139 7.36 6.63 -29.88
CA LEU A 139 7.45 5.59 -28.86
C LEU A 139 6.21 4.71 -28.88
N THR A 140 6.42 3.41 -28.83
CA THR A 140 5.31 2.46 -28.68
C THR A 140 5.01 2.27 -27.20
N TYR A 141 3.83 1.69 -26.93
CA TYR A 141 3.45 1.48 -25.54
C TYR A 141 4.46 0.60 -24.81
N GLY A 142 5.05 -0.36 -25.52
CA GLY A 142 6.14 -1.12 -24.93
C GLY A 142 7.34 -0.25 -24.61
N ASP A 143 7.71 0.64 -25.54
CA ASP A 143 8.79 1.58 -25.27
C ASP A 143 8.47 2.44 -24.07
N LEU A 144 7.24 2.97 -24.01
CA LEU A 144 6.85 3.84 -22.90
C LEU A 144 6.88 3.10 -21.58
N LEU A 145 6.45 1.83 -21.57
CA LEU A 145 6.50 1.05 -20.33
C LEU A 145 7.94 0.91 -19.84
N ARG A 146 8.86 0.58 -20.76
CA ARG A 146 10.25 0.37 -20.34
C ARG A 146 10.87 1.66 -19.85
N GLU A 147 10.66 2.78 -20.56
CA GLU A 147 11.23 4.04 -20.13
C GLU A 147 10.62 4.49 -18.81
N VAL A 148 9.30 4.38 -18.66
CA VAL A 148 8.65 4.75 -17.41
C VAL A 148 9.18 3.90 -16.27
N SER A 149 9.33 2.59 -16.50
CA SER A 149 9.84 1.71 -15.46
C SER A 149 11.26 2.08 -15.06
N LYS A 150 12.10 2.42 -16.03
CA LYS A 150 13.49 2.73 -15.72
C LYS A 150 13.60 4.01 -14.92
N VAL A 151 12.88 5.06 -15.33
CA VAL A 151 12.91 6.31 -14.57
C VAL A 151 12.35 6.08 -13.17
N ALA A 152 11.28 5.31 -13.06
CA ALA A 152 10.72 5.03 -11.75
C ALA A 152 11.68 4.21 -10.89
N GLY A 153 12.46 3.33 -11.50
CA GLY A 153 13.47 2.60 -10.75
C GLY A 153 14.56 3.51 -10.23
N VAL A 154 14.98 4.48 -11.04
CA VAL A 154 15.91 5.50 -10.57
C VAL A 154 15.31 6.23 -9.37
N LEU A 155 14.07 6.68 -9.51
CA LEU A 155 13.43 7.46 -8.45
C LEU A 155 13.22 6.61 -7.19
N GLN A 156 12.86 5.33 -7.36
CA GLN A 156 12.64 4.48 -6.21
C GLN A 156 13.94 4.26 -5.45
N SER A 157 15.06 4.10 -6.16
CA SER A 157 16.35 3.95 -5.50
C SER A 157 16.71 5.21 -4.72
N TRP A 158 16.22 6.37 -5.17
CA TRP A 158 16.49 7.63 -4.49
C TRP A 158 15.63 7.83 -3.25
N GLY A 159 14.70 6.94 -2.97
CA GLY A 159 13.83 7.05 -1.81
C GLY A 159 12.48 7.67 -2.07
N ILE A 160 12.19 8.07 -3.31
CA ILE A 160 10.87 8.57 -3.62
C ILE A 160 9.85 7.47 -3.37
N LYS A 161 8.79 7.80 -2.65
CA LYS A 161 7.79 6.82 -2.25
C LYS A 161 6.43 7.49 -2.24
N LYS A 162 5.40 6.67 -2.03
CA LYS A 162 4.04 7.18 -1.97
C LYS A 162 3.94 8.30 -0.95
N GLY A 163 3.28 9.38 -1.33
CA GLY A 163 3.13 10.55 -0.48
C GLY A 163 4.14 11.64 -0.73
N ASP A 164 5.14 11.40 -1.55
CA ASP A 164 6.13 12.42 -1.89
C ASP A 164 5.66 13.24 -3.08
N THR A 165 6.31 14.38 -3.29
CA THR A 165 6.09 15.21 -4.46
C THR A 165 7.39 15.32 -5.25
N VAL A 166 7.27 15.20 -6.56
CA VAL A 166 8.41 15.28 -7.47
C VAL A 166 8.13 16.40 -8.46
N ALA A 167 9.06 17.33 -8.57
CA ALA A 167 8.90 18.47 -9.47
C ALA A 167 9.42 18.13 -10.85
N VAL A 168 8.72 18.62 -11.88
CA VAL A 168 9.11 18.46 -13.26
C VAL A 168 9.24 19.85 -13.89
N TYR A 169 10.39 20.11 -14.49
CA TYR A 169 10.66 21.35 -15.23
C TYR A 169 11.22 20.95 -16.59
N LEU A 170 10.34 20.61 -17.52
CA LEU A 170 10.71 20.11 -18.83
C LEU A 170 9.84 20.75 -19.90
N PRO A 171 10.36 20.85 -21.13
CA PRO A 171 9.50 21.29 -22.24
C PRO A 171 8.52 20.20 -22.65
N MET A 172 7.74 20.44 -23.71
CA MET A 172 6.72 19.48 -24.15
C MET A 172 7.38 18.47 -25.06
N ASN A 173 7.79 17.34 -24.49
CA ASN A 173 8.42 16.27 -25.25
C ASN A 173 8.27 14.97 -24.46
N ALA A 174 8.88 13.91 -24.99
CA ALA A 174 8.70 12.59 -24.40
C ALA A 174 9.10 12.56 -22.93
N GLN A 175 10.20 13.23 -22.57
CA GLN A 175 10.72 13.11 -21.23
C GLN A 175 9.76 13.68 -20.19
N ALA A 176 9.00 14.73 -20.55
CA ALA A 176 8.01 15.26 -19.63
C ALA A 176 6.94 14.22 -19.35
N ILE A 177 6.45 13.55 -20.40
CA ILE A 177 5.44 12.51 -20.22
C ILE A 177 6.01 11.37 -19.38
N ILE A 178 7.24 10.94 -19.70
CA ILE A 178 7.85 9.83 -18.98
C ILE A 178 8.06 10.20 -17.52
N ALA A 179 8.52 11.42 -17.25
CA ALA A 179 8.74 11.85 -15.88
C ALA A 179 7.45 11.82 -15.09
N MET A 180 6.37 12.36 -15.67
CA MET A 180 5.08 12.38 -14.98
C MET A 180 4.60 10.97 -14.67
N LEU A 181 4.68 10.07 -15.67
CA LEU A 181 4.17 8.72 -15.48
C LEU A 181 5.06 7.91 -14.53
N ALA A 182 6.37 8.18 -14.53
CA ALA A 182 7.25 7.49 -13.58
C ALA A 182 6.93 7.91 -12.15
N ILE A 183 6.73 9.21 -11.92
CA ILE A 183 6.34 9.68 -10.60
C ILE A 183 5.03 9.04 -10.18
N ALA A 184 4.05 9.01 -11.08
CA ALA A 184 2.76 8.40 -10.77
C ALA A 184 2.90 6.91 -10.48
N ARG A 185 3.80 6.23 -11.19
CA ARG A 185 3.95 4.79 -11.01
C ARG A 185 4.30 4.44 -9.57
N LEU A 186 5.09 5.29 -8.92
CA LEU A 186 5.54 5.05 -7.56
C LEU A 186 4.54 5.51 -6.50
N GLY A 187 3.40 6.07 -6.91
CA GLY A 187 2.43 6.58 -5.97
C GLY A 187 2.67 8.00 -5.52
N ALA A 188 3.76 8.62 -5.98
CA ALA A 188 4.03 10.02 -5.67
C ALA A 188 3.19 10.92 -6.57
N ALA A 189 3.17 12.21 -6.21
CA ALA A 189 2.45 13.23 -6.96
C ALA A 189 3.46 14.10 -7.71
N HIS A 190 3.26 14.24 -9.01
CA HIS A 190 4.14 15.08 -9.81
C HIS A 190 3.60 16.49 -9.87
N SER A 191 4.50 17.46 -9.78
CA SER A 191 4.16 18.88 -9.92
C SER A 191 4.93 19.41 -11.11
N VAL A 192 4.20 19.66 -12.21
CA VAL A 192 4.80 20.10 -13.45
C VAL A 192 4.84 21.63 -13.46
N ILE A 193 6.02 22.17 -13.76
CA ILE A 193 6.22 23.61 -13.85
C ILE A 193 6.47 23.93 -15.31
N PHE A 194 5.67 24.84 -15.86
CA PHE A 194 5.86 25.26 -17.25
C PHE A 194 7.29 25.74 -17.45
N ALA A 195 7.92 25.25 -18.52
CA ALA A 195 9.33 25.48 -18.73
C ALA A 195 9.68 26.96 -18.81
N GLY A 196 8.72 27.82 -19.14
CA GLY A 196 8.99 29.24 -19.23
C GLY A 196 9.06 29.97 -17.90
N PHE A 197 8.67 29.32 -16.80
CA PHE A 197 8.62 30.02 -15.53
C PHE A 197 10.01 30.43 -15.07
N SER A 198 10.06 31.54 -14.34
CA SER A 198 11.31 32.09 -13.86
C SER A 198 11.88 31.23 -12.74
N ALA A 199 13.16 31.49 -12.41
CA ALA A 199 13.79 30.76 -11.31
C ALA A 199 13.04 31.01 -10.00
N GLY A 200 12.61 32.25 -9.77
CA GLY A 200 11.84 32.54 -8.57
C GLY A 200 10.53 31.78 -8.54
N SER A 201 9.87 31.65 -9.69
CA SER A 201 8.65 30.87 -9.79
C SER A 201 8.92 29.41 -9.44
N ILE A 202 9.98 28.84 -10.01
CA ILE A 202 10.37 27.47 -9.66
C ILE A 202 10.57 27.35 -8.16
N LYS A 203 11.30 28.31 -7.57
CA LYS A 203 11.56 28.30 -6.14
C LYS A 203 10.27 28.23 -5.33
N ASP A 204 9.34 29.13 -5.62
CA ASP A 204 8.11 29.19 -4.82
C ASP A 204 7.34 27.88 -4.91
N ARG A 205 7.20 27.32 -6.10
CA ARG A 205 6.42 26.10 -6.27
C ARG A 205 7.10 24.90 -5.60
N VAL A 206 8.40 24.74 -5.82
CA VAL A 206 9.11 23.61 -5.22
C VAL A 206 9.03 23.68 -3.71
N ASN A 207 9.21 24.88 -3.14
CA ASN A 207 9.22 25.01 -1.68
C ASN A 207 7.82 24.80 -1.11
N ASP A 208 6.78 25.25 -1.83
CA ASP A 208 5.42 25.03 -1.36
C ASP A 208 5.12 23.54 -1.25
N ALA A 209 5.50 22.78 -2.29
CA ALA A 209 5.27 21.35 -2.30
C ALA A 209 6.31 20.57 -1.50
N SER A 210 7.45 21.17 -1.18
CA SER A 210 8.54 20.48 -0.49
C SER A 210 8.96 19.23 -1.28
N CYS A 211 9.17 19.42 -2.57
CA CYS A 211 9.54 18.31 -3.44
C CYS A 211 10.88 17.71 -3.01
N LYS A 212 10.96 16.38 -3.04
CA LYS A 212 12.20 15.68 -2.73
C LYS A 212 13.11 15.55 -3.93
N ALA A 213 12.58 15.69 -5.14
CA ALA A 213 13.39 15.51 -6.33
C ALA A 213 12.84 16.37 -7.46
N LEU A 214 13.68 16.61 -8.45
CA LEU A 214 13.34 17.45 -9.60
C LEU A 214 13.85 16.77 -10.86
N ILE A 215 13.02 16.78 -11.90
CA ILE A 215 13.39 16.24 -13.20
C ILE A 215 13.39 17.38 -14.21
N THR A 216 14.49 17.53 -14.94
CA THR A 216 14.67 18.65 -15.86
C THR A 216 15.66 18.21 -16.94
N CYS A 217 16.09 19.16 -17.76
CA CYS A 217 17.05 18.89 -18.82
C CYS A 217 18.07 20.02 -18.88
N ASP A 218 19.18 19.75 -19.57
CA ASP A 218 20.27 20.72 -19.65
C ASP A 218 19.82 21.99 -20.35
N GLU A 219 19.27 21.85 -21.55
CA GLU A 219 18.82 23.01 -22.32
C GLU A 219 17.58 22.62 -23.12
N GLY A 220 16.81 23.62 -23.53
CA GLY A 220 15.68 23.40 -24.38
C GLY A 220 15.84 24.04 -25.74
N LYS A 221 15.05 23.59 -26.72
CA LYS A 221 15.02 24.18 -28.05
C LYS A 221 13.59 24.52 -28.40
N ARG A 222 13.33 25.80 -28.68
CA ARG A 222 11.99 26.27 -29.00
C ARG A 222 12.11 27.29 -30.13
N GLY A 223 11.34 27.09 -31.20
CA GLY A 223 11.38 28.01 -32.31
C GLY A 223 12.75 28.19 -32.90
N GLY A 224 13.63 27.21 -32.75
CA GLY A 224 14.98 27.28 -33.28
C GLY A 224 16.02 27.88 -32.35
N ARG A 225 15.63 28.38 -31.18
CA ARG A 225 16.55 29.03 -30.26
C ARG A 225 16.76 28.15 -29.03
N THR A 226 17.99 28.13 -28.53
CA THR A 226 18.30 27.39 -27.31
C THR A 226 17.87 28.19 -26.08
N THR A 227 17.34 27.48 -25.09
CA THR A 227 16.80 28.09 -23.88
C THR A 227 17.46 27.47 -22.66
N ASN A 228 17.63 28.29 -21.63
CA ASN A 228 18.32 27.88 -20.41
C ASN A 228 17.32 27.20 -19.47
N ILE A 229 17.54 25.92 -19.21
CA ILE A 229 16.69 25.13 -18.30
C ILE A 229 17.44 24.78 -17.03
N LYS A 230 18.52 24.00 -17.15
CA LYS A 230 19.28 23.60 -15.96
C LYS A 230 19.83 24.82 -15.25
N LYS A 231 20.11 25.90 -15.99
CA LYS A 231 20.60 27.13 -15.39
C LYS A 231 19.60 27.69 -14.40
N LEU A 232 18.35 27.85 -14.82
CA LEU A 232 17.32 28.38 -13.94
C LEU A 232 17.06 27.45 -12.77
N CYS A 233 17.11 26.14 -13.00
CA CYS A 233 16.92 25.19 -11.90
C CYS A 233 17.99 25.36 -10.84
N ASP A 234 19.25 25.45 -11.25
CA ASP A 234 20.32 25.67 -10.28
C ASP A 234 20.09 26.95 -9.50
N GLU A 235 19.71 28.03 -10.20
CA GLU A 235 19.47 29.30 -9.52
C GLU A 235 18.34 29.18 -8.50
N ALA A 236 17.33 28.36 -8.80
CA ALA A 236 16.25 28.15 -7.83
C ALA A 236 16.69 27.23 -6.70
N LEU A 237 17.35 26.12 -7.03
CA LEU A 237 17.62 25.08 -6.04
C LEU A 237 18.53 25.56 -4.92
N VAL A 238 19.27 26.65 -5.11
CA VAL A 238 20.07 27.17 -4.01
C VAL A 238 19.19 27.54 -2.82
N ASP A 239 17.89 27.73 -3.04
CA ASP A 239 16.96 28.12 -2.00
C ASP A 239 15.88 27.05 -1.76
N CYS A 240 16.10 25.82 -2.23
CA CYS A 240 15.14 24.73 -2.10
C CYS A 240 15.79 23.57 -1.36
N PRO A 241 15.84 23.62 -0.02
CA PRO A 241 16.54 22.57 0.73
C PRO A 241 15.89 21.20 0.64
N THR A 242 14.61 21.11 0.27
CA THR A 242 13.94 19.81 0.26
C THR A 242 14.39 18.92 -0.88
N VAL A 243 14.93 19.50 -1.96
CA VAL A 243 15.30 18.74 -3.15
C VAL A 243 16.58 17.98 -2.86
N GLU A 244 16.48 16.65 -2.75
CA GLU A 244 17.66 15.84 -2.45
C GLU A 244 18.45 15.52 -3.72
N LYS A 245 17.76 15.26 -4.83
CA LYS A 245 18.43 14.85 -6.05
C LYS A 245 17.68 15.38 -7.27
N VAL A 246 18.42 15.58 -8.36
CA VAL A 246 17.88 16.09 -9.61
C VAL A 246 18.26 15.12 -10.72
N LEU A 247 17.30 14.86 -11.60
CA LEU A 247 17.54 14.04 -12.79
C LEU A 247 17.57 14.96 -14.01
N VAL A 248 18.67 14.92 -14.75
CA VAL A 248 18.92 15.84 -15.86
C VAL A 248 18.96 15.03 -17.15
N TYR A 249 18.14 15.43 -18.11
CA TYR A 249 18.12 14.81 -19.43
C TYR A 249 18.99 15.63 -20.38
N LYS A 250 19.76 14.92 -21.22
CA LYS A 250 20.65 15.57 -22.17
C LYS A 250 19.85 15.91 -23.43
N ARG A 251 19.05 16.97 -23.33
CA ARG A 251 18.28 17.40 -24.49
C ARG A 251 19.19 17.92 -25.60
N THR A 252 20.19 18.72 -25.25
CA THR A 252 21.18 19.20 -26.19
C THR A 252 22.56 18.62 -25.95
N ASN A 253 22.78 17.97 -24.81
CA ASN A 253 24.09 17.39 -24.46
C ASN A 253 25.19 18.43 -24.58
N ASN A 254 24.91 19.64 -24.08
CA ASN A 254 25.91 20.69 -24.05
C ASN A 254 26.90 20.41 -22.92
N PRO A 255 28.17 20.16 -23.22
CA PRO A 255 29.12 19.83 -22.12
C PRO A 255 29.30 20.95 -21.12
N GLU A 256 29.05 22.21 -21.52
CA GLU A 256 29.28 23.34 -20.63
C GLU A 256 28.23 23.47 -19.52
N ILE A 257 27.15 22.70 -19.58
CA ILE A 257 26.14 22.75 -18.52
C ILE A 257 26.66 21.99 -17.31
N HIS A 258 26.60 22.61 -16.14
CA HIS A 258 27.26 22.11 -14.95
C HIS A 258 26.26 21.36 -14.07
N LEU A 259 26.67 20.18 -13.60
CA LEU A 259 25.86 19.39 -12.67
C LEU A 259 26.52 19.44 -11.29
N THR A 260 25.70 19.71 -10.28
CA THR A 260 26.18 19.76 -8.91
C THR A 260 26.45 18.35 -8.42
N GLU A 261 27.71 18.05 -8.11
CA GLU A 261 28.08 16.72 -7.68
C GLU A 261 27.34 16.35 -6.40
N GLY A 262 26.81 15.13 -6.35
CA GLY A 262 26.06 14.67 -5.21
C GLY A 262 24.60 15.04 -5.21
N ARG A 263 24.16 15.87 -6.15
CA ARG A 263 22.76 16.23 -6.31
C ARG A 263 22.24 15.96 -7.71
N ASP A 264 23.02 16.28 -8.75
CA ASP A 264 22.57 16.18 -10.12
C ASP A 264 23.11 14.91 -10.74
N TYR A 265 22.23 14.18 -11.43
CA TYR A 265 22.59 12.93 -12.08
C TYR A 265 21.92 12.90 -13.45
N TYR A 266 22.54 12.16 -14.38
CA TYR A 266 22.12 12.15 -15.77
C TYR A 266 21.04 11.11 -16.03
N TRP A 267 20.02 11.51 -16.80
CA TRP A 267 18.90 10.64 -17.12
C TRP A 267 19.39 9.33 -17.74
N ASP A 268 20.18 9.42 -18.81
CA ASP A 268 20.63 8.21 -19.51
C ASP A 268 21.49 7.33 -18.60
N VAL A 269 22.42 7.95 -17.87
CA VAL A 269 23.34 7.17 -17.04
C VAL A 269 22.59 6.41 -15.97
N GLU A 270 21.63 7.07 -15.30
CA GLU A 270 20.94 6.43 -14.19
C GLU A 270 19.94 5.39 -14.68
N THR A 271 19.15 5.72 -15.71
CA THR A 271 18.17 4.77 -16.20
C THR A 271 18.83 3.51 -16.76
N ALA A 272 20.08 3.63 -17.21
CA ALA A 272 20.80 2.47 -17.71
C ALA A 272 21.01 1.41 -16.63
N LYS A 273 20.96 1.80 -15.36
CA LYS A 273 21.20 0.86 -14.28
C LYS A 273 19.99 -0.03 -13.98
N PHE A 274 18.80 0.34 -14.45
CA PHE A 274 17.60 -0.31 -13.95
C PHE A 274 16.81 -0.97 -15.07
N PRO A 275 16.03 -2.01 -14.75
CA PRO A 275 15.37 -2.80 -15.79
C PRO A 275 14.12 -2.13 -16.34
N GLY A 276 13.67 -2.66 -17.47
CA GLY A 276 12.54 -2.15 -18.22
C GLY A 276 11.17 -2.49 -17.67
N TYR A 277 11.09 -3.15 -16.52
CA TYR A 277 9.82 -3.31 -15.84
C TYR A 277 9.98 -3.07 -14.34
N LEU A 278 9.06 -2.28 -13.79
CA LEU A 278 9.00 -2.01 -12.36
C LEU A 278 7.54 -2.15 -11.94
N PRO A 279 7.23 -2.92 -10.90
CA PRO A 279 5.84 -3.03 -10.46
C PRO A 279 5.26 -1.67 -10.14
N PRO A 280 4.03 -1.39 -10.59
CA PRO A 280 3.38 -0.15 -10.17
C PRO A 280 2.96 -0.22 -8.71
N VAL A 281 2.80 0.95 -8.12
CA VAL A 281 2.40 1.08 -6.73
C VAL A 281 0.92 1.40 -6.69
N SER A 282 0.16 0.58 -5.95
CA SER A 282 -1.26 0.85 -5.81
C SER A 282 -1.47 2.05 -4.90
N VAL A 283 -2.49 2.86 -5.23
CA VAL A 283 -2.85 4.03 -4.43
C VAL A 283 -4.37 4.07 -4.32
N ASN A 284 -4.84 4.71 -3.26
CA ASN A 284 -6.27 4.87 -3.06
C ASN A 284 -6.83 5.87 -4.07
N SER A 285 -8.12 5.72 -4.37
CA SER A 285 -8.77 6.61 -5.34
C SER A 285 -8.45 8.07 -5.05
N GLU A 286 -8.52 8.47 -3.78
CA GLU A 286 -8.38 9.87 -3.39
C GLU A 286 -6.97 10.25 -2.99
N ASP A 287 -6.00 9.35 -3.14
CA ASP A 287 -4.61 9.76 -2.99
C ASP A 287 -4.24 10.72 -4.12
N PRO A 288 -3.46 11.77 -3.85
CA PRO A 288 -3.27 12.82 -4.86
C PRO A 288 -2.41 12.32 -6.03
N LEU A 289 -2.90 12.54 -7.23
CA LEU A 289 -2.15 12.17 -8.43
C LEU A 289 -1.12 13.22 -8.80
N PHE A 290 -1.47 14.50 -8.70
CA PHE A 290 -0.56 15.55 -9.10
C PHE A 290 -0.97 16.88 -8.48
N LEU A 291 0.02 17.76 -8.30
CA LEU A 291 -0.18 19.16 -7.98
C LEU A 291 0.04 20.00 -9.22
N LEU A 292 -0.85 20.96 -9.46
CA LEU A 292 -0.70 21.92 -10.56
C LEU A 292 -0.93 23.32 -10.02
N TYR A 293 0.11 24.16 -10.03
CA TYR A 293 0.04 25.49 -9.45
C TYR A 293 -0.56 26.48 -10.43
N THR A 294 -1.55 27.25 -9.96
CA THR A 294 -2.27 28.23 -10.77
C THR A 294 -2.26 29.57 -10.07
N SER A 295 -1.98 30.64 -10.83
CA SER A 295 -2.05 31.99 -10.29
C SER A 295 -3.50 32.39 -9.97
N GLY A 296 -3.74 32.82 -8.74
CA GLY A 296 -5.06 33.18 -8.28
C GLY A 296 -5.10 34.64 -7.85
N SER A 297 -6.28 35.07 -7.42
CA SER A 297 -6.46 36.44 -6.97
C SER A 297 -5.90 36.66 -5.58
N THR A 298 -4.64 36.27 -5.37
CA THR A 298 -3.98 36.39 -4.08
C THR A 298 -2.61 37.05 -4.16
N GLY A 299 -1.85 36.77 -5.22
CA GLY A 299 -0.47 37.19 -5.34
C GLY A 299 0.52 36.07 -5.19
N THR A 300 0.12 34.95 -4.59
CA THR A 300 0.91 33.74 -4.51
C THR A 300 0.22 32.65 -5.33
N PRO A 301 0.97 31.87 -6.11
CA PRO A 301 0.34 30.75 -6.82
C PRO A 301 -0.03 29.63 -5.85
N LYS A 302 -1.13 28.96 -6.17
CA LYS A 302 -1.72 27.93 -5.33
C LYS A 302 -1.68 26.59 -6.05
N GLY A 303 -1.31 25.55 -5.31
CA GLY A 303 -1.21 24.22 -5.88
C GLY A 303 -2.52 23.45 -5.84
N VAL A 304 -3.16 23.34 -6.99
CA VAL A 304 -4.42 22.62 -7.12
C VAL A 304 -4.12 21.12 -7.08
N VAL A 305 -4.75 20.41 -6.14
CA VAL A 305 -4.53 18.99 -5.95
C VAL A 305 -5.68 18.23 -6.59
N HIS A 306 -5.36 17.22 -7.40
CA HIS A 306 -6.33 16.38 -8.07
C HIS A 306 -6.16 14.95 -7.61
N SER A 307 -7.27 14.30 -7.25
CA SER A 307 -7.26 12.91 -6.86
C SER A 307 -6.81 12.03 -8.02
N THR A 308 -6.79 10.71 -7.81
CA THR A 308 -6.36 9.78 -8.85
C THR A 308 -7.53 9.22 -9.64
N ALA A 309 -8.42 8.47 -8.98
CA ALA A 309 -9.49 7.80 -9.70
C ALA A 309 -10.44 8.80 -10.35
N GLY A 310 -10.91 9.79 -9.59
CA GLY A 310 -11.87 10.73 -10.13
C GLY A 310 -11.32 11.50 -11.32
N TYR A 311 -10.08 12.00 -11.21
CA TYR A 311 -9.49 12.74 -12.32
C TYR A 311 -9.35 11.85 -13.55
N LEU A 312 -8.84 10.63 -13.37
CA LEU A 312 -8.63 9.74 -14.51
C LEU A 312 -9.95 9.42 -15.20
N LEU A 313 -10.99 9.13 -14.41
CA LEU A 313 -12.29 8.84 -15.02
C LEU A 313 -12.79 10.04 -15.83
N GLY A 314 -12.68 11.25 -15.26
CA GLY A 314 -13.07 12.43 -15.99
C GLY A 314 -12.29 12.61 -17.29
N ALA A 315 -10.99 12.36 -17.25
CA ALA A 315 -10.17 12.50 -18.45
C ALA A 315 -10.62 11.54 -19.54
N ALA A 316 -10.69 10.25 -19.21
CA ALA A 316 -11.08 9.26 -20.20
C ALA A 316 -12.51 9.50 -20.69
N LEU A 317 -13.41 9.83 -19.77
CA LEU A 317 -14.81 10.00 -20.13
C LEU A 317 -15.00 11.17 -21.09
N SER A 318 -14.43 12.33 -20.74
CA SER A 318 -14.56 13.50 -21.60
C SER A 318 -13.85 13.26 -22.94
N THR A 319 -12.65 12.69 -22.90
CA THR A 319 -11.92 12.43 -24.14
C THR A 319 -12.71 11.50 -25.06
N LYS A 320 -13.38 10.51 -24.47
CA LYS A 320 -14.13 9.54 -25.28
C LYS A 320 -15.36 10.16 -25.91
N TYR A 321 -16.15 10.90 -25.13
CA TYR A 321 -17.48 11.31 -25.58
C TYR A 321 -17.48 12.70 -26.23
N ILE A 322 -16.85 13.69 -25.61
CA ILE A 322 -16.87 15.03 -26.17
C ILE A 322 -16.08 15.08 -27.48
N PHE A 323 -14.95 14.37 -27.54
CA PHE A 323 -14.14 14.33 -28.74
C PHE A 323 -14.45 13.14 -29.64
N ASP A 324 -15.26 12.19 -29.18
CA ASP A 324 -15.58 10.99 -29.96
C ASP A 324 -14.30 10.26 -30.37
N ILE A 325 -13.52 9.88 -29.37
CA ILE A 325 -12.27 9.17 -29.58
C ILE A 325 -12.55 7.68 -29.69
N HIS A 326 -11.99 7.06 -30.72
CA HIS A 326 -12.04 5.62 -30.95
C HIS A 326 -10.62 5.07 -30.99
N PRO A 327 -10.45 3.76 -30.80
CA PRO A 327 -9.09 3.19 -30.77
C PRO A 327 -8.27 3.51 -32.00
N GLU A 328 -8.90 3.61 -33.17
CA GLU A 328 -8.17 3.88 -34.40
C GLU A 328 -7.68 5.33 -34.48
N ASP A 329 -8.16 6.20 -33.61
CA ASP A 329 -7.95 7.63 -33.75
C ASP A 329 -6.57 8.06 -33.24
N ILE A 330 -6.17 9.26 -33.65
CA ILE A 330 -4.94 9.90 -33.21
C ILE A 330 -5.28 11.32 -32.80
N LEU A 331 -4.87 11.71 -31.59
CA LEU A 331 -5.20 13.01 -31.04
C LEU A 331 -3.97 13.91 -31.03
N PHE A 332 -4.18 15.18 -31.37
CA PHE A 332 -3.13 16.20 -31.37
C PHE A 332 -3.61 17.36 -30.52
N THR A 333 -3.17 17.42 -29.27
CA THR A 333 -3.48 18.52 -28.36
C THR A 333 -2.29 19.46 -28.34
N ALA A 334 -2.46 20.66 -28.90
CA ALA A 334 -1.39 21.64 -29.00
C ALA A 334 -1.29 22.45 -27.71
N GLY A 335 -1.08 21.74 -26.60
CA GLY A 335 -0.96 22.36 -25.30
C GLY A 335 0.23 21.79 -24.55
N ASP A 336 0.71 22.57 -23.58
CA ASP A 336 1.87 22.21 -22.79
C ASP A 336 1.45 21.54 -21.49
N VAL A 337 2.23 20.56 -21.05
CA VAL A 337 1.91 19.85 -19.81
C VAL A 337 1.94 20.80 -18.62
N GLY A 338 2.60 21.95 -18.74
CA GLY A 338 2.51 22.94 -17.69
C GLY A 338 1.10 23.50 -17.51
N TRP A 339 0.20 23.19 -18.43
CA TRP A 339 -1.18 23.65 -18.42
C TRP A 339 -2.10 22.45 -18.24
N ILE A 340 -3.23 22.66 -17.54
CA ILE A 340 -4.13 21.55 -17.27
C ILE A 340 -4.54 20.86 -18.57
N THR A 341 -4.57 21.60 -19.68
CA THR A 341 -4.91 20.99 -20.97
C THR A 341 -3.93 19.88 -21.30
N GLY A 342 -2.63 20.13 -21.12
CA GLY A 342 -1.64 19.09 -21.37
C GLY A 342 -1.85 17.87 -20.49
N HIS A 343 -2.09 18.09 -19.20
CA HIS A 343 -2.32 16.96 -18.30
C HIS A 343 -3.45 16.09 -18.79
N THR A 344 -4.64 16.66 -18.93
CA THR A 344 -5.84 15.86 -19.16
C THR A 344 -5.92 15.34 -20.58
N TYR A 345 -5.66 16.20 -21.57
CA TYR A 345 -5.98 15.89 -22.95
C TYR A 345 -4.77 15.76 -23.86
N ALA A 346 -3.56 16.01 -23.37
CA ALA A 346 -2.35 15.61 -24.08
C ALA A 346 -1.76 14.32 -23.53
N LEU A 347 -1.96 14.01 -22.24
CA LEU A 347 -1.34 12.84 -21.62
C LEU A 347 -2.39 11.82 -21.17
N TYR A 348 -3.22 12.14 -20.18
CA TYR A 348 -3.97 11.11 -19.48
C TYR A 348 -5.16 10.60 -20.30
N GLY A 349 -6.03 11.50 -20.74
CA GLY A 349 -7.19 11.12 -21.52
C GLY A 349 -6.83 10.17 -22.65
N PRO A 350 -5.90 10.58 -23.52
CA PRO A 350 -5.54 9.72 -24.65
C PRO A 350 -4.91 8.41 -24.23
N LEU A 351 -3.94 8.44 -23.31
CA LEU A 351 -3.26 7.21 -22.94
C LEU A 351 -4.18 6.26 -22.18
N LEU A 352 -5.11 6.80 -21.39
CA LEU A 352 -6.12 5.95 -20.78
C LEU A 352 -6.92 5.21 -21.83
N LEU A 353 -7.33 5.91 -22.88
CA LEU A 353 -8.05 5.29 -23.99
C LEU A 353 -7.14 4.51 -24.93
N GLY A 354 -5.82 4.52 -24.69
CA GLY A 354 -4.92 3.72 -25.48
C GLY A 354 -4.64 4.22 -26.89
N VAL A 355 -4.99 5.46 -27.20
CA VAL A 355 -4.79 6.00 -28.55
C VAL A 355 -3.43 6.69 -28.59
N PRO A 356 -2.83 6.85 -29.77
CA PRO A 356 -1.60 7.65 -29.86
C PRO A 356 -1.90 9.12 -29.60
N THR A 357 -0.94 9.79 -28.98
CA THR A 357 -1.01 11.22 -28.72
C THR A 357 0.23 11.88 -29.29
N ILE A 358 0.04 13.05 -29.91
CA ILE A 358 1.13 13.79 -30.53
C ILE A 358 1.64 14.82 -29.53
N ILE A 359 2.94 14.81 -29.29
CA ILE A 359 3.59 15.69 -28.33
C ILE A 359 4.50 16.61 -29.11
N PHE A 360 4.11 17.88 -29.22
CA PHE A 360 4.82 18.85 -30.05
C PHE A 360 5.66 19.76 -29.15
N GLU A 361 6.97 19.76 -29.38
CA GLU A 361 7.89 20.57 -28.60
C GLU A 361 8.03 21.99 -29.12
N GLY A 362 7.86 22.20 -30.42
CA GLY A 362 8.13 23.47 -31.06
C GLY A 362 6.96 24.42 -31.01
N THR A 363 7.01 25.42 -31.90
CA THR A 363 6.02 26.47 -32.00
C THR A 363 5.22 26.34 -33.29
N PRO A 364 3.99 26.88 -33.32
CA PRO A 364 3.19 26.79 -34.55
C PRO A 364 3.83 27.49 -35.75
N ALA A 365 4.81 28.37 -35.53
CA ALA A 365 5.40 29.15 -36.60
C ALA A 365 6.73 28.59 -37.10
N TYR A 366 7.45 27.85 -36.26
CA TYR A 366 8.75 27.30 -36.65
C TYR A 366 8.60 25.91 -37.25
N PRO A 367 9.25 25.59 -38.37
CA PRO A 367 10.03 26.47 -39.26
C PRO A 367 9.12 27.41 -40.07
N ASP A 368 7.90 27.00 -40.35
CA ASP A 368 6.93 27.83 -41.05
C ASP A 368 5.57 27.68 -40.37
N TYR A 369 4.64 28.56 -40.74
CA TYR A 369 3.32 28.54 -40.12
C TYR A 369 2.47 27.36 -40.57
N GLY A 370 2.99 26.50 -41.43
CA GLY A 370 2.36 25.24 -41.77
C GLY A 370 2.76 24.08 -40.88
N ARG A 371 3.39 24.37 -39.73
CA ARG A 371 3.96 23.31 -38.90
C ARG A 371 2.87 22.39 -38.37
N PHE A 372 1.82 22.96 -37.76
CA PHE A 372 0.73 22.14 -37.24
C PHE A 372 0.17 21.25 -38.35
N TRP A 373 -0.12 21.85 -39.50
CA TRP A 373 -0.77 21.10 -40.58
C TRP A 373 0.18 20.06 -41.17
N GLN A 374 1.48 20.38 -41.22
CA GLN A 374 2.48 19.40 -41.60
C GLN A 374 2.43 18.18 -40.69
N ILE A 375 2.35 18.42 -39.37
CA ILE A 375 2.30 17.31 -38.42
C ILE A 375 1.04 16.49 -38.61
N VAL A 376 -0.10 17.17 -38.75
CA VAL A 376 -1.37 16.46 -38.91
C VAL A 376 -1.32 15.57 -40.15
N GLU A 377 -0.81 16.11 -41.26
CA GLU A 377 -0.68 15.31 -42.47
C GLU A 377 0.32 14.18 -42.27
N LYS A 378 1.41 14.45 -41.54
CA LYS A 378 2.47 13.45 -41.37
C LYS A 378 1.94 12.20 -40.68
N HIS A 379 1.11 12.38 -39.65
CA HIS A 379 0.63 11.26 -38.85
C HIS A 379 -0.86 11.02 -39.02
N LYS A 380 -1.51 11.68 -39.98
CA LYS A 380 -2.93 11.47 -40.27
C LYS A 380 -3.76 11.61 -38.99
N ALA A 381 -3.46 12.64 -38.21
CA ALA A 381 -4.16 12.87 -36.96
C ALA A 381 -5.65 13.05 -37.20
N THR A 382 -6.46 12.40 -36.37
CA THR A 382 -7.92 12.47 -36.50
C THR A 382 -8.54 13.56 -35.66
N HIS A 383 -7.90 13.98 -34.57
CA HIS A 383 -8.45 14.99 -33.67
C HIS A 383 -7.41 16.05 -33.38
N PHE A 384 -7.85 17.31 -33.39
CA PHE A 384 -6.97 18.46 -33.17
C PHE A 384 -7.57 19.36 -32.10
N TYR A 385 -6.75 19.73 -31.12
CA TYR A 385 -7.18 20.50 -29.95
C TYR A 385 -6.22 21.67 -29.79
N VAL A 386 -6.74 22.90 -29.84
CA VAL A 386 -5.92 24.10 -29.86
C VAL A 386 -6.66 25.24 -29.20
N ALA A 387 -5.90 26.28 -28.75
CA ALA A 387 -6.49 27.48 -28.17
C ALA A 387 -6.79 28.49 -29.27
N PRO A 388 -7.81 29.34 -29.09
CA PRO A 388 -8.12 30.32 -30.15
C PRO A 388 -6.98 31.26 -30.47
N THR A 389 -6.06 31.49 -29.53
CA THR A 389 -4.96 32.42 -29.77
C THR A 389 -4.12 31.98 -30.97
N ALA A 390 -3.72 30.70 -30.99
CA ALA A 390 -2.95 30.20 -32.12
C ALA A 390 -3.74 30.30 -33.42
N LEU A 391 -5.05 30.06 -33.36
CA LEU A 391 -5.87 30.19 -34.56
C LEU A 391 -5.85 31.61 -35.10
N ARG A 392 -5.94 32.60 -34.20
CA ARG A 392 -5.89 33.99 -34.62
C ARG A 392 -4.53 34.33 -35.21
N LEU A 393 -3.45 33.88 -34.58
CA LEU A 393 -2.12 34.17 -35.08
C LEU A 393 -1.92 33.57 -36.47
N LEU A 394 -2.33 32.31 -36.66
CA LEU A 394 -2.16 31.68 -37.96
C LEU A 394 -3.10 32.30 -38.99
N ARG A 395 -4.30 32.70 -38.56
CA ARG A 395 -5.17 33.47 -39.44
C ARG A 395 -4.45 34.72 -39.93
N LYS A 396 -3.68 35.36 -39.05
CA LYS A 396 -2.97 36.57 -39.41
C LYS A 396 -1.84 36.28 -40.40
N ALA A 397 -1.02 35.26 -40.12
CA ALA A 397 0.24 35.06 -40.82
C ALA A 397 0.31 33.79 -41.64
N GLY A 398 -0.44 32.74 -41.29
CA GLY A 398 -0.25 31.43 -41.88
C GLY A 398 -1.45 30.87 -42.62
N GLU A 399 -2.37 31.75 -43.03
CA GLU A 399 -3.57 31.30 -43.71
C GLU A 399 -3.26 30.55 -45.00
N GLN A 400 -2.31 31.06 -45.79
CA GLN A 400 -2.01 30.45 -47.08
C GLN A 400 -1.46 29.03 -46.95
N GLU A 401 -0.77 28.73 -45.84
CA GLU A 401 -0.05 27.46 -45.72
C GLU A 401 -0.97 26.26 -45.57
N ILE A 402 -2.20 26.43 -45.08
CA ILE A 402 -3.08 25.29 -44.85
C ILE A 402 -3.31 24.51 -46.13
N ALA A 403 -3.47 25.21 -47.26
CA ALA A 403 -3.86 24.54 -48.50
C ALA A 403 -2.80 23.56 -49.00
N LYS A 404 -1.54 23.74 -48.62
CA LYS A 404 -0.49 22.85 -49.13
C LYS A 404 -0.59 21.45 -48.56
N TYR A 405 -1.24 21.28 -47.41
CA TYR A 405 -1.23 20.02 -46.67
C TYR A 405 -2.57 19.32 -46.76
N ASP A 406 -2.55 18.02 -46.48
CA ASP A 406 -3.75 17.18 -46.54
C ASP A 406 -4.29 17.02 -45.11
N LEU A 407 -5.42 17.65 -44.84
CA LEU A 407 -6.04 17.63 -43.51
C LEU A 407 -7.31 16.79 -43.46
N SER A 408 -7.53 15.92 -44.46
CA SER A 408 -8.76 15.15 -44.53
C SER A 408 -8.90 14.15 -43.38
N SER A 409 -7.81 13.75 -42.73
CA SER A 409 -7.91 12.79 -41.64
C SER A 409 -8.68 13.36 -40.46
N LEU A 410 -8.68 14.68 -40.30
CA LEU A 410 -9.36 15.30 -39.18
C LEU A 410 -10.87 15.18 -39.31
N ARG A 411 -11.53 15.04 -38.16
CA ARG A 411 -13.00 15.18 -38.10
C ARG A 411 -13.48 15.92 -36.86
N THR A 412 -12.65 16.10 -35.84
CA THR A 412 -13.03 16.81 -34.64
C THR A 412 -12.00 17.90 -34.35
N LEU A 413 -12.48 19.13 -34.20
CA LEU A 413 -11.63 20.28 -33.91
C LEU A 413 -12.06 20.85 -32.57
N GLY A 414 -11.08 21.12 -31.71
CA GLY A 414 -11.35 21.56 -30.36
C GLY A 414 -10.83 22.97 -30.12
N SER A 415 -11.49 23.69 -29.21
CA SER A 415 -11.08 25.01 -28.77
C SER A 415 -11.04 25.04 -27.26
N VAL A 416 -9.99 25.64 -26.70
CA VAL A 416 -9.70 25.54 -25.27
C VAL A 416 -9.17 26.87 -24.76
N GLY A 417 -9.53 27.20 -23.52
CA GLY A 417 -8.83 28.21 -22.75
C GLY A 417 -9.39 29.61 -22.85
N GLU A 418 -10.19 29.89 -23.87
CA GLU A 418 -10.71 31.24 -24.10
C GLU A 418 -12.05 31.12 -24.81
N PRO A 419 -12.86 32.18 -24.76
CA PRO A 419 -14.04 32.22 -25.64
C PRO A 419 -13.58 32.26 -27.09
N ILE A 420 -14.28 31.51 -27.93
CA ILE A 420 -14.01 31.51 -29.36
C ILE A 420 -15.07 32.39 -30.03
N SER A 421 -14.60 33.47 -30.66
CA SER A 421 -15.54 34.37 -31.30
C SER A 421 -16.18 33.68 -32.50
N PRO A 422 -17.43 34.02 -32.83
CA PRO A 422 -18.06 33.37 -33.99
C PRO A 422 -17.26 33.54 -35.27
N ASP A 423 -16.59 34.68 -35.46
CA ASP A 423 -15.76 34.87 -36.65
C ASP A 423 -14.61 33.87 -36.67
N ILE A 424 -13.92 33.71 -35.54
CA ILE A 424 -12.86 32.70 -35.45
C ILE A 424 -13.44 31.31 -35.56
N TRP A 425 -14.65 31.11 -35.02
CA TRP A 425 -15.31 29.81 -35.15
C TRP A 425 -15.52 29.45 -36.62
N GLU A 426 -16.02 30.40 -37.41
CA GLU A 426 -16.23 30.13 -38.84
C GLU A 426 -14.90 29.93 -39.55
N TRP A 427 -13.89 30.73 -39.22
CA TRP A 427 -12.56 30.53 -39.79
C TRP A 427 -12.05 29.13 -39.47
N TYR A 428 -12.17 28.72 -38.21
CA TYR A 428 -11.77 27.37 -37.81
C TYR A 428 -12.49 26.33 -38.67
N ASN A 429 -13.81 26.46 -38.80
CA ASN A 429 -14.59 25.48 -39.54
C ASN A 429 -14.24 25.49 -41.02
N GLU A 430 -14.04 26.67 -41.61
CA GLU A 430 -13.91 26.78 -43.05
C GLU A 430 -12.54 26.35 -43.55
N PHE A 431 -11.48 26.98 -43.01
CA PHE A 431 -10.15 26.78 -43.58
C PHE A 431 -9.44 25.54 -43.02
N VAL A 432 -9.60 25.24 -41.74
CA VAL A 432 -9.01 24.03 -41.16
C VAL A 432 -9.95 22.84 -41.34
N GLY A 433 -11.19 22.99 -40.90
CA GLY A 433 -12.15 21.90 -41.00
C GLY A 433 -12.72 21.70 -42.40
N LYS A 434 -12.59 22.69 -43.27
CA LYS A 434 -13.15 22.62 -44.62
C LYS A 434 -14.67 22.45 -44.60
N ASN A 435 -15.30 22.95 -43.54
CA ASN A 435 -16.73 22.76 -43.32
C ASN A 435 -17.10 21.27 -43.41
N GLN A 436 -16.18 20.42 -42.95
CA GLN A 436 -16.41 18.98 -42.92
C GLN A 436 -16.17 18.38 -41.55
N CYS A 437 -15.81 19.18 -40.55
CA CYS A 437 -15.44 18.69 -39.23
C CYS A 437 -16.38 19.25 -38.17
N HIS A 438 -16.42 18.55 -37.04
CA HIS A 438 -17.11 19.04 -35.85
C HIS A 438 -16.18 19.95 -35.05
N ILE A 439 -16.77 20.99 -34.46
CA ILE A 439 -16.03 21.95 -33.64
C ILE A 439 -16.53 21.82 -32.20
N SER A 440 -15.60 21.62 -31.28
CA SER A 440 -15.91 21.45 -29.87
C SER A 440 -15.27 22.58 -29.09
N ASP A 441 -16.07 23.56 -28.68
CA ASP A 441 -15.62 24.66 -27.84
C ASP A 441 -15.77 24.20 -26.38
N THR A 442 -14.66 23.76 -25.79
CA THR A 442 -14.68 23.16 -24.46
C THR A 442 -14.41 24.23 -23.42
N TYR A 443 -15.31 24.37 -22.46
CA TYR A 443 -15.14 25.26 -21.33
C TYR A 443 -14.82 24.43 -20.09
N TRP A 444 -13.74 24.78 -19.39
CA TRP A 444 -13.37 24.10 -18.17
C TRP A 444 -12.20 24.86 -17.55
N GLN A 445 -11.84 24.47 -16.34
CA GLN A 445 -10.79 25.12 -15.57
C GLN A 445 -9.78 24.07 -15.14
N THR A 446 -8.62 24.55 -14.67
CA THR A 446 -7.67 23.67 -14.00
C THR A 446 -8.35 22.93 -12.85
N GLU A 447 -9.22 23.62 -12.12
CA GLU A 447 -9.83 23.02 -10.94
C GLU A 447 -10.83 21.93 -11.30
N SER A 448 -11.44 22.01 -12.48
CA SER A 448 -12.45 21.03 -12.86
C SER A 448 -11.85 19.70 -13.30
N GLY A 449 -10.56 19.68 -13.67
CA GLY A 449 -9.92 18.44 -14.06
C GLY A 449 -10.21 18.04 -15.50
N SER A 450 -11.44 18.23 -15.95
CA SER A 450 -11.84 17.87 -17.31
C SER A 450 -12.96 18.81 -17.76
N HIS A 451 -13.51 18.51 -18.94
CA HIS A 451 -14.50 19.40 -19.55
C HIS A 451 -15.73 19.55 -18.67
N LEU A 452 -16.25 20.78 -18.59
CA LEU A 452 -17.52 21.08 -17.93
C LEU A 452 -18.65 21.27 -18.93
N ILE A 453 -18.46 22.15 -19.92
CA ILE A 453 -19.44 22.42 -20.94
C ILE A 453 -18.75 22.33 -22.30
N ALA A 454 -19.28 21.50 -23.18
CA ALA A 454 -18.72 21.30 -24.51
C ALA A 454 -19.72 20.57 -25.39
N PRO A 455 -19.78 20.87 -26.69
CA PRO A 455 -20.69 20.13 -27.58
C PRO A 455 -20.08 18.81 -28.00
N LEU A 456 -20.76 17.71 -27.70
CA LEU A 456 -20.22 16.39 -28.00
C LEU A 456 -20.08 16.21 -29.50
N ALA A 457 -18.94 15.66 -29.91
CA ALA A 457 -18.67 15.45 -31.32
C ALA A 457 -19.68 14.46 -31.90
N GLY A 458 -20.38 14.88 -32.94
CA GLY A 458 -21.35 14.02 -33.60
C GLY A 458 -22.67 13.89 -32.87
N VAL A 459 -22.89 14.68 -31.82
CA VAL A 459 -24.09 14.54 -31.00
C VAL A 459 -24.80 15.87 -30.89
N VAL A 460 -24.07 16.92 -30.56
CA VAL A 460 -24.65 18.23 -30.24
C VAL A 460 -24.40 19.16 -31.43
N PRO A 461 -25.45 19.70 -32.06
CA PRO A 461 -25.23 20.76 -33.05
C PRO A 461 -24.73 22.03 -32.36
N ASN A 462 -23.99 22.83 -33.12
CA ASN A 462 -23.23 23.94 -32.56
C ASN A 462 -23.93 25.27 -32.78
N LYS A 463 -23.83 26.14 -31.78
CA LYS A 463 -24.06 27.57 -31.96
C LYS A 463 -22.70 28.24 -31.87
N PRO A 464 -22.17 28.80 -32.97
CA PRO A 464 -20.80 29.32 -32.93
C PRO A 464 -20.57 30.28 -31.77
N GLY A 465 -19.52 30.00 -31.00
CA GLY A 465 -19.19 30.77 -29.83
C GLY A 465 -19.80 30.29 -28.53
N SER A 466 -20.56 29.19 -28.57
CA SER A 466 -21.23 28.67 -27.39
C SER A 466 -20.67 27.29 -27.05
N ALA A 467 -20.34 27.07 -25.78
CA ALA A 467 -19.92 25.76 -25.33
C ALA A 467 -21.07 24.76 -25.30
N SER A 468 -22.31 25.25 -25.29
CA SER A 468 -23.50 24.41 -25.37
C SER A 468 -23.84 23.74 -24.04
N TYR A 469 -24.14 22.42 -24.06
CA TYR A 469 -24.68 21.74 -22.90
C TYR A 469 -23.59 21.31 -21.92
N PRO A 470 -23.91 21.25 -20.63
CA PRO A 470 -22.93 20.71 -19.67
C PRO A 470 -22.76 19.21 -19.84
N PHE A 471 -21.62 18.71 -19.35
CA PHE A 471 -21.24 17.31 -19.52
C PHE A 471 -21.70 16.46 -18.34
N PHE A 472 -21.52 15.16 -18.46
CA PHE A 472 -21.93 14.20 -17.44
C PHE A 472 -21.42 14.61 -16.07
N GLY A 473 -22.30 14.51 -15.06
CA GLY A 473 -21.94 14.81 -13.69
C GLY A 473 -21.85 16.28 -13.37
N ILE A 474 -22.03 17.15 -14.35
CA ILE A 474 -21.90 18.60 -14.18
C ILE A 474 -23.30 19.18 -14.16
N ASP A 475 -23.79 19.54 -12.99
CA ASP A 475 -25.10 20.19 -12.85
C ASP A 475 -24.88 21.69 -12.84
N ALA A 476 -24.79 22.26 -14.04
CA ALA A 476 -24.50 23.67 -14.17
C ALA A 476 -25.68 24.51 -13.74
N ALA A 477 -25.40 25.73 -13.28
CA ALA A 477 -26.43 26.64 -12.83
C ALA A 477 -25.91 28.06 -12.93
N LEU A 478 -26.83 29.00 -13.06
CA LEU A 478 -26.51 30.42 -13.04
C LEU A 478 -27.02 31.00 -11.73
N ILE A 479 -26.15 31.69 -11.01
CA ILE A 479 -26.48 32.31 -9.74
C ILE A 479 -26.61 33.81 -10.01
N ASP A 480 -27.63 34.42 -9.46
CA ASP A 480 -27.71 35.85 -9.55
C ASP A 480 -26.57 36.41 -8.71
N PRO A 481 -25.58 37.08 -9.31
CA PRO A 481 -24.43 37.53 -8.50
C PRO A 481 -24.83 38.45 -7.37
N VAL A 482 -25.85 39.29 -7.58
CA VAL A 482 -26.20 40.29 -6.58
C VAL A 482 -26.93 39.63 -5.41
N THR A 483 -27.96 38.81 -5.69
CA THR A 483 -28.73 38.15 -4.64
C THR A 483 -28.11 36.84 -4.17
N GLY A 484 -27.25 36.21 -4.97
CA GLY A 484 -26.72 34.92 -4.62
C GLY A 484 -27.71 33.77 -4.68
N VAL A 485 -28.78 33.89 -5.46
CA VAL A 485 -29.83 32.89 -5.56
C VAL A 485 -29.81 32.31 -6.96
N GLU A 486 -30.03 31.00 -7.07
CA GLU A 486 -30.03 30.37 -8.38
C GLU A 486 -31.17 30.92 -9.23
N ILE A 487 -30.87 31.15 -10.50
CA ILE A 487 -31.83 31.73 -11.44
C ILE A 487 -32.54 30.61 -12.20
N GLU A 488 -33.84 30.50 -12.00
CA GLU A 488 -34.64 29.54 -12.73
C GLU A 488 -35.04 30.12 -14.08
N GLY A 489 -35.31 29.21 -15.03
CA GLY A 489 -35.72 29.60 -16.36
C GLY A 489 -34.54 29.94 -17.25
N ASN A 490 -34.82 30.00 -18.56
CA ASN A 490 -33.80 30.25 -19.55
C ASN A 490 -33.70 31.75 -19.87
N ASP A 491 -32.85 32.07 -20.84
CA ASP A 491 -32.60 33.45 -21.26
C ASP A 491 -32.18 34.31 -20.06
N ALA A 492 -31.17 33.81 -19.35
CA ALA A 492 -30.72 34.42 -18.10
C ALA A 492 -29.22 34.60 -18.14
N GLU A 493 -28.73 35.52 -17.30
CA GLU A 493 -27.31 35.79 -17.16
C GLU A 493 -26.96 35.88 -15.68
N GLY A 494 -25.77 35.40 -15.34
CA GLY A 494 -25.32 35.45 -13.96
C GLY A 494 -23.97 34.78 -13.84
N VAL A 495 -23.52 34.67 -12.60
CA VAL A 495 -22.26 33.99 -12.31
C VAL A 495 -22.48 32.48 -12.39
N LEU A 496 -21.59 31.79 -13.09
CA LEU A 496 -21.74 30.37 -13.32
C LEU A 496 -21.25 29.56 -12.13
N ALA A 497 -22.06 28.61 -11.68
CA ALA A 497 -21.71 27.74 -10.57
C ALA A 497 -22.19 26.32 -10.90
N ILE A 498 -21.69 25.36 -10.11
CA ILE A 498 -22.10 23.96 -10.23
C ILE A 498 -22.71 23.52 -8.91
N LYS A 499 -23.80 22.76 -9.00
CA LYS A 499 -24.64 22.46 -7.84
C LYS A 499 -24.14 21.28 -7.02
N ASP A 500 -23.26 20.45 -7.58
CA ASP A 500 -22.72 19.32 -6.83
C ASP A 500 -21.35 18.98 -7.40
N HIS A 501 -20.52 18.34 -6.57
CA HIS A 501 -19.16 18.04 -7.01
C HIS A 501 -19.16 16.89 -8.00
N TRP A 502 -18.17 16.89 -8.88
CA TRP A 502 -18.07 15.91 -9.96
C TRP A 502 -16.79 15.10 -9.79
N PRO A 503 -16.64 13.96 -10.49
CA PRO A 503 -15.50 13.07 -10.20
C PRO A 503 -14.14 13.75 -10.28
N SER A 504 -13.89 14.55 -11.33
CA SER A 504 -12.58 15.13 -11.55
C SER A 504 -12.39 16.49 -10.89
N MET A 505 -13.28 16.87 -9.99
CA MET A 505 -13.14 18.15 -9.30
C MET A 505 -11.88 18.16 -8.43
N ALA A 506 -11.18 19.30 -8.45
CA ALA A 506 -10.00 19.43 -7.60
C ALA A 506 -10.41 19.31 -6.14
N ARG A 507 -9.60 18.59 -5.37
CA ARG A 507 -9.97 18.22 -4.01
C ARG A 507 -9.48 19.20 -2.95
N THR A 508 -8.34 19.86 -3.18
CA THR A 508 -7.83 20.82 -2.21
C THR A 508 -6.78 21.69 -2.88
N VAL A 509 -6.30 22.68 -2.13
CA VAL A 509 -5.09 23.44 -2.47
C VAL A 509 -4.02 23.01 -1.49
N TYR A 510 -2.85 22.61 -2.02
CA TYR A 510 -1.88 21.89 -1.21
C TYR A 510 -1.63 22.56 0.13
N LYS A 511 -1.91 21.83 1.21
CA LYS A 511 -1.68 22.24 2.58
C LYS A 511 -2.36 23.57 2.91
N ASN A 512 -3.30 24.02 2.07
CA ASN A 512 -4.10 25.21 2.34
C ASN A 512 -5.53 24.91 1.87
N HIS A 513 -6.26 24.14 2.67
CA HIS A 513 -7.64 23.82 2.34
C HIS A 513 -8.58 24.99 2.62
N THR A 514 -8.20 25.89 3.52
CA THR A 514 -9.01 27.07 3.78
C THR A 514 -9.07 27.98 2.56
N LYS A 515 -7.96 28.16 1.86
CA LYS A 515 -7.99 28.92 0.62
C LYS A 515 -8.90 28.23 -0.40
N TYR A 516 -8.83 26.90 -0.47
CA TYR A 516 -9.72 26.14 -1.34
C TYR A 516 -11.18 26.43 -1.04
N MET A 517 -11.56 26.38 0.24
CA MET A 517 -12.95 26.65 0.60
C MET A 517 -13.34 28.09 0.30
N ASP A 518 -12.48 29.04 0.71
CA ASP A 518 -12.82 30.45 0.51
C ASP A 518 -12.90 30.80 -0.96
N THR A 519 -12.16 30.09 -1.82
CA THR A 519 -12.11 30.43 -3.23
C THR A 519 -13.31 29.86 -4.00
N TYR A 520 -13.65 28.60 -3.76
CA TYR A 520 -14.63 27.90 -4.57
C TYR A 520 -15.93 27.57 -3.84
N MET A 521 -15.84 27.07 -2.61
CA MET A 521 -17.02 26.54 -1.93
C MET A 521 -17.80 27.63 -1.19
N ASN A 522 -17.10 28.53 -0.49
CA ASN A 522 -17.73 29.48 0.41
C ASN A 522 -18.40 30.67 -0.30
N PRO A 523 -17.86 31.16 -1.42
CA PRO A 523 -18.48 32.36 -2.02
C PRO A 523 -19.96 32.19 -2.30
N TYR A 524 -20.38 31.01 -2.74
CA TYR A 524 -21.80 30.71 -2.96
C TYR A 524 -22.04 29.35 -2.30
N PRO A 525 -22.38 29.33 -1.01
CA PRO A 525 -22.44 28.06 -0.28
C PRO A 525 -23.42 27.08 -0.93
N GLY A 526 -23.06 25.81 -0.91
CA GLY A 526 -23.79 24.77 -1.60
C GLY A 526 -23.51 24.69 -3.07
N TYR A 527 -22.65 25.56 -3.59
CA TYR A 527 -22.34 25.62 -5.01
C TYR A 527 -20.83 25.66 -5.20
N TYR A 528 -20.39 25.30 -6.40
CA TYR A 528 -19.00 25.50 -6.82
C TYR A 528 -18.92 26.78 -7.64
N PHE A 529 -18.04 27.69 -7.22
CA PHE A 529 -17.88 28.99 -7.87
C PHE A 529 -16.82 28.92 -8.95
N THR A 530 -17.23 29.11 -10.20
CA THR A 530 -16.28 29.03 -11.31
C THR A 530 -15.38 30.26 -11.39
N GLY A 531 -15.88 31.42 -10.97
CA GLY A 531 -15.19 32.65 -11.28
C GLY A 531 -15.50 33.20 -12.64
N ASP A 532 -16.44 32.59 -13.36
CA ASP A 532 -16.85 33.02 -14.69
C ASP A 532 -18.31 33.47 -14.65
N GLY A 533 -18.61 34.50 -15.43
CA GLY A 533 -19.98 34.88 -15.71
C GLY A 533 -20.40 34.23 -17.00
N ALA A 534 -21.68 33.87 -17.08
CA ALA A 534 -22.17 33.12 -18.23
C ALA A 534 -23.67 33.36 -18.36
N ALA A 535 -24.21 32.96 -19.51
CA ALA A 535 -25.62 33.10 -19.83
C ALA A 535 -26.15 31.77 -20.34
N ARG A 536 -27.46 31.60 -20.22
CA ARG A 536 -28.14 30.40 -20.70
C ARG A 536 -29.33 30.84 -21.54
N ASP A 537 -29.43 30.28 -22.75
CA ASP A 537 -30.46 30.69 -23.70
C ASP A 537 -31.66 29.76 -23.62
N HIS A 538 -32.64 30.00 -24.49
CA HIS A 538 -33.88 29.23 -24.45
C HIS A 538 -33.65 27.77 -24.79
N ASP A 539 -32.65 27.47 -25.62
CA ASP A 539 -32.34 26.10 -25.99
C ASP A 539 -31.50 25.38 -24.94
N GLY A 540 -31.09 26.07 -23.88
CA GLY A 540 -30.24 25.49 -22.86
C GLY A 540 -28.75 25.64 -23.11
N TYR A 541 -28.35 26.16 -24.26
CA TYR A 541 -26.94 26.38 -24.55
C TYR A 541 -26.37 27.46 -23.62
N TYR A 542 -25.17 27.22 -23.12
CA TYR A 542 -24.48 28.15 -22.24
C TYR A 542 -23.47 28.97 -23.02
N TRP A 543 -23.42 30.27 -22.72
CA TRP A 543 -22.51 31.21 -23.36
C TRP A 543 -21.57 31.79 -22.31
N ILE A 544 -20.28 31.50 -22.44
CA ILE A 544 -19.28 31.95 -21.47
C ILE A 544 -18.88 33.38 -21.82
N ARG A 545 -19.11 34.31 -20.89
CA ARG A 545 -18.76 35.71 -21.07
C ARG A 545 -17.43 36.09 -20.43
N GLY A 546 -16.78 35.17 -19.73
CA GLY A 546 -15.46 35.40 -19.17
C GLY A 546 -15.51 35.66 -17.67
N ARG A 547 -14.31 35.87 -17.11
CA ARG A 547 -14.16 35.96 -15.67
C ARG A 547 -14.86 37.19 -15.10
N VAL A 548 -15.38 37.02 -13.89
CA VAL A 548 -15.96 38.13 -13.13
C VAL A 548 -14.99 38.64 -12.07
N ASP A 549 -14.01 37.83 -11.66
CA ASP A 549 -13.20 38.08 -10.48
C ASP A 549 -11.85 38.71 -10.80
N ASP A 550 -11.77 39.48 -11.89
CA ASP A 550 -10.60 40.28 -12.25
C ASP A 550 -9.43 39.43 -12.73
N VAL A 551 -9.60 38.13 -12.89
CA VAL A 551 -8.58 37.28 -13.52
C VAL A 551 -8.65 37.48 -15.02
N VAL A 552 -7.49 37.54 -15.66
CA VAL A 552 -7.38 37.84 -17.09
C VAL A 552 -6.73 36.65 -17.78
N ASN A 553 -7.33 36.20 -18.89
CA ASN A 553 -6.78 35.11 -19.70
C ASN A 553 -6.12 35.73 -20.92
N VAL A 554 -4.79 35.76 -20.93
CA VAL A 554 -4.01 36.28 -22.05
C VAL A 554 -3.41 35.10 -22.80
N SER A 555 -3.76 34.99 -24.08
CA SER A 555 -3.19 33.96 -24.95
C SER A 555 -3.32 32.57 -24.33
N GLY A 556 -4.43 32.34 -23.63
CA GLY A 556 -4.69 31.06 -23.02
C GLY A 556 -4.09 30.86 -21.64
N HIS A 557 -3.38 31.86 -21.11
CA HIS A 557 -2.77 31.78 -19.79
C HIS A 557 -3.64 32.51 -18.78
N ARG A 558 -4.03 31.81 -17.71
CA ARG A 558 -4.68 32.48 -16.60
C ARG A 558 -3.64 33.29 -15.82
N LEU A 559 -3.86 34.60 -15.72
CA LEU A 559 -2.96 35.48 -15.00
C LEU A 559 -3.74 36.25 -13.94
N SER A 560 -3.09 36.50 -12.81
CA SER A 560 -3.66 37.26 -11.71
C SER A 560 -3.08 38.66 -11.73
N THR A 561 -3.96 39.68 -11.81
CA THR A 561 -3.49 41.06 -11.76
C THR A 561 -2.71 41.34 -10.48
N ALA A 562 -3.04 40.62 -9.40
CA ALA A 562 -2.34 40.84 -8.14
C ALA A 562 -0.88 40.46 -8.25
N GLU A 563 -0.58 39.31 -8.86
CA GLU A 563 0.80 38.88 -8.99
C GLU A 563 1.63 39.86 -9.82
N ILE A 564 1.04 40.39 -10.90
CA ILE A 564 1.75 41.36 -11.72
C ILE A 564 2.01 42.63 -10.91
N GLU A 565 1.01 43.10 -10.15
CA GLU A 565 1.20 44.29 -9.34
C GLU A 565 2.31 44.09 -8.31
N ALA A 566 2.30 42.96 -7.61
CA ALA A 566 3.36 42.68 -6.64
C ALA A 566 4.72 42.67 -7.31
N ALA A 567 4.81 42.09 -8.52
CA ALA A 567 6.07 42.10 -9.25
C ALA A 567 6.50 43.53 -9.57
N LEU A 568 5.54 44.38 -9.94
CA LEU A 568 5.87 45.78 -10.22
C LEU A 568 6.34 46.50 -8.97
N ILE A 569 5.76 46.19 -7.82
CA ILE A 569 6.13 46.88 -6.59
C ILE A 569 7.48 46.39 -6.09
N GLU A 570 7.88 45.17 -6.44
CA GLU A 570 9.19 44.68 -6.01
C GLU A 570 10.28 45.68 -6.38
N ASP A 571 10.20 46.24 -7.59
CA ASP A 571 11.11 47.29 -7.98
C ASP A 571 11.00 48.46 -7.00
N LYS A 572 12.14 48.85 -6.41
CA LYS A 572 12.12 49.92 -5.41
C LYS A 572 11.77 51.27 -6.01
N LYS A 573 11.95 51.45 -7.32
CA LYS A 573 11.65 52.72 -7.95
C LYS A 573 10.16 52.98 -8.06
N VAL A 574 9.33 51.93 -8.00
CA VAL A 574 7.89 52.07 -8.11
C VAL A 574 7.30 52.25 -6.73
N SER A 575 6.42 53.24 -6.58
CA SER A 575 5.70 53.49 -5.33
C SER A 575 4.31 52.89 -5.32
N GLU A 576 3.55 53.04 -6.41
CA GLU A 576 2.22 52.45 -6.53
C GLU A 576 2.10 51.77 -7.87
N ALA A 577 1.25 50.73 -7.93
CA ALA A 577 1.03 49.99 -9.15
C ALA A 577 -0.39 49.45 -9.18
N ALA A 578 -0.99 49.47 -10.36
CA ALA A 578 -2.33 48.92 -10.55
C ALA A 578 -2.44 48.40 -11.96
N VAL A 579 -2.90 47.15 -12.11
CA VAL A 579 -2.94 46.46 -13.38
C VAL A 579 -4.37 46.09 -13.70
N VAL A 580 -4.74 46.17 -14.99
CA VAL A 580 -6.08 45.88 -15.45
C VAL A 580 -5.99 45.13 -16.77
N GLY A 581 -7.13 44.61 -17.22
CA GLY A 581 -7.20 43.84 -18.45
C GLY A 581 -8.17 44.48 -19.43
N ILE A 582 -7.84 44.37 -20.72
CA ILE A 582 -8.63 44.94 -21.80
C ILE A 582 -8.55 44.02 -23.01
N HIS A 583 -9.35 44.31 -24.02
CA HIS A 583 -9.44 43.45 -25.19
C HIS A 583 -8.22 43.60 -26.07
N ASP A 584 -7.66 42.47 -26.50
CA ASP A 584 -6.52 42.43 -27.39
C ASP A 584 -6.86 41.60 -28.62
N ASP A 585 -6.42 42.08 -29.78
CA ASP A 585 -6.81 41.44 -31.04
C ASP A 585 -6.26 40.02 -31.14
N ILE A 586 -5.00 39.81 -30.76
CA ILE A 586 -4.34 38.53 -30.99
C ILE A 586 -4.44 37.63 -29.77
N THR A 587 -4.15 38.15 -28.57
CA THR A 587 -4.16 37.34 -27.36
C THR A 587 -5.51 37.34 -26.65
N GLY A 588 -6.56 37.82 -27.30
CA GLY A 588 -7.87 37.85 -26.69
C GLY A 588 -8.02 38.99 -25.70
N GLN A 589 -7.17 38.99 -24.67
CA GLN A 589 -7.10 40.07 -23.71
C GLN A 589 -5.64 40.38 -23.40
N ALA A 590 -5.36 41.65 -23.18
CA ALA A 590 -4.04 42.10 -22.77
C ALA A 590 -4.16 42.82 -21.42
N VAL A 591 -3.05 42.83 -20.69
CA VAL A 591 -2.98 43.45 -19.37
C VAL A 591 -2.23 44.77 -19.50
N ILE A 592 -2.82 45.83 -18.96
CA ILE A 592 -2.24 47.16 -18.99
C ILE A 592 -1.86 47.55 -17.57
N ALA A 593 -0.62 48.01 -17.39
CA ALA A 593 -0.09 48.36 -16.08
C ALA A 593 0.06 49.87 -15.97
N TYR A 594 -0.37 50.41 -14.82
CA TYR A 594 -0.18 51.80 -14.48
C TYR A 594 0.72 51.88 -13.25
N VAL A 595 1.72 52.75 -13.29
CA VAL A 595 2.73 52.83 -12.23
C VAL A 595 2.92 54.27 -11.82
N ALA A 596 3.16 54.48 -10.53
CA ALA A 596 3.45 55.79 -9.96
C ALA A 596 4.83 55.74 -9.32
N LEU A 597 5.71 56.63 -9.76
CA LEU A 597 7.08 56.68 -9.25
C LEU A 597 7.18 57.68 -8.12
N LYS A 598 8.05 57.38 -7.15
CA LYS A 598 8.22 58.29 -6.01
C LYS A 598 8.82 59.62 -6.47
N GLU A 599 9.91 59.57 -7.23
CA GLU A 599 10.43 60.76 -7.90
C GLU A 599 11.03 60.41 -9.25
N LEU A 609 12.50 53.19 -18.11
CA LEU A 609 12.05 52.47 -16.91
C LEU A 609 10.91 51.52 -17.23
N ARG A 610 10.17 51.80 -18.31
CA ARG A 610 9.08 50.90 -18.68
C ARG A 610 9.62 49.55 -19.11
N LYS A 611 10.70 49.53 -19.89
CA LYS A 611 11.32 48.26 -20.26
C LYS A 611 11.87 47.54 -19.02
N GLU A 612 12.42 48.31 -18.07
CA GLU A 612 12.93 47.69 -16.84
C GLU A 612 11.81 47.02 -16.06
N LEU A 613 10.64 47.65 -16.00
CA LEU A 613 9.51 47.04 -15.29
C LEU A 613 8.99 45.81 -16.03
N VAL A 614 8.94 45.88 -17.37
CA VAL A 614 8.55 44.71 -18.15
C VAL A 614 9.49 43.54 -17.87
N LEU A 615 10.79 43.84 -17.74
CA LEU A 615 11.75 42.79 -17.42
C LEU A 615 11.64 42.35 -15.96
N GLN A 616 11.25 43.25 -15.07
CA GLN A 616 11.12 42.89 -13.67
C GLN A 616 10.03 41.85 -13.47
N VAL A 617 8.88 42.03 -14.11
CA VAL A 617 7.81 41.04 -14.04
C VAL A 617 8.18 39.80 -14.84
N ARG A 618 8.85 39.98 -15.98
CA ARG A 618 9.40 38.85 -16.71
C ARG A 618 10.25 37.97 -15.80
N LYS A 619 11.00 38.60 -14.89
CA LYS A 619 11.83 37.87 -13.95
C LYS A 619 11.03 37.34 -12.76
N THR A 620 9.97 38.04 -12.36
CA THR A 620 9.20 37.62 -11.19
C THR A 620 8.26 36.47 -11.51
N ILE A 621 7.58 36.52 -12.65
CA ILE A 621 6.60 35.51 -13.02
C ILE A 621 7.09 34.74 -14.24
N GLY A 622 7.18 35.43 -15.38
CA GLY A 622 7.63 34.81 -16.60
C GLY A 622 7.51 35.72 -17.81
N PRO A 623 8.18 35.35 -18.91
CA PRO A 623 8.02 36.14 -20.14
C PRO A 623 6.59 36.23 -20.62
N PHE A 624 5.79 35.20 -20.35
CA PHE A 624 4.41 35.19 -20.80
C PHE A 624 3.55 36.20 -20.04
N ALA A 625 3.87 36.45 -18.77
CA ALA A 625 3.05 37.32 -17.93
C ALA A 625 3.42 38.79 -18.06
N ALA A 626 4.38 39.13 -18.92
CA ALA A 626 4.78 40.51 -19.05
C ALA A 626 3.63 41.36 -19.58
N PRO A 627 3.47 42.60 -19.12
CA PRO A 627 2.37 43.43 -19.63
C PRO A 627 2.63 43.92 -21.04
N LYS A 628 1.54 44.07 -21.78
CA LYS A 628 1.62 44.58 -23.14
C LYS A 628 2.01 46.05 -23.14
N THR B 21 -27.18 -26.29 48.98
CA THR B 21 -26.44 -25.49 49.95
C THR B 21 -24.94 -25.68 49.74
N HIS B 22 -24.26 -24.61 49.36
CA HIS B 22 -22.83 -24.65 49.11
C HIS B 22 -22.04 -24.38 50.40
N ASN B 23 -21.14 -25.32 50.73
CA ASN B 23 -20.21 -25.11 51.83
C ASN B 23 -19.07 -24.19 51.43
N VAL B 24 -18.77 -24.07 50.14
CA VAL B 24 -17.70 -23.21 49.63
C VAL B 24 -18.24 -21.88 49.16
N VAL B 25 -19.27 -21.91 48.31
CA VAL B 25 -19.82 -20.66 47.73
C VAL B 25 -20.91 -20.20 48.69
N HIS B 26 -20.47 -19.51 49.75
CA HIS B 26 -21.43 -19.00 50.73
C HIS B 26 -22.33 -17.92 50.13
N GLU B 27 -21.82 -17.16 49.16
CA GLU B 27 -22.64 -16.13 48.52
C GLU B 27 -23.88 -16.72 47.88
N ALA B 28 -23.77 -17.93 47.32
CA ALA B 28 -24.87 -18.49 46.53
C ALA B 28 -26.02 -18.93 47.42
N ASN B 29 -25.74 -19.28 48.67
CA ASN B 29 -26.80 -19.78 49.55
C ASN B 29 -27.85 -18.72 49.80
N GLY B 30 -29.11 -19.08 49.56
CA GLY B 30 -30.24 -18.23 49.90
C GLY B 30 -30.31 -16.91 49.15
N VAL B 31 -29.84 -16.86 47.91
CA VAL B 31 -29.99 -15.70 47.04
C VAL B 31 -30.82 -16.13 45.85
N LYS B 32 -31.93 -15.44 45.62
CA LYS B 32 -32.90 -15.82 44.60
C LYS B 32 -32.56 -15.19 43.25
N LEU B 33 -32.69 -15.99 42.19
CA LEU B 33 -32.51 -15.48 40.84
C LEU B 33 -33.47 -14.32 40.59
N ARG B 34 -32.97 -13.29 39.91
CA ARG B 34 -33.76 -12.11 39.57
C ARG B 34 -34.00 -12.12 38.07
N GLU B 35 -35.19 -12.54 37.67
CA GLU B 35 -35.55 -12.55 36.26
C GLU B 35 -35.57 -11.12 35.71
N THR B 36 -35.32 -11.00 34.42
CA THR B 36 -35.27 -9.68 33.80
C THR B 36 -36.64 -9.02 33.88
N PRO B 37 -36.73 -7.76 34.35
CA PRO B 37 -38.04 -7.11 34.44
C PRO B 37 -38.72 -7.00 33.08
N LYS B 38 -40.06 -7.01 33.12
CA LYS B 38 -40.82 -6.92 31.88
C LYS B 38 -40.58 -5.61 31.15
N GLU B 39 -40.46 -4.50 31.88
CA GLU B 39 -40.29 -3.20 31.23
C GLU B 39 -39.06 -3.15 30.34
N PHE B 40 -38.04 -3.99 30.61
CA PHE B 40 -36.92 -4.09 29.69
C PHE B 40 -37.40 -4.46 28.29
N PHE B 41 -38.20 -5.52 28.20
CA PHE B 41 -38.70 -5.97 26.91
C PHE B 41 -39.70 -4.98 26.33
N GLU B 42 -40.44 -4.26 27.18
CA GLU B 42 -41.32 -3.21 26.69
C GLU B 42 -40.51 -2.15 25.94
N ARG B 43 -39.40 -1.69 26.54
CA ARG B 43 -38.61 -0.61 25.96
C ARG B 43 -37.72 -1.08 24.83
N GLN B 44 -37.45 -2.37 24.73
CA GLN B 44 -36.55 -2.87 23.71
C GLN B 44 -37.12 -2.56 22.33
N PRO B 45 -36.36 -1.92 21.44
CA PRO B 45 -36.95 -1.47 20.17
C PRO B 45 -37.24 -2.61 19.21
N ASN B 46 -36.50 -3.72 19.28
CA ASN B 46 -36.63 -4.80 18.32
C ASN B 46 -36.48 -6.13 19.03
N LYS B 47 -36.68 -7.21 18.27
CA LYS B 47 -36.47 -8.55 18.79
C LYS B 47 -35.09 -8.66 19.42
N GLY B 48 -35.00 -9.47 20.48
CA GLY B 48 -33.73 -9.68 21.14
C GLY B 48 -32.77 -10.47 20.26
N HIS B 49 -31.48 -10.19 20.46
CA HIS B 49 -30.46 -10.89 19.68
C HIS B 49 -30.38 -12.37 20.06
N ILE B 50 -30.69 -12.70 21.31
CA ILE B 50 -30.74 -14.08 21.78
C ILE B 50 -32.10 -14.31 22.42
N HIS B 51 -32.75 -15.40 22.05
CA HIS B 51 -34.12 -15.65 22.51
C HIS B 51 -34.14 -16.00 23.99
N ASP B 52 -33.40 -17.04 24.39
CA ASP B 52 -33.46 -17.55 25.75
C ASP B 52 -32.07 -18.05 26.16
N VAL B 53 -31.96 -18.46 27.42
CA VAL B 53 -30.68 -18.92 27.95
C VAL B 53 -30.18 -20.16 27.21
N ASN B 54 -31.10 -21.01 26.76
CA ASN B 54 -30.70 -22.23 26.06
C ASN B 54 -30.02 -21.90 24.73
N GLN B 55 -30.60 -20.97 23.95
CA GLN B 55 -29.95 -20.54 22.73
C GLN B 55 -28.57 -19.97 23.03
N TYR B 56 -28.45 -19.23 24.13
CA TYR B 56 -27.13 -18.72 24.53
C TYR B 56 -26.15 -19.86 24.76
N LYS B 57 -26.60 -20.92 25.44
CA LYS B 57 -25.70 -22.02 25.74
C LYS B 57 -25.27 -22.75 24.47
N GLN B 58 -26.18 -22.89 23.51
CA GLN B 58 -25.82 -23.48 22.22
C GLN B 58 -24.75 -22.66 21.52
N MET B 59 -24.95 -21.33 21.46
CA MET B 59 -23.94 -20.48 20.84
C MET B 59 -22.63 -20.51 21.61
N TYR B 60 -22.70 -20.49 22.95
CA TYR B 60 -21.49 -20.56 23.75
C TYR B 60 -20.73 -21.85 23.48
N GLU B 61 -21.44 -22.99 23.47
CA GLU B 61 -20.79 -24.26 23.21
C GLU B 61 -20.10 -24.26 21.86
N GLN B 62 -20.73 -23.65 20.84
CA GLN B 62 -20.08 -23.56 19.54
C GLN B 62 -18.85 -22.66 19.61
N SER B 63 -18.95 -21.53 20.31
CA SER B 63 -17.82 -20.62 20.39
C SER B 63 -16.61 -21.26 21.04
N ILE B 64 -16.83 -22.23 21.93
CA ILE B 64 -15.74 -22.96 22.56
C ILE B 64 -15.30 -24.14 21.70
N LYS B 65 -16.26 -24.97 21.27
CA LYS B 65 -15.94 -26.16 20.51
C LYS B 65 -15.53 -25.83 19.08
N ASP B 66 -16.17 -24.84 18.48
CA ASP B 66 -16.00 -24.52 17.06
C ASP B 66 -15.80 -23.01 16.89
N PRO B 67 -14.67 -22.48 17.37
CA PRO B 67 -14.43 -21.04 17.21
C PRO B 67 -14.46 -20.58 15.77
N GLN B 68 -14.04 -21.43 14.83
CA GLN B 68 -14.05 -21.06 13.42
C GLN B 68 -15.46 -20.82 12.92
N GLY B 69 -16.33 -21.82 13.06
CA GLY B 69 -17.70 -21.70 12.61
C GLY B 69 -18.50 -20.65 13.36
N PHE B 70 -18.07 -20.29 14.57
CA PHE B 70 -18.78 -19.31 15.35
C PHE B 70 -18.31 -17.88 15.07
N PHE B 71 -17.00 -17.63 15.17
CA PHE B 71 -16.50 -16.26 15.09
C PHE B 71 -16.29 -15.80 13.66
N GLY B 72 -15.97 -16.71 12.75
CA GLY B 72 -15.77 -16.35 11.36
C GLY B 72 -16.98 -15.60 10.80
N PRO B 73 -18.15 -16.24 10.85
CA PRO B 73 -19.35 -15.55 10.36
C PRO B 73 -19.63 -14.23 11.07
N LEU B 74 -19.52 -14.21 12.40
CA LEU B 74 -19.78 -12.97 13.13
C LEU B 74 -18.77 -11.90 12.74
N ALA B 75 -17.51 -12.29 12.52
CA ALA B 75 -16.50 -11.32 12.13
C ALA B 75 -16.82 -10.71 10.78
N LYS B 76 -17.30 -11.51 9.83
CA LYS B 76 -17.70 -10.97 8.54
C LYS B 76 -18.95 -10.12 8.66
N GLU B 77 -19.85 -10.47 9.59
CA GLU B 77 -21.09 -9.73 9.75
C GLU B 77 -20.84 -8.36 10.36
N LEU B 78 -20.09 -8.31 11.46
CA LEU B 78 -20.00 -7.10 12.27
C LEU B 78 -18.88 -6.17 11.83
N LEU B 79 -17.96 -6.62 10.98
CA LEU B 79 -16.82 -5.82 10.56
C LEU B 79 -16.75 -5.77 9.04
N SER B 80 -16.23 -4.66 8.54
CA SER B 80 -16.04 -4.43 7.11
C SER B 80 -14.57 -4.59 6.78
N TRP B 81 -14.25 -5.57 5.94
CA TRP B 81 -12.88 -5.99 5.69
C TRP B 81 -12.39 -5.44 4.36
N ASP B 82 -11.16 -4.92 4.37
CA ASP B 82 -10.51 -4.54 3.12
C ASP B 82 -9.94 -5.75 2.39
N HIS B 83 -9.55 -6.78 3.13
CA HIS B 83 -9.07 -8.03 2.57
C HIS B 83 -9.57 -9.16 3.45
N ASP B 84 -10.08 -10.21 2.82
CA ASP B 84 -10.65 -11.31 3.58
C ASP B 84 -9.55 -12.11 4.29
N PHE B 85 -9.92 -12.68 5.43
CA PHE B 85 -9.01 -13.51 6.20
C PHE B 85 -9.13 -14.97 5.76
N HIS B 86 -8.03 -15.71 5.90
CA HIS B 86 -7.99 -17.10 5.48
C HIS B 86 -8.00 -18.09 6.64
N THR B 87 -7.71 -17.64 7.86
CA THR B 87 -7.71 -18.51 9.03
C THR B 87 -8.31 -17.73 10.19
N VAL B 88 -9.34 -18.29 10.83
CA VAL B 88 -10.01 -17.60 11.92
C VAL B 88 -9.13 -17.54 13.16
N LYS B 89 -8.44 -18.63 13.48
CA LYS B 89 -7.80 -18.78 14.78
C LYS B 89 -6.48 -19.52 14.65
N SER B 90 -5.47 -19.03 15.35
CA SER B 90 -4.14 -19.63 15.32
C SER B 90 -3.42 -19.31 16.62
N GLY B 91 -2.45 -20.16 16.95
CA GLY B 91 -1.61 -19.95 18.11
C GLY B 91 -2.17 -20.55 19.39
N THR B 92 -1.28 -20.63 20.39
CA THR B 92 -1.60 -21.20 21.68
C THR B 92 -1.14 -20.27 22.79
N LEU B 93 -1.72 -20.45 23.98
CA LEU B 93 -1.32 -19.65 25.13
C LEU B 93 0.13 -19.92 25.53
N LYS B 94 0.51 -21.19 25.61
CA LYS B 94 1.85 -21.54 26.10
C LYS B 94 2.95 -20.90 25.27
N ASN B 95 2.71 -20.66 23.99
CA ASN B 95 3.70 -20.09 23.10
C ASN B 95 3.51 -18.60 22.86
N GLY B 96 2.44 -18.00 23.39
CA GLY B 96 2.24 -16.57 23.23
C GLY B 96 2.23 -16.11 21.79
N ASP B 97 1.62 -16.89 20.90
CA ASP B 97 1.52 -16.56 19.49
C ASP B 97 0.07 -16.58 19.03
N ALA B 98 -0.83 -16.15 19.90
CA ALA B 98 -2.25 -16.12 19.55
C ALA B 98 -2.49 -15.12 18.44
N ALA B 99 -3.29 -15.52 17.45
CA ALA B 99 -3.64 -14.66 16.33
C ALA B 99 -5.03 -15.02 15.84
N TRP B 100 -5.79 -14.01 15.43
CA TRP B 100 -7.15 -14.20 14.96
C TRP B 100 -7.32 -13.52 13.60
N PHE B 101 -8.08 -14.16 12.73
CA PHE B 101 -8.45 -13.59 11.43
C PHE B 101 -7.20 -13.26 10.61
N LEU B 102 -6.39 -14.29 10.40
CA LEU B 102 -5.11 -14.12 9.76
C LEU B 102 -5.30 -13.85 8.27
N GLY B 103 -4.48 -12.93 7.74
CA GLY B 103 -4.57 -12.52 6.36
C GLY B 103 -5.54 -11.40 6.09
N GLY B 104 -6.44 -11.12 7.03
CA GLY B 104 -7.41 -10.06 6.83
C GLY B 104 -6.80 -8.68 6.94
N GLU B 105 -7.40 -7.73 6.22
CA GLU B 105 -7.05 -6.33 6.31
C GLU B 105 -8.30 -5.51 6.54
N LEU B 106 -8.16 -4.43 7.32
CA LEU B 106 -9.28 -3.56 7.62
C LEU B 106 -8.70 -2.30 8.26
N ASN B 107 -9.56 -1.32 8.51
CA ASN B 107 -9.18 -0.10 9.21
C ASN B 107 -10.22 0.21 10.27
N ALA B 108 -9.77 0.48 11.49
CA ALA B 108 -10.70 0.68 12.60
C ALA B 108 -11.54 1.93 12.39
N SER B 109 -10.93 3.02 11.92
CA SER B 109 -11.68 4.27 11.76
C SER B 109 -12.76 4.12 10.69
N TYR B 110 -12.55 3.26 9.71
CA TYR B 110 -13.59 3.00 8.73
C TYR B 110 -14.79 2.32 9.39
N ASN B 111 -14.53 1.30 10.21
CA ASN B 111 -15.62 0.55 10.83
C ASN B 111 -16.34 1.38 11.89
N CYS B 112 -15.64 2.32 12.52
CA CYS B 112 -16.26 3.17 13.54
C CYS B 112 -16.90 4.42 12.97
N VAL B 113 -16.44 4.90 11.80
CA VAL B 113 -16.87 6.19 11.29
C VAL B 113 -17.36 6.09 9.85
N ASP B 114 -16.47 5.71 8.93
CA ASP B 114 -16.74 5.89 7.50
C ASP B 114 -18.05 5.23 7.09
N ARG B 115 -18.18 3.94 7.34
CA ARG B 115 -19.34 3.21 6.83
C ARG B 115 -20.63 3.77 7.39
N HIS B 116 -20.65 4.17 8.66
CA HIS B 116 -21.85 4.76 9.24
C HIS B 116 -22.14 6.13 8.63
N ALA B 117 -21.10 6.92 8.39
CA ALA B 117 -21.30 8.23 7.76
C ALA B 117 -21.90 8.07 6.38
N PHE B 118 -21.42 7.10 5.60
CA PHE B 118 -21.99 6.87 4.28
C PHE B 118 -23.46 6.46 4.37
N ALA B 119 -23.80 5.62 5.35
CA ALA B 119 -25.19 5.19 5.50
C ALA B 119 -26.10 6.39 5.77
N ASN B 120 -25.80 7.16 6.80
CA ASN B 120 -26.60 8.34 7.16
C ASN B 120 -25.67 9.31 7.89
N PRO B 121 -25.12 10.29 7.19
CA PRO B 121 -24.12 11.17 7.83
C PRO B 121 -24.70 12.03 8.93
N ASP B 122 -26.01 12.20 9.01
CA ASP B 122 -26.61 13.08 10.00
C ASP B 122 -26.98 12.37 11.29
N LYS B 123 -26.73 11.06 11.39
CA LYS B 123 -26.97 10.37 12.64
C LYS B 123 -25.98 10.85 13.70
N PRO B 124 -26.44 11.10 14.93
CA PRO B 124 -25.50 11.49 15.99
C PRO B 124 -24.52 10.37 16.29
N ALA B 125 -23.26 10.76 16.48
CA ALA B 125 -22.20 9.82 16.85
C ALA B 125 -21.64 10.12 18.24
N LEU B 126 -21.17 11.35 18.48
CA LEU B 126 -20.59 11.73 19.76
C LEU B 126 -21.50 12.78 20.41
N ILE B 127 -22.18 12.38 21.48
CA ILE B 127 -22.95 13.30 22.30
C ILE B 127 -22.02 13.77 23.41
N CYS B 128 -21.46 14.96 23.23
CA CYS B 128 -20.43 15.48 24.13
C CYS B 128 -21.08 16.36 25.19
N GLU B 129 -20.99 15.92 26.44
CA GLU B 129 -21.42 16.72 27.59
C GLU B 129 -20.16 17.26 28.27
N ALA B 130 -19.97 18.57 28.20
CA ALA B 130 -18.78 19.19 28.77
C ALA B 130 -18.96 19.35 30.28
N ASP B 131 -17.86 19.75 30.93
CA ASP B 131 -17.92 20.03 32.37
C ASP B 131 -19.06 20.98 32.68
N ASP B 132 -19.19 22.05 31.90
CA ASP B 132 -20.32 22.96 31.97
C ASP B 132 -21.19 22.77 30.74
N GLU B 133 -22.50 22.63 30.94
CA GLU B 133 -23.39 22.22 29.87
C GLU B 133 -23.42 23.24 28.73
N LYS B 134 -23.08 24.50 29.00
CA LYS B 134 -23.09 25.49 27.93
C LYS B 134 -22.14 25.11 26.81
N ASP B 135 -21.04 24.43 27.14
CA ASP B 135 -20.04 24.02 26.17
C ASP B 135 -20.34 22.66 25.54
N SER B 136 -21.45 22.03 25.89
CA SER B 136 -21.78 20.73 25.31
C SER B 136 -22.12 20.88 23.82
N HIS B 137 -21.93 19.79 23.09
CA HIS B 137 -22.21 19.76 21.66
C HIS B 137 -22.36 18.31 21.21
N ILE B 138 -22.80 18.15 19.97
CA ILE B 138 -23.05 16.84 19.37
C ILE B 138 -22.40 16.77 18.00
N LEU B 139 -21.67 15.69 17.74
CA LEU B 139 -21.08 15.42 16.43
C LEU B 139 -21.81 14.28 15.76
N THR B 140 -22.17 14.46 14.49
CA THR B 140 -22.75 13.40 13.69
C THR B 140 -21.63 12.58 13.04
N TYR B 141 -22.00 11.40 12.56
CA TYR B 141 -21.01 10.53 11.94
C TYR B 141 -20.32 11.23 10.77
N GLY B 142 -21.06 12.06 10.03
CA GLY B 142 -20.41 12.87 9.01
C GLY B 142 -19.44 13.88 9.60
N ASP B 143 -19.86 14.55 10.68
CA ASP B 143 -18.95 15.46 11.38
C ASP B 143 -17.72 14.73 11.90
N LEU B 144 -17.92 13.56 12.50
CA LEU B 144 -16.80 12.81 13.05
C LEU B 144 -15.82 12.41 11.96
N LEU B 145 -16.33 12.02 10.80
CA LEU B 145 -15.44 11.66 9.69
C LEU B 145 -14.57 12.84 9.28
N ARG B 146 -15.17 14.03 9.16
CA ARG B 146 -14.41 15.19 8.71
C ARG B 146 -13.34 15.57 9.73
N GLU B 147 -13.68 15.59 11.01
CA GLU B 147 -12.68 15.92 12.03
C GLU B 147 -11.57 14.87 12.08
N VAL B 148 -11.94 13.59 12.05
CA VAL B 148 -10.94 12.52 12.05
C VAL B 148 -10.05 12.64 10.82
N SER B 149 -10.65 12.90 9.66
CA SER B 149 -9.87 13.03 8.44
C SER B 149 -8.87 14.17 8.55
N LYS B 150 -9.29 15.31 9.11
CA LYS B 150 -8.41 16.46 9.21
C LYS B 150 -7.25 16.21 10.16
N VAL B 151 -7.53 15.63 11.34
CA VAL B 151 -6.45 15.32 12.27
C VAL B 151 -5.48 14.31 11.67
N ALA B 152 -6.03 13.31 10.97
CA ALA B 152 -5.18 12.32 10.30
C ALA B 152 -4.37 12.93 9.17
N GLY B 153 -4.94 13.92 8.47
CA GLY B 153 -4.17 14.63 7.45
C GLY B 153 -3.03 15.43 8.05
N VAL B 154 -3.28 16.08 9.19
CA VAL B 154 -2.21 16.75 9.91
C VAL B 154 -1.13 15.76 10.30
N LEU B 155 -1.52 14.62 10.89
CA LEU B 155 -0.53 13.64 11.34
C LEU B 155 0.23 13.05 10.16
N GLN B 156 -0.46 12.80 9.04
CA GLN B 156 0.23 12.22 7.90
C GLN B 156 1.25 13.19 7.32
N SER B 157 0.91 14.49 7.28
CA SER B 157 1.88 15.48 6.81
C SER B 157 3.10 15.54 7.71
N TRP B 158 2.92 15.22 8.99
CA TRP B 158 4.02 15.21 9.96
C TRP B 158 4.89 13.97 9.86
N GLY B 159 4.53 13.01 9.02
CA GLY B 159 5.31 11.79 8.86
C GLY B 159 4.81 10.61 9.65
N ILE B 160 3.72 10.77 10.42
CA ILE B 160 3.15 9.63 11.13
C ILE B 160 2.67 8.62 10.11
N LYS B 161 3.03 7.35 10.32
CA LYS B 161 2.68 6.30 9.38
C LYS B 161 2.44 5.02 10.15
N LYS B 162 1.98 4.00 9.42
CA LYS B 162 1.75 2.69 10.00
C LYS B 162 3.02 2.21 10.71
N GLY B 163 2.85 1.68 11.91
CA GLY B 163 3.96 1.22 12.73
C GLY B 163 4.46 2.23 13.74
N ASP B 164 3.95 3.46 13.70
CA ASP B 164 4.31 4.48 14.67
C ASP B 164 3.36 4.43 15.86
N THR B 165 3.76 5.10 16.95
CA THR B 165 2.91 5.29 18.11
C THR B 165 2.71 6.78 18.34
N VAL B 166 1.48 7.17 18.62
CA VAL B 166 1.11 8.56 18.87
C VAL B 166 0.45 8.64 20.24
N ALA B 167 0.96 9.54 21.08
CA ALA B 167 0.45 9.69 22.44
C ALA B 167 -0.73 10.66 22.46
N VAL B 168 -1.72 10.33 23.29
CA VAL B 168 -2.89 11.18 23.51
C VAL B 168 -2.95 11.48 25.01
N TYR B 169 -2.99 12.77 25.34
CA TYR B 169 -3.14 13.25 26.72
C TYR B 169 -4.26 14.28 26.70
N LEU B 170 -5.50 13.80 26.76
CA LEU B 170 -6.69 14.62 26.64
C LEU B 170 -7.71 14.21 27.68
N PRO B 171 -8.61 15.12 28.08
CA PRO B 171 -9.74 14.72 28.93
C PRO B 171 -10.78 13.93 28.14
N MET B 172 -11.89 13.59 28.79
CA MET B 172 -12.95 12.79 28.18
C MET B 172 -13.85 13.74 27.38
N ASN B 173 -13.56 13.89 26.10
CA ASN B 173 -14.34 14.76 25.23
C ASN B 173 -14.13 14.32 23.78
N ALA B 174 -14.70 15.10 22.86
CA ALA B 174 -14.64 14.75 21.44
C ALA B 174 -13.21 14.63 20.96
N GLN B 175 -12.33 15.51 21.42
CA GLN B 175 -10.97 15.54 20.89
C GLN B 175 -10.21 14.26 21.22
N ALA B 176 -10.49 13.66 22.38
CA ALA B 176 -9.87 12.38 22.69
C ALA B 176 -10.32 11.31 21.73
N ILE B 177 -11.63 11.24 21.45
CA ILE B 177 -12.15 10.27 20.50
C ILE B 177 -11.56 10.50 19.12
N ILE B 178 -11.55 11.77 18.68
CA ILE B 178 -11.06 12.09 17.35
C ILE B 178 -9.57 11.78 17.23
N ALA B 179 -8.80 12.10 18.27
CA ALA B 179 -7.37 11.82 18.24
C ALA B 179 -7.12 10.33 18.08
N MET B 180 -7.82 9.50 18.86
CA MET B 180 -7.66 8.06 18.78
C MET B 180 -8.01 7.55 17.38
N LEU B 181 -9.13 8.01 16.82
CA LEU B 181 -9.58 7.49 15.53
C LEU B 181 -8.70 7.96 14.38
N ALA B 182 -8.15 9.17 14.47
CA ALA B 182 -7.24 9.64 13.43
C ALA B 182 -5.95 8.85 13.43
N ILE B 183 -5.39 8.58 14.62
CA ILE B 183 -4.21 7.74 14.71
C ILE B 183 -4.50 6.37 14.11
N ALA B 184 -5.65 5.78 14.43
CA ALA B 184 -6.02 4.50 13.85
C ALA B 184 -6.16 4.60 12.34
N ARG B 185 -6.69 5.73 11.85
CA ARG B 185 -6.91 5.87 10.41
C ARG B 185 -5.61 5.73 9.64
N LEU B 186 -4.50 6.24 10.18
CA LEU B 186 -3.21 6.16 9.50
C LEU B 186 -2.48 4.85 9.75
N GLY B 187 -3.04 3.94 10.53
CA GLY B 187 -2.38 2.69 10.83
C GLY B 187 -1.43 2.75 12.01
N ALA B 188 -1.27 3.92 12.62
CA ALA B 188 -0.44 4.05 13.80
C ALA B 188 -1.21 3.55 15.03
N ALA B 189 -0.48 3.38 16.12
CA ALA B 189 -1.05 2.92 17.38
C ALA B 189 -1.10 4.09 18.34
N HIS B 190 -2.28 4.35 18.90
CA HIS B 190 -2.44 5.44 19.86
C HIS B 190 -2.22 4.89 21.27
N SER B 191 -1.55 5.69 22.10
CA SER B 191 -1.38 5.39 23.51
C SER B 191 -2.03 6.52 24.29
N VAL B 192 -3.18 6.24 24.91
CA VAL B 192 -3.94 7.24 25.63
C VAL B 192 -3.48 7.24 27.08
N ILE B 193 -3.13 8.42 27.58
CA ILE B 193 -2.67 8.60 28.95
C ILE B 193 -3.73 9.39 29.70
N PHE B 194 -4.17 8.86 30.84
CA PHE B 194 -5.18 9.54 31.64
C PHE B 194 -4.72 10.97 31.93
N ALA B 195 -5.64 11.93 31.73
CA ALA B 195 -5.27 13.33 31.81
C ALA B 195 -4.76 13.73 33.19
N GLY B 196 -5.14 13.00 34.23
CA GLY B 196 -4.67 13.33 35.58
C GLY B 196 -3.27 12.86 35.90
N PHE B 197 -2.68 12.04 35.04
CA PHE B 197 -1.40 11.43 35.35
C PHE B 197 -0.30 12.48 35.46
N SER B 198 0.70 12.19 36.29
CA SER B 198 1.79 13.10 36.55
C SER B 198 2.72 13.19 35.33
N ALA B 199 3.58 14.20 35.34
CA ALA B 199 4.54 14.38 34.26
C ALA B 199 5.48 13.18 34.16
N GLY B 200 5.90 12.64 35.30
CA GLY B 200 6.76 11.46 35.28
C GLY B 200 6.08 10.27 34.64
N SER B 201 4.78 10.09 34.92
CA SER B 201 4.03 9.02 34.27
C SER B 201 3.99 9.23 32.76
N ILE B 202 3.69 10.45 32.33
CA ILE B 202 3.71 10.77 30.89
C ILE B 202 5.08 10.43 30.32
N LYS B 203 6.14 10.87 31.00
CA LYS B 203 7.50 10.61 30.53
C LYS B 203 7.73 9.12 30.31
N ASP B 204 7.46 8.31 31.33
CA ASP B 204 7.73 6.88 31.23
C ASP B 204 6.96 6.25 30.08
N ARG B 205 5.69 6.59 29.92
CA ARG B 205 4.87 5.96 28.89
C ARG B 205 5.31 6.39 27.49
N VAL B 206 5.51 7.70 27.29
CA VAL B 206 5.93 8.17 25.97
C VAL B 206 7.28 7.57 25.59
N ASN B 207 8.22 7.53 26.54
CA ASN B 207 9.55 7.02 26.22
C ASN B 207 9.53 5.52 25.96
N ASP B 208 8.69 4.78 26.70
CA ASP B 208 8.58 3.35 26.44
C ASP B 208 8.07 3.09 25.03
N ALA B 209 7.04 3.83 24.61
CA ALA B 209 6.48 3.67 23.27
C ALA B 209 7.28 4.40 22.22
N SER B 210 8.13 5.36 22.61
CA SER B 210 8.90 6.17 21.66
C SER B 210 7.97 6.88 20.67
N CYS B 211 6.94 7.53 21.22
CA CYS B 211 5.95 8.21 20.40
C CYS B 211 6.60 9.32 19.59
N LYS B 212 6.20 9.44 18.32
CA LYS B 212 6.69 10.49 17.46
C LYS B 212 5.90 11.79 17.58
N ALA B 213 4.69 11.73 18.13
CA ALA B 213 3.85 12.91 18.24
C ALA B 213 2.96 12.77 19.46
N LEU B 214 2.41 13.90 19.90
CA LEU B 214 1.54 13.96 21.07
C LEU B 214 0.36 14.86 20.75
N ILE B 215 -0.84 14.43 21.16
CA ILE B 215 -2.05 15.22 21.01
C ILE B 215 -2.59 15.52 22.41
N THR B 216 -2.81 16.80 22.68
CA THR B 216 -3.22 17.26 24.01
C THR B 216 -3.95 18.58 23.86
N CYS B 217 -4.21 19.25 24.97
CA CYS B 217 -4.87 20.55 24.97
C CYS B 217 -4.18 21.47 25.98
N ASP B 218 -4.43 22.76 25.83
CA ASP B 218 -3.76 23.75 26.69
C ASP B 218 -4.15 23.56 28.15
N GLU B 219 -5.45 23.51 28.42
CA GLU B 219 -5.94 23.31 29.78
C GLU B 219 -7.21 22.49 29.74
N GLY B 220 -7.53 21.85 30.86
CA GLY B 220 -8.78 21.13 30.99
C GLY B 220 -9.67 21.76 32.03
N LYS B 221 -10.97 21.47 31.98
CA LYS B 221 -11.92 21.94 32.97
C LYS B 221 -12.70 20.74 33.50
N ARG B 222 -12.63 20.52 34.81
CA ARG B 222 -13.25 19.38 35.46
C ARG B 222 -13.87 19.84 36.77
N GLY B 223 -15.16 19.52 36.96
CA GLY B 223 -15.84 19.89 38.18
C GLY B 223 -15.82 21.38 38.46
N GLY B 224 -15.70 22.20 37.42
CA GLY B 224 -15.63 23.63 37.59
C GLY B 224 -14.23 24.17 37.79
N ARG B 225 -13.23 23.31 37.87
CA ARG B 225 -11.85 23.70 38.13
C ARG B 225 -11.02 23.53 36.88
N THR B 226 -10.13 24.49 36.63
CA THR B 226 -9.21 24.40 35.50
C THR B 226 -8.04 23.51 35.89
N THR B 227 -7.57 22.70 34.94
CA THR B 227 -6.51 21.73 35.19
C THR B 227 -5.38 21.95 34.20
N ASN B 228 -4.16 21.72 34.67
CA ASN B 228 -2.97 21.94 33.85
C ASN B 228 -2.71 20.72 33.00
N ILE B 229 -2.79 20.89 31.69
CA ILE B 229 -2.51 19.82 30.72
C ILE B 229 -1.21 20.10 29.97
N LYS B 230 -1.18 21.20 29.21
CA LYS B 230 0.02 21.53 28.43
C LYS B 230 1.23 21.75 29.33
N LYS B 231 1.02 22.24 30.56
CA LYS B 231 2.13 22.43 31.47
C LYS B 231 2.80 21.11 31.81
N LEU B 232 2.00 20.11 32.22
CA LEU B 232 2.56 18.81 32.56
C LEU B 232 3.22 18.16 31.35
N CYS B 233 2.64 18.35 30.16
CA CYS B 233 3.25 17.81 28.96
C CYS B 233 4.63 18.41 28.72
N ASP B 234 4.74 19.73 28.83
CA ASP B 234 6.04 20.37 28.65
C ASP B 234 7.05 19.83 29.65
N GLU B 235 6.65 19.71 30.92
CA GLU B 235 7.56 19.19 31.93
C GLU B 235 8.01 17.77 31.60
N ALA B 236 7.13 16.97 31.00
CA ALA B 236 7.52 15.64 30.57
C ALA B 236 8.38 15.68 29.31
N LEU B 237 7.96 16.46 28.32
CA LEU B 237 8.58 16.40 27.00
C LEU B 237 10.05 16.82 27.01
N VAL B 238 10.50 17.55 28.03
CA VAL B 238 11.93 17.89 28.08
C VAL B 238 12.78 16.63 28.12
N ASP B 239 12.20 15.48 28.49
CA ASP B 239 12.93 14.22 28.58
C ASP B 239 12.37 13.17 27.62
N CYS B 240 11.63 13.59 26.60
CA CYS B 240 11.02 12.69 25.62
C CYS B 240 11.53 13.07 24.23
N PRO B 241 12.74 12.63 23.87
CA PRO B 241 13.33 13.06 22.59
C PRO B 241 12.59 12.55 21.37
N THR B 242 11.79 11.48 21.49
CA THR B 242 11.17 10.90 20.32
C THR B 242 10.04 11.76 19.78
N VAL B 243 9.42 12.60 20.62
CA VAL B 243 8.27 13.39 20.22
C VAL B 243 8.77 14.55 19.35
N GLU B 244 8.48 14.48 18.04
CA GLU B 244 8.92 15.52 17.12
C GLU B 244 7.97 16.70 17.12
N LYS B 245 6.67 16.45 17.26
CA LYS B 245 5.68 17.52 17.17
C LYS B 245 4.54 17.22 18.12
N VAL B 246 3.90 18.29 18.60
CA VAL B 246 2.79 18.22 19.53
C VAL B 246 1.62 18.96 18.91
N LEU B 247 0.43 18.37 19.00
CA LEU B 247 -0.80 19.03 18.56
C LEU B 247 -1.60 19.42 19.80
N VAL B 248 -1.89 20.71 19.92
CA VAL B 248 -2.51 21.27 21.11
C VAL B 248 -3.88 21.82 20.73
N TYR B 249 -4.91 21.37 21.42
CA TYR B 249 -6.26 21.89 21.24
C TYR B 249 -6.54 22.97 22.26
N LYS B 250 -7.18 24.05 21.80
CA LYS B 250 -7.50 25.20 22.65
C LYS B 250 -8.84 24.94 23.34
N ARG B 251 -8.78 24.09 24.39
CA ARG B 251 -9.97 23.81 25.17
C ARG B 251 -10.45 25.04 25.93
N THR B 252 -9.52 25.79 26.51
CA THR B 252 -9.84 27.03 27.22
C THR B 252 -9.32 28.27 26.53
N ASN B 253 -8.45 28.13 25.53
CA ASN B 253 -7.89 29.27 24.81
C ASN B 253 -7.26 30.28 25.78
N ASN B 254 -6.55 29.77 26.78
CA ASN B 254 -5.83 30.62 27.72
C ASN B 254 -4.56 31.15 27.06
N PRO B 255 -4.43 32.47 26.87
CA PRO B 255 -3.23 32.98 26.18
C PRO B 255 -1.93 32.71 26.92
N GLU B 256 -1.96 32.50 28.24
CA GLU B 256 -0.73 32.31 28.99
C GLU B 256 -0.09 30.94 28.78
N ILE B 257 -0.76 30.02 28.11
CA ILE B 257 -0.20 28.69 27.86
C ILE B 257 0.80 28.81 26.73
N HIS B 258 2.00 28.26 26.94
CA HIS B 258 3.13 28.47 26.05
C HIS B 258 3.31 27.29 25.10
N LEU B 259 3.52 27.59 23.83
CA LEU B 259 3.83 26.59 22.82
C LEU B 259 5.29 26.72 22.41
N THR B 260 5.99 25.60 22.39
CA THR B 260 7.39 25.55 21.98
C THR B 260 7.49 25.65 20.47
N GLU B 261 8.17 26.69 19.99
CA GLU B 261 8.28 26.89 18.55
C GLU B 261 8.99 25.70 17.91
N GLY B 262 8.43 25.25 16.79
CA GLY B 262 8.98 24.12 16.06
C GLY B 262 8.51 22.76 16.55
N ARG B 263 7.79 22.70 17.66
CA ARG B 263 7.23 21.44 18.17
C ARG B 263 5.74 21.50 18.38
N ASP B 264 5.22 22.59 18.94
CA ASP B 264 3.82 22.69 19.32
C ASP B 264 3.05 23.45 18.25
N TYR B 265 1.92 22.87 17.84
CA TYR B 265 1.05 23.48 16.83
C TYR B 265 -0.39 23.35 17.28
N TYR B 266 -1.23 24.26 16.83
CA TYR B 266 -2.60 24.36 17.30
C TYR B 266 -3.54 23.48 16.47
N TRP B 267 -4.42 22.77 17.16
CA TRP B 267 -5.36 21.86 16.51
C TRP B 267 -6.15 22.56 15.40
N ASP B 268 -6.80 23.67 15.73
CA ASP B 268 -7.63 24.36 14.74
C ASP B 268 -6.81 24.85 13.55
N VAL B 269 -5.64 25.43 13.82
CA VAL B 269 -4.85 26.02 12.75
C VAL B 269 -4.48 24.97 11.71
N GLU B 270 -4.01 23.80 12.18
CA GLU B 270 -3.54 22.78 11.25
C GLU B 270 -4.71 22.09 10.55
N THR B 271 -5.75 21.72 11.30
CA THR B 271 -6.87 21.03 10.67
C THR B 271 -7.53 21.89 9.60
N ALA B 272 -7.41 23.21 9.73
CA ALA B 272 -7.92 24.11 8.70
C ALA B 272 -7.18 23.94 7.38
N LYS B 273 -5.94 23.43 7.42
CA LYS B 273 -5.13 23.31 6.22
C LYS B 273 -5.50 22.12 5.34
N PHE B 274 -6.20 21.13 5.89
CA PHE B 274 -6.35 19.84 5.24
C PHE B 274 -7.82 19.50 5.01
N PRO B 275 -8.12 18.65 4.03
CA PRO B 275 -9.51 18.42 3.64
C PRO B 275 -10.23 17.44 4.56
N GLY B 276 -11.56 17.45 4.44
CA GLY B 276 -12.46 16.68 5.26
C GLY B 276 -12.58 15.20 4.94
N TYR B 277 -11.81 14.69 3.97
CA TYR B 277 -11.73 13.25 3.76
C TYR B 277 -10.29 12.86 3.50
N LEU B 278 -9.86 11.79 4.16
CA LEU B 278 -8.53 11.23 3.96
C LEU B 278 -8.67 9.73 3.84
N PRO B 279 -8.11 9.10 2.81
CA PRO B 279 -8.20 7.65 2.69
C PRO B 279 -7.66 6.97 3.94
N PRO B 280 -8.38 6.00 4.49
CA PRO B 280 -7.83 5.22 5.61
C PRO B 280 -6.73 4.28 5.13
N VAL B 281 -5.87 3.89 6.08
CA VAL B 281 -4.76 2.99 5.82
C VAL B 281 -5.17 1.60 6.26
N SER B 282 -5.09 0.64 5.35
CA SER B 282 -5.40 -0.74 5.70
C SER B 282 -4.29 -1.30 6.58
N VAL B 283 -4.67 -2.14 7.55
CA VAL B 283 -3.74 -2.78 8.46
C VAL B 283 -4.11 -4.24 8.59
N ASN B 284 -3.13 -5.06 8.94
CA ASN B 284 -3.39 -6.48 9.12
C ASN B 284 -4.20 -6.71 10.39
N SER B 285 -4.95 -7.81 10.41
CA SER B 285 -5.74 -8.17 11.59
C SER B 285 -4.92 -8.04 12.85
N GLU B 286 -3.68 -8.54 12.83
CA GLU B 286 -2.84 -8.60 14.01
C GLU B 286 -1.89 -7.42 14.13
N ASP B 287 -2.00 -6.44 13.23
CA ASP B 287 -1.27 -5.19 13.45
C ASP B 287 -1.84 -4.48 14.68
N PRO B 288 -1.00 -3.86 15.49
CA PRO B 288 -1.46 -3.37 16.80
C PRO B 288 -2.38 -2.16 16.63
N LEU B 289 -3.54 -2.22 17.30
CA LEU B 289 -4.45 -1.09 17.25
C LEU B 289 -4.06 -0.01 18.26
N PHE B 290 -3.67 -0.40 19.48
CA PHE B 290 -3.33 0.60 20.47
C PHE B 290 -2.53 -0.02 21.60
N LEU B 291 -1.74 0.83 22.26
CA LEU B 291 -1.08 0.50 23.52
C LEU B 291 -1.86 1.14 24.66
N LEU B 292 -2.06 0.38 25.73
CA LEU B 292 -2.68 0.91 26.94
C LEU B 292 -1.84 0.50 28.13
N TYR B 293 -1.23 1.48 28.79
CA TYR B 293 -0.33 1.21 29.91
C TYR B 293 -1.09 1.06 31.21
N THR B 294 -0.65 0.12 32.04
CA THR B 294 -1.31 -0.21 33.30
C THR B 294 -0.41 0.22 34.46
N SER B 295 -0.99 0.87 35.45
CA SER B 295 -0.27 1.29 36.64
C SER B 295 0.24 0.11 37.47
N GLY B 299 4.96 -0.21 40.30
CA GLY B 299 6.06 -0.73 39.53
C GLY B 299 6.20 -0.07 38.17
N THR B 300 7.12 -0.58 37.35
CA THR B 300 7.29 -0.05 36.01
C THR B 300 6.01 -0.22 35.20
N PRO B 301 5.58 0.79 34.45
CA PRO B 301 4.39 0.62 33.61
C PRO B 301 4.67 -0.25 32.40
N LYS B 302 3.68 -1.06 32.04
CA LYS B 302 3.77 -1.98 30.91
C LYS B 302 2.68 -1.65 29.90
N GLY B 303 3.04 -1.63 28.63
CA GLY B 303 2.09 -1.31 27.59
C GLY B 303 1.37 -2.53 27.05
N VAL B 304 0.10 -2.69 27.42
CA VAL B 304 -0.70 -3.80 26.91
C VAL B 304 -1.07 -3.48 25.47
N VAL B 305 -0.71 -4.39 24.55
CA VAL B 305 -0.91 -4.20 23.13
C VAL B 305 -2.14 -4.98 22.68
N HIS B 306 -3.01 -4.32 21.94
CA HIS B 306 -4.22 -4.94 21.41
C HIS B 306 -4.19 -4.88 19.88
N SER B 307 -4.43 -6.02 19.25
CA SER B 307 -4.51 -6.08 17.80
C SER B 307 -5.72 -5.29 17.31
N THR B 308 -5.96 -5.35 16.00
CA THR B 308 -7.06 -4.61 15.37
C THR B 308 -8.31 -5.48 15.23
N ALA B 309 -8.23 -6.54 14.44
CA ALA B 309 -9.41 -7.32 14.13
C ALA B 309 -10.01 -7.96 15.38
N GLY B 310 -9.17 -8.66 16.16
CA GLY B 310 -9.68 -9.36 17.32
C GLY B 310 -10.32 -8.43 18.34
N TYR B 311 -9.65 -7.31 18.63
CA TYR B 311 -10.18 -6.36 19.59
C TYR B 311 -11.50 -5.76 19.12
N LEU B 312 -11.56 -5.34 17.85
CA LEU B 312 -12.77 -4.72 17.35
C LEU B 312 -13.96 -5.68 17.38
N LEU B 313 -13.74 -6.93 16.98
CA LEU B 313 -14.82 -7.91 17.05
C LEU B 313 -15.27 -8.12 18.48
N GLY B 314 -14.33 -8.26 19.42
CA GLY B 314 -14.70 -8.41 20.81
C GLY B 314 -15.52 -7.24 21.32
N ALA B 315 -15.12 -6.01 20.96
CA ALA B 315 -15.88 -4.84 21.38
C ALA B 315 -17.30 -4.89 20.82
N ALA B 316 -17.42 -5.09 19.51
CA ALA B 316 -18.74 -5.11 18.89
C ALA B 316 -19.59 -6.27 19.41
N LEU B 317 -18.97 -7.44 19.57
CA LEU B 317 -19.72 -8.61 20.01
C LEU B 317 -20.24 -8.42 21.43
N SER B 318 -19.38 -8.01 22.36
CA SER B 318 -19.80 -7.79 23.73
C SER B 318 -20.83 -6.68 23.84
N THR B 319 -20.57 -5.55 23.16
CA THR B 319 -21.50 -4.43 23.20
C THR B 319 -22.88 -4.84 22.68
N LYS B 320 -22.91 -5.67 21.64
CA LYS B 320 -24.18 -6.06 21.04
C LYS B 320 -24.96 -6.98 21.97
N TYR B 321 -24.31 -8.00 22.52
CA TYR B 321 -25.01 -9.08 23.21
C TYR B 321 -25.09 -8.85 24.71
N ILE B 322 -24.01 -8.44 25.35
CA ILE B 322 -24.04 -8.28 26.80
C ILE B 322 -24.99 -7.15 27.18
N PHE B 323 -24.96 -6.04 26.44
CA PHE B 323 -25.81 -4.89 26.72
C PHE B 323 -27.09 -4.85 25.90
N ASP B 324 -27.26 -5.73 24.93
CA ASP B 324 -28.44 -5.72 24.07
C ASP B 324 -28.59 -4.35 23.40
N ILE B 325 -27.55 -3.97 22.66
CA ILE B 325 -27.53 -2.71 21.93
C ILE B 325 -28.19 -2.91 20.57
N HIS B 326 -29.10 -2.02 20.23
CA HIS B 326 -29.77 -2.00 18.93
C HIS B 326 -29.49 -0.67 18.24
N PRO B 327 -29.67 -0.60 16.92
CA PRO B 327 -29.32 0.64 16.21
C PRO B 327 -29.99 1.88 16.78
N GLU B 328 -31.22 1.74 17.27
CA GLU B 328 -31.97 2.86 17.82
C GLU B 328 -31.45 3.31 19.18
N ASP B 329 -30.57 2.54 19.81
CA ASP B 329 -30.20 2.78 21.20
C ASP B 329 -29.16 3.88 21.32
N ILE B 330 -29.03 4.41 22.54
CA ILE B 330 -28.04 5.42 22.89
C ILE B 330 -27.35 4.97 24.16
N LEU B 331 -26.02 4.93 24.13
CA LEU B 331 -25.22 4.43 25.24
C LEU B 331 -24.47 5.58 25.93
N PHE B 332 -24.40 5.49 27.26
CA PHE B 332 -23.66 6.45 28.09
C PHE B 332 -22.71 5.64 28.97
N THR B 333 -21.44 5.57 28.57
CA THR B 333 -20.42 4.88 29.34
C THR B 333 -19.65 5.93 30.14
N ALA B 334 -19.84 5.92 31.46
CA ALA B 334 -19.23 6.91 32.35
C ALA B 334 -17.81 6.49 32.72
N GLY B 335 -16.98 6.32 31.70
CA GLY B 335 -15.60 5.96 31.88
C GLY B 335 -14.69 6.83 31.03
N ASP B 336 -13.44 6.91 31.46
CA ASP B 336 -12.45 7.76 30.80
C ASP B 336 -11.66 6.94 29.79
N VAL B 337 -11.31 7.57 28.67
CA VAL B 337 -10.54 6.89 27.64
C VAL B 337 -9.17 6.45 28.15
N GLY B 338 -8.67 7.08 29.22
CA GLY B 338 -7.47 6.58 29.85
C GLY B 338 -7.61 5.19 30.45
N TRP B 339 -8.85 4.68 30.53
CA TRP B 339 -9.17 3.38 31.08
C TRP B 339 -9.72 2.50 29.96
N ILE B 340 -9.41 1.20 30.03
CA ILE B 340 -9.86 0.30 28.97
C ILE B 340 -11.36 0.38 28.79
N THR B 341 -12.10 0.69 29.86
CA THR B 341 -13.54 0.85 29.73
C THR B 341 -13.89 1.94 28.71
N GLY B 342 -13.21 3.09 28.82
CA GLY B 342 -13.43 4.14 27.84
C GLY B 342 -13.09 3.69 26.44
N HIS B 343 -11.95 3.01 26.28
CA HIS B 343 -11.55 2.52 24.97
C HIS B 343 -12.65 1.65 24.35
N THR B 344 -12.99 0.56 25.02
CA THR B 344 -13.85 -0.45 24.42
C THR B 344 -15.30 -0.03 24.34
N TYR B 345 -15.85 0.55 25.41
CA TYR B 345 -17.29 0.72 25.54
C TYR B 345 -17.74 2.18 25.55
N ALA B 346 -16.81 3.13 25.53
CA ALA B 346 -17.17 4.51 25.24
C ALA B 346 -16.92 4.87 23.79
N LEU B 347 -15.97 4.20 23.12
CA LEU B 347 -15.60 4.52 21.75
C LEU B 347 -15.91 3.38 20.80
N TYR B 348 -15.23 2.24 20.92
CA TYR B 348 -15.21 1.28 19.81
C TYR B 348 -16.51 0.51 19.69
N GLY B 349 -16.93 -0.16 20.76
CA GLY B 349 -18.15 -0.92 20.74
C GLY B 349 -19.31 -0.14 20.15
N PRO B 350 -19.60 1.03 20.73
CA PRO B 350 -20.75 1.81 20.23
C PRO B 350 -20.59 2.28 18.80
N LEU B 351 -19.44 2.86 18.44
CA LEU B 351 -19.28 3.41 17.11
C LEU B 351 -19.23 2.32 16.04
N LEU B 352 -18.66 1.16 16.38
CA LEU B 352 -18.72 0.01 15.46
C LEU B 352 -20.15 -0.34 15.14
N LEU B 353 -21.00 -0.41 16.16
CA LEU B 353 -22.42 -0.72 15.97
C LEU B 353 -23.21 0.47 15.43
N GLY B 354 -22.56 1.62 15.23
CA GLY B 354 -23.21 2.76 14.61
C GLY B 354 -24.18 3.52 15.50
N VAL B 355 -24.17 3.28 16.80
CA VAL B 355 -25.09 3.94 17.72
C VAL B 355 -24.41 5.19 18.30
N PRO B 356 -25.18 6.17 18.77
CA PRO B 356 -24.56 7.30 19.46
C PRO B 356 -23.94 6.90 20.79
N THR B 357 -22.84 7.57 21.13
CA THR B 357 -22.17 7.39 22.41
C THR B 357 -22.02 8.74 23.09
N ILE B 358 -22.25 8.77 24.40
CA ILE B 358 -22.18 9.99 25.19
C ILE B 358 -20.80 10.07 25.84
N ILE B 359 -20.14 11.22 25.65
CA ILE B 359 -18.79 11.48 26.14
C ILE B 359 -18.90 12.57 27.20
N PHE B 360 -18.71 12.20 28.47
CA PHE B 360 -18.89 13.13 29.58
C PHE B 360 -17.54 13.59 30.10
N GLU B 361 -17.32 14.91 30.07
CA GLU B 361 -16.06 15.50 30.47
C GLU B 361 -15.98 15.78 31.97
N GLY B 362 -17.12 16.04 32.61
CA GLY B 362 -17.15 16.52 33.98
C GLY B 362 -17.11 15.43 35.03
N THR B 363 -17.55 15.78 36.23
CA THR B 363 -17.59 14.96 37.42
C THR B 363 -19.04 14.62 37.78
N PRO B 364 -19.30 13.50 38.47
CA PRO B 364 -20.68 13.19 38.84
C PRO B 364 -21.32 14.24 39.74
N ALA B 365 -20.54 15.10 40.37
CA ALA B 365 -21.05 16.05 41.34
C ALA B 365 -21.25 17.46 40.78
N TYR B 366 -20.54 17.84 39.74
CA TYR B 366 -20.65 19.21 39.23
C TYR B 366 -21.73 19.28 38.15
N PRO B 367 -22.61 20.28 38.19
CA PRO B 367 -22.82 21.28 39.25
C PRO B 367 -23.47 20.66 40.49
N ASP B 368 -24.27 19.62 40.31
CA ASP B 368 -24.88 18.90 41.42
C ASP B 368 -24.82 17.41 41.11
N TYR B 369 -25.15 16.59 42.11
CA TYR B 369 -25.06 15.14 41.97
C TYR B 369 -26.15 14.57 41.08
N GLY B 370 -26.99 15.41 40.49
CA GLY B 370 -27.93 14.99 39.46
C GLY B 370 -27.38 15.08 38.05
N ARG B 371 -26.07 15.23 37.89
CA ARG B 371 -25.50 15.47 36.56
C ARG B 371 -25.71 14.27 35.65
N PHE B 372 -25.36 13.07 36.11
CA PHE B 372 -25.57 11.88 35.31
C PHE B 372 -27.01 11.78 34.84
N TRP B 373 -27.94 11.95 35.77
CA TRP B 373 -29.35 11.78 35.45
C TRP B 373 -29.85 12.89 34.53
N GLN B 374 -29.33 14.11 34.72
CA GLN B 374 -29.65 15.20 33.80
C GLN B 374 -29.29 14.84 32.37
N ILE B 375 -28.10 14.27 32.17
CA ILE B 375 -27.66 13.89 30.83
C ILE B 375 -28.54 12.77 30.27
N VAL B 376 -28.81 11.76 31.09
CA VAL B 376 -29.61 10.62 30.63
C VAL B 376 -30.99 11.10 30.16
N GLU B 377 -31.65 11.94 30.95
CA GLU B 377 -32.95 12.47 30.54
C GLU B 377 -32.81 13.33 29.29
N LYS B 378 -31.72 14.10 29.20
CA LYS B 378 -31.56 15.02 28.08
C LYS B 378 -31.50 14.27 26.75
N HIS B 379 -30.81 13.13 26.71
CA HIS B 379 -30.57 12.42 25.47
C HIS B 379 -31.30 11.08 25.39
N LYS B 380 -32.22 10.82 26.32
CA LYS B 380 -33.02 9.59 26.30
C LYS B 380 -32.12 8.36 26.19
N ALA B 381 -31.04 8.35 26.96
CA ALA B 381 -30.09 7.26 26.92
C ALA B 381 -30.77 5.94 27.27
N THR B 382 -30.49 4.91 26.47
CA THR B 382 -31.07 3.59 26.68
C THR B 382 -30.18 2.69 27.53
N HIS B 383 -28.87 2.94 27.53
CA HIS B 383 -27.92 2.11 28.27
C HIS B 383 -26.98 3.00 29.07
N PHE B 384 -26.73 2.59 30.31
CA PHE B 384 -25.88 3.35 31.23
C PHE B 384 -24.85 2.41 31.84
N TYR B 385 -23.58 2.82 31.79
CA TYR B 385 -22.46 1.98 32.22
C TYR B 385 -21.61 2.82 33.17
N VAL B 386 -21.42 2.34 34.40
CA VAL B 386 -20.76 3.11 35.45
C VAL B 386 -20.04 2.17 36.38
N ALA B 387 -19.01 2.71 37.13
CA ALA B 387 -18.29 1.93 38.12
C ALA B 387 -18.99 1.97 39.47
N PRO B 388 -18.88 0.91 40.28
CA PRO B 388 -19.53 0.94 41.60
C PRO B 388 -19.04 2.06 42.50
N THR B 389 -17.82 2.56 42.32
CA THR B 389 -17.34 3.66 43.15
C THR B 389 -18.26 4.86 43.04
N ALA B 390 -18.59 5.26 41.81
CA ALA B 390 -19.51 6.36 41.61
C ALA B 390 -20.87 6.04 42.20
N LEU B 391 -21.30 4.78 42.11
CA LEU B 391 -22.58 4.39 42.70
C LEU B 391 -22.58 4.61 44.20
N ARG B 392 -21.49 4.26 44.88
CA ARG B 392 -21.41 4.49 46.32
C ARG B 392 -21.43 5.98 46.63
N LEU B 393 -20.69 6.78 45.84
CA LEU B 393 -20.68 8.22 46.05
C LEU B 393 -22.07 8.80 45.88
N LEU B 394 -22.77 8.39 44.82
CA LEU B 394 -24.11 8.89 44.57
C LEU B 394 -25.11 8.38 45.60
N ARG B 395 -24.92 7.15 46.09
CA ARG B 395 -25.73 6.65 47.20
C ARG B 395 -25.66 7.59 48.39
N LYS B 396 -24.47 8.12 48.68
CA LYS B 396 -24.30 9.00 49.83
C LYS B 396 -24.95 10.36 49.59
N ALA B 397 -24.75 10.95 48.41
CA ALA B 397 -25.03 12.37 48.21
C ALA B 397 -26.17 12.67 47.25
N GLY B 398 -26.50 11.77 46.32
CA GLY B 398 -27.41 12.13 45.25
C GLY B 398 -28.71 11.34 45.20
N GLU B 399 -29.09 10.72 46.32
CA GLU B 399 -30.34 9.96 46.33
C GLU B 399 -31.53 10.86 46.03
N GLN B 400 -31.56 12.05 46.64
CA GLN B 400 -32.69 12.96 46.41
C GLN B 400 -32.73 13.43 44.97
N GLU B 401 -31.56 13.57 44.31
CA GLU B 401 -31.53 14.11 42.96
C GLU B 401 -32.04 13.09 41.94
N ILE B 402 -31.94 11.80 42.25
CA ILE B 402 -32.35 10.78 41.30
C ILE B 402 -33.82 10.93 40.94
N ALA B 403 -34.65 11.21 41.93
CA ALA B 403 -36.10 11.30 41.70
C ALA B 403 -36.48 12.51 40.85
N LYS B 404 -35.64 13.55 40.81
CA LYS B 404 -35.98 14.75 40.07
C LYS B 404 -36.00 14.54 38.56
N TYR B 405 -35.28 13.53 38.06
CA TYR B 405 -35.07 13.35 36.63
C TYR B 405 -35.82 12.12 36.12
N ASP B 406 -36.04 12.11 34.80
CA ASP B 406 -36.78 11.05 34.12
C ASP B 406 -35.78 10.08 33.50
N LEU B 407 -35.71 8.86 34.06
CA LEU B 407 -34.80 7.83 33.59
C LEU B 407 -35.53 6.68 32.88
N SER B 408 -36.76 6.91 32.42
CA SER B 408 -37.53 5.83 31.81
C SER B 408 -36.91 5.33 30.51
N SER B 409 -36.07 6.12 29.85
CA SER B 409 -35.46 5.66 28.61
C SER B 409 -34.51 4.48 28.84
N LEU B 410 -33.90 4.41 30.02
CA LEU B 410 -32.94 3.36 30.30
C LEU B 410 -33.64 2.00 30.41
N ARG B 411 -32.93 0.95 29.97
CA ARG B 411 -33.36 -0.42 30.25
C ARG B 411 -32.21 -1.35 30.60
N THR B 412 -30.95 -0.96 30.36
CA THR B 412 -29.80 -1.79 30.69
C THR B 412 -28.82 -0.94 31.49
N LEU B 413 -28.43 -1.44 32.67
CA LEU B 413 -27.48 -0.76 33.54
C LEU B 413 -26.27 -1.66 33.76
N GLY B 414 -25.08 -1.09 33.62
CA GLY B 414 -23.84 -1.84 33.71
C GLY B 414 -23.00 -1.45 34.90
N SER B 415 -22.21 -2.40 35.39
CA SER B 415 -21.26 -2.18 36.48
C SER B 415 -19.90 -2.68 36.04
N VAL B 416 -18.85 -1.90 36.35
CA VAL B 416 -17.53 -2.12 35.79
C VAL B 416 -16.44 -1.88 36.84
N GLY B 417 -15.38 -2.67 36.76
CA GLY B 417 -14.10 -2.35 37.38
C GLY B 417 -13.85 -2.94 38.75
N GLU B 418 -14.90 -3.33 39.48
CA GLU B 418 -14.73 -3.87 40.82
C GLU B 418 -15.94 -4.75 41.13
N PRO B 419 -15.84 -5.62 42.14
CA PRO B 419 -17.04 -6.34 42.59
C PRO B 419 -18.11 -5.38 43.08
N ILE B 420 -19.35 -5.66 42.71
CA ILE B 420 -20.51 -4.89 43.14
C ILE B 420 -21.21 -5.66 44.26
N SER B 421 -21.27 -5.04 45.44
CA SER B 421 -21.92 -5.70 46.57
C SER B 421 -23.42 -5.81 46.32
N PRO B 422 -24.07 -6.85 46.85
CA PRO B 422 -25.52 -6.98 46.63
C PRO B 422 -26.32 -5.77 47.09
N ASP B 423 -25.92 -5.12 48.18
CA ASP B 423 -26.62 -3.92 48.62
C ASP B 423 -26.51 -2.81 47.58
N ILE B 424 -25.32 -2.60 47.03
CA ILE B 424 -25.17 -1.62 45.95
C ILE B 424 -25.95 -2.09 44.72
N TRP B 425 -26.00 -3.40 44.49
CA TRP B 425 -26.79 -3.94 43.39
C TRP B 425 -28.27 -3.58 43.56
N GLU B 426 -28.81 -3.78 44.77
CA GLU B 426 -30.22 -3.44 45.00
C GLU B 426 -30.44 -1.93 44.90
N TRP B 427 -29.52 -1.13 45.44
CA TRP B 427 -29.62 0.32 45.30
C TRP B 427 -29.63 0.72 43.83
N TYR B 428 -28.70 0.17 43.05
CA TYR B 428 -28.67 0.43 41.61
C TYR B 428 -30.02 0.09 40.98
N ASN B 429 -30.56 -1.08 41.31
CA ASN B 429 -31.80 -1.53 40.71
C ASN B 429 -32.96 -0.61 41.08
N GLU B 430 -33.01 -0.18 42.34
CA GLU B 430 -34.18 0.55 42.84
C GLU B 430 -34.19 2.01 42.38
N PHE B 431 -33.12 2.75 42.65
CA PHE B 431 -33.17 4.19 42.45
C PHE B 431 -32.92 4.57 41.00
N VAL B 432 -31.99 3.90 40.32
CA VAL B 432 -31.73 4.20 38.91
C VAL B 432 -32.61 3.34 38.01
N GLY B 433 -32.60 2.03 38.20
CA GLY B 433 -33.39 1.15 37.34
C GLY B 433 -34.86 1.10 37.68
N LYS B 434 -35.23 1.48 38.90
CA LYS B 434 -36.62 1.41 39.34
C LYS B 434 -37.15 -0.02 39.27
N ASN B 435 -36.26 -0.99 39.39
CA ASN B 435 -36.60 -2.41 39.21
C ASN B 435 -37.32 -2.63 37.89
N GLN B 436 -36.91 -1.87 36.86
CA GLN B 436 -37.44 -2.00 35.52
C GLN B 436 -36.36 -2.25 34.49
N CYS B 437 -35.10 -2.33 34.91
CA CYS B 437 -33.97 -2.46 34.00
C CYS B 437 -33.21 -3.74 34.31
N HIS B 438 -32.46 -4.20 33.31
CA HIS B 438 -31.53 -5.30 33.49
C HIS B 438 -30.20 -4.75 33.98
N ILE B 439 -29.53 -5.50 34.85
CA ILE B 439 -28.26 -5.11 35.44
C ILE B 439 -27.18 -6.06 34.93
N SER B 440 -26.12 -5.49 34.37
CA SER B 440 -25.02 -6.26 33.77
C SER B 440 -23.74 -5.97 34.58
N ASP B 441 -23.36 -6.92 35.42
CA ASP B 441 -22.10 -6.84 36.18
C ASP B 441 -21.00 -7.45 35.31
N THR B 442 -20.21 -6.60 34.67
CA THR B 442 -19.23 -7.03 33.68
C THR B 442 -17.88 -7.24 34.34
N TYR B 443 -17.32 -8.44 34.20
CA TYR B 443 -15.97 -8.74 34.66
C TYR B 443 -15.05 -8.82 33.44
N TRP B 444 -13.95 -8.08 33.49
CA TRP B 444 -12.96 -8.12 32.42
C TRP B 444 -11.77 -7.27 32.84
N GLN B 445 -10.71 -7.35 32.04
CA GLN B 445 -9.45 -6.66 32.30
C GLN B 445 -9.07 -5.82 31.09
N THR B 446 -8.08 -4.94 31.30
CA THR B 446 -7.44 -4.29 30.17
C THR B 446 -6.92 -5.32 29.17
N GLU B 447 -6.36 -6.41 29.68
CA GLU B 447 -5.75 -7.41 28.81
C GLU B 447 -6.80 -8.18 28.02
N SER B 448 -8.01 -8.34 28.56
CA SER B 448 -9.03 -9.12 27.85
C SER B 448 -9.66 -8.34 26.71
N GLY B 449 -9.56 -7.02 26.71
CA GLY B 449 -10.07 -6.22 25.62
C GLY B 449 -11.57 -5.98 25.71
N SER B 450 -12.31 -7.00 26.12
CA SER B 450 -13.76 -6.91 26.21
C SER B 450 -14.22 -7.85 27.33
N HIS B 451 -15.54 -8.01 27.45
CA HIS B 451 -16.12 -8.74 28.56
C HIS B 451 -15.65 -10.19 28.59
N LEU B 452 -15.35 -10.68 29.78
CA LEU B 452 -15.01 -12.08 30.02
C LEU B 452 -16.19 -12.85 30.61
N ILE B 453 -16.74 -12.35 31.72
CA ILE B 453 -17.90 -12.93 32.37
C ILE B 453 -18.89 -11.81 32.62
N ALA B 454 -20.12 -11.97 32.15
CA ALA B 454 -21.13 -10.94 32.30
C ALA B 454 -22.52 -11.50 31.99
N PRO B 455 -23.56 -11.07 32.71
CA PRO B 455 -24.92 -11.54 32.42
C PRO B 455 -25.52 -10.77 31.25
N LEU B 456 -25.91 -11.49 30.21
CA LEU B 456 -26.45 -10.86 29.02
C LEU B 456 -27.77 -10.16 29.31
N ALA B 457 -27.90 -8.94 28.79
CA ALA B 457 -29.11 -8.16 28.99
C ALA B 457 -30.29 -8.85 28.32
N GLY B 458 -31.34 -9.10 29.10
CA GLY B 458 -32.55 -9.70 28.57
C GLY B 458 -32.50 -11.20 28.35
N VAL B 459 -31.44 -11.87 28.79
CA VAL B 459 -31.28 -13.29 28.55
C VAL B 459 -31.03 -14.05 29.84
N VAL B 460 -30.10 -13.55 30.65
CA VAL B 460 -29.60 -14.27 31.83
C VAL B 460 -30.25 -13.67 33.07
N PRO B 461 -30.95 -14.46 33.88
CA PRO B 461 -31.40 -13.95 35.19
C PRO B 461 -30.22 -13.70 36.11
N ASN B 462 -30.40 -12.77 37.03
CA ASN B 462 -29.30 -12.22 37.82
C ASN B 462 -29.26 -12.81 39.22
N LYS B 463 -28.04 -13.05 39.71
CA LYS B 463 -27.77 -13.23 41.13
C LYS B 463 -27.01 -12.01 41.61
N PRO B 464 -27.58 -11.14 42.45
CA PRO B 464 -26.87 -9.91 42.82
C PRO B 464 -25.47 -10.19 43.34
N GLY B 465 -24.49 -9.50 42.76
CA GLY B 465 -23.10 -9.69 43.12
C GLY B 465 -22.36 -10.73 42.31
N SER B 466 -23.02 -11.34 41.32
CA SER B 466 -22.42 -12.41 40.53
C SER B 466 -22.30 -11.95 39.08
N ALA B 467 -21.13 -12.17 38.49
CA ALA B 467 -20.93 -11.89 37.07
C ALA B 467 -21.64 -12.90 36.18
N SER B 468 -22.01 -14.06 36.72
CA SER B 468 -22.80 -15.06 36.01
C SER B 468 -21.96 -15.83 35.01
N TYR B 469 -22.49 -16.09 33.81
CA TYR B 469 -21.85 -17.01 32.89
C TYR B 469 -20.78 -16.30 32.06
N PRO B 470 -19.73 -17.03 31.64
CA PRO B 470 -18.74 -16.43 30.76
C PRO B 470 -19.31 -16.18 29.36
N PHE B 471 -18.66 -15.27 28.64
CA PHE B 471 -19.13 -14.86 27.34
C PHE B 471 -18.46 -15.70 26.24
N PHE B 472 -18.91 -15.48 25.00
CA PHE B 472 -18.41 -16.24 23.86
C PHE B 472 -16.89 -16.23 23.82
N GLY B 473 -16.32 -17.39 23.52
CA GLY B 473 -14.88 -17.56 23.41
C GLY B 473 -14.14 -17.62 24.73
N ILE B 474 -14.83 -17.46 25.85
CA ILE B 474 -14.22 -17.43 27.16
C ILE B 474 -14.52 -18.77 27.83
N ASP B 475 -13.51 -19.65 27.88
CA ASP B 475 -13.63 -20.96 28.53
C ASP B 475 -13.08 -20.81 29.94
N ALA B 476 -13.94 -20.40 30.87
CA ALA B 476 -13.50 -20.14 32.23
C ALA B 476 -13.16 -21.43 32.95
N ALA B 477 -12.27 -21.33 33.94
CA ALA B 477 -11.84 -22.46 34.73
C ALA B 477 -11.33 -21.97 36.08
N LEU B 478 -11.44 -22.83 37.09
CA LEU B 478 -10.91 -22.55 38.41
C LEU B 478 -9.73 -23.47 38.68
N ILE B 479 -8.59 -22.90 39.05
CA ILE B 479 -7.38 -23.64 39.34
C ILE B 479 -7.10 -23.56 40.83
N ASP B 480 -6.76 -24.70 41.43
CA ASP B 480 -6.24 -24.71 42.80
C ASP B 480 -4.83 -24.15 42.78
N PRO B 481 -4.56 -23.02 43.45
CA PRO B 481 -3.21 -22.44 43.36
C PRO B 481 -2.10 -23.35 43.86
N VAL B 482 -2.35 -24.16 44.89
CA VAL B 482 -1.27 -24.97 45.47
C VAL B 482 -0.89 -26.11 44.53
N THR B 483 -1.88 -26.84 44.02
CA THR B 483 -1.59 -27.96 43.13
C THR B 483 -1.37 -27.51 41.69
N GLY B 484 -1.85 -26.32 41.30
CA GLY B 484 -1.77 -25.92 39.91
C GLY B 484 -2.65 -26.75 39.01
N VAL B 485 -3.70 -27.37 39.55
CA VAL B 485 -4.58 -28.27 38.81
C VAL B 485 -5.96 -27.65 38.74
N GLU B 486 -6.60 -27.80 37.59
CA GLU B 486 -7.95 -27.28 37.42
C GLU B 486 -8.92 -28.01 38.35
N ILE B 487 -9.84 -27.27 38.94
CA ILE B 487 -10.83 -27.82 39.86
C ILE B 487 -12.08 -28.13 39.05
N GLU B 488 -12.42 -29.41 38.93
CA GLU B 488 -13.62 -29.82 38.23
C GLU B 488 -14.84 -29.74 39.17
N GLY B 489 -16.01 -29.59 38.56
CA GLY B 489 -17.25 -29.55 39.30
C GLY B 489 -17.54 -28.18 39.86
N ASN B 490 -18.78 -28.02 40.33
CA ASN B 490 -19.26 -26.76 40.86
C ASN B 490 -18.99 -26.70 42.36
N ASP B 491 -19.48 -25.66 43.02
CA ASP B 491 -19.23 -25.45 44.45
C ASP B 491 -17.72 -25.41 44.72
N ALA B 492 -17.02 -24.59 43.93
CA ALA B 492 -15.57 -24.54 43.96
C ALA B 492 -15.10 -23.11 44.06
N GLU B 493 -13.89 -22.94 44.59
CA GLU B 493 -13.23 -21.66 44.71
C GLU B 493 -11.77 -21.81 44.29
N GLY B 494 -11.24 -20.81 43.61
CA GLY B 494 -9.85 -20.86 43.18
C GLY B 494 -9.51 -19.65 42.34
N VAL B 495 -8.30 -19.67 41.79
CA VAL B 495 -7.85 -18.60 40.89
C VAL B 495 -8.49 -18.80 39.52
N LEU B 496 -9.03 -17.71 38.98
CA LEU B 496 -9.74 -17.77 37.70
C LEU B 496 -8.75 -17.74 36.55
N ALA B 497 -8.92 -18.66 35.60
CA ALA B 497 -8.08 -18.72 34.42
C ALA B 497 -8.95 -19.02 33.20
N ILE B 498 -8.37 -18.84 32.02
CA ILE B 498 -9.05 -19.12 30.76
C ILE B 498 -8.27 -20.19 30.03
N LYS B 499 -8.99 -21.15 29.45
CA LYS B 499 -8.35 -22.34 28.88
C LYS B 499 -7.84 -22.13 27.46
N ASP B 500 -8.31 -21.10 26.76
CA ASP B 500 -7.83 -20.81 25.42
C ASP B 500 -7.98 -19.32 25.16
N HIS B 501 -7.16 -18.81 24.24
CA HIS B 501 -7.18 -17.38 23.95
C HIS B 501 -8.41 -17.00 23.15
N TRP B 502 -8.83 -15.75 23.32
CA TRP B 502 -10.03 -15.20 22.71
C TRP B 502 -9.68 -14.06 21.75
N PRO B 503 -10.60 -13.66 20.88
CA PRO B 503 -10.23 -12.71 19.81
C PRO B 503 -9.61 -11.43 20.33
N SER B 504 -10.20 -10.81 21.35
CA SER B 504 -9.74 -9.52 21.82
C SER B 504 -8.68 -9.62 22.91
N MET B 505 -8.09 -10.79 23.11
CA MET B 505 -7.03 -10.92 24.08
C MET B 505 -5.81 -10.11 23.65
N ALA B 506 -5.19 -9.42 24.63
CA ALA B 506 -3.98 -8.68 24.34
C ALA B 506 -2.89 -9.63 23.85
N ARG B 507 -2.16 -9.20 22.83
CA ARG B 507 -1.22 -10.06 22.13
C ARG B 507 0.18 -10.01 22.72
N THR B 508 0.58 -8.88 23.29
CA THR B 508 1.91 -8.76 23.88
C THR B 508 1.92 -7.57 24.82
N VAL B 509 3.05 -7.40 25.50
CA VAL B 509 3.38 -6.17 26.22
C VAL B 509 4.48 -5.48 25.43
N TYR B 510 4.26 -4.21 25.11
CA TYR B 510 5.08 -3.53 24.11
C TYR B 510 6.56 -3.76 24.35
N LYS B 511 7.21 -4.36 23.35
CA LYS B 511 8.65 -4.59 23.33
C LYS B 511 9.16 -5.38 24.53
N ASN B 512 8.25 -6.02 25.29
CA ASN B 512 8.64 -6.91 26.38
C ASN B 512 7.66 -8.09 26.35
N HIS B 513 7.90 -9.03 25.43
CA HIS B 513 7.06 -10.20 25.34
C HIS B 513 7.37 -11.21 26.45
N THR B 514 8.57 -11.17 27.00
CA THR B 514 8.90 -12.03 28.13
C THR B 514 8.05 -11.67 29.34
N LYS B 515 7.86 -10.37 29.60
CA LYS B 515 6.96 -9.94 30.66
C LYS B 515 5.53 -10.40 30.40
N TYR B 516 5.08 -10.30 29.15
CA TYR B 516 3.76 -10.80 28.79
C TYR B 516 3.62 -12.28 29.14
N MET B 517 4.60 -13.10 28.76
CA MET B 517 4.55 -14.52 29.06
C MET B 517 4.62 -14.76 30.56
N ASP B 518 5.56 -14.10 31.24
CA ASP B 518 5.73 -14.33 32.67
C ASP B 518 4.50 -13.91 33.47
N THR B 519 3.76 -12.91 32.98
CA THR B 519 2.64 -12.39 33.75
C THR B 519 1.39 -13.23 33.57
N TYR B 520 1.07 -13.61 32.33
CA TYR B 520 -0.22 -14.23 32.02
C TYR B 520 -0.10 -15.69 31.62
N MET B 521 0.85 -16.03 30.74
CA MET B 521 0.90 -17.36 30.15
C MET B 521 1.68 -18.37 30.99
N ASN B 522 2.84 -17.97 31.52
CA ASN B 522 3.77 -18.89 32.17
C ASN B 522 3.33 -19.33 33.55
N PRO B 523 2.70 -18.47 34.36
CA PRO B 523 2.37 -18.89 35.74
C PRO B 523 1.56 -20.17 35.80
N TYR B 524 0.61 -20.36 34.88
CA TYR B 524 -0.18 -21.59 34.80
C TYR B 524 -0.17 -22.03 33.34
N PRO B 525 0.79 -22.87 32.94
CA PRO B 525 0.95 -23.19 31.52
C PRO B 525 -0.33 -23.78 30.94
N GLY B 526 -0.61 -23.41 29.69
CA GLY B 526 -1.84 -23.78 29.04
C GLY B 526 -3.03 -22.92 29.40
N TYR B 527 -2.84 -21.93 30.27
CA TYR B 527 -3.92 -21.09 30.76
C TYR B 527 -3.53 -19.63 30.65
N TYR B 528 -4.55 -18.77 30.63
CA TYR B 528 -4.39 -17.34 30.81
C TYR B 528 -4.71 -17.03 32.27
N PHE B 529 -3.76 -16.43 32.98
CA PHE B 529 -3.93 -16.15 34.40
C PHE B 529 -4.51 -14.75 34.56
N THR B 530 -5.72 -14.68 35.12
CA THR B 530 -6.37 -13.39 35.30
C THR B 530 -5.72 -12.57 36.40
N GLY B 531 -5.14 -13.22 37.40
CA GLY B 531 -4.74 -12.53 38.61
C GLY B 531 -5.85 -12.31 39.60
N ASP B 532 -7.03 -12.87 39.34
CA ASP B 532 -8.19 -12.74 40.21
C ASP B 532 -8.59 -14.12 40.73
N GLY B 533 -9.05 -14.15 41.98
CA GLY B 533 -9.68 -15.33 42.54
C GLY B 533 -11.20 -15.24 42.41
N ALA B 534 -11.83 -16.38 42.21
CA ALA B 534 -13.27 -16.42 41.99
C ALA B 534 -13.81 -17.80 42.38
N ALA B 535 -15.13 -17.87 42.52
CA ALA B 535 -15.82 -19.11 42.85
C ALA B 535 -17.01 -19.29 41.91
N ARG B 536 -17.42 -20.54 41.75
CA ARG B 536 -18.56 -20.90 40.90
C ARG B 536 -19.49 -21.84 41.65
N ASP B 537 -20.78 -21.55 41.57
CA ASP B 537 -21.81 -22.30 42.30
C ASP B 537 -22.39 -23.40 41.42
N HIS B 538 -23.41 -24.09 41.94
CA HIS B 538 -23.99 -25.23 41.24
C HIS B 538 -24.68 -24.81 39.96
N ASP B 539 -25.19 -23.58 39.90
CA ASP B 539 -25.86 -23.09 38.71
C ASP B 539 -24.89 -22.62 37.64
N GLY B 540 -23.58 -22.64 37.92
CA GLY B 540 -22.59 -22.21 36.97
C GLY B 540 -22.22 -20.74 37.06
N TYR B 541 -22.93 -19.97 37.87
CA TYR B 541 -22.60 -18.56 38.04
C TYR B 541 -21.24 -18.41 38.69
N TYR B 542 -20.45 -17.46 38.20
CA TYR B 542 -19.12 -17.18 38.74
C TYR B 542 -19.21 -15.99 39.69
N TRP B 543 -18.52 -16.12 40.83
CA TRP B 543 -18.49 -15.09 41.87
C TRP B 543 -17.06 -14.61 41.99
N ILE B 544 -16.82 -13.34 41.70
CA ILE B 544 -15.47 -12.78 41.72
C ILE B 544 -15.10 -12.47 43.16
N ARG B 545 -14.02 -13.07 43.64
CA ARG B 545 -13.55 -12.86 45.01
C ARG B 545 -12.48 -11.79 45.09
N GLY B 546 -12.03 -11.25 43.95
CA GLY B 546 -11.06 -10.18 43.91
C GLY B 546 -9.67 -10.68 43.63
N ARG B 547 -8.73 -9.74 43.62
CA ARG B 547 -7.36 -10.06 43.25
C ARG B 547 -6.75 -11.07 44.23
N VAL B 548 -5.75 -11.79 43.74
CA VAL B 548 -5.08 -12.82 44.51
C VAL B 548 -3.90 -12.23 45.29
N GLN C 20 24.52 -46.28 -34.04
CA GLN C 20 24.61 -44.93 -34.59
C GLN C 20 25.76 -44.15 -33.96
N THR C 21 26.78 -43.90 -34.77
CA THR C 21 27.97 -43.16 -34.34
C THR C 21 27.73 -41.67 -34.55
N HIS C 22 27.84 -40.90 -33.47
CA HIS C 22 27.67 -39.46 -33.55
C HIS C 22 28.96 -38.85 -34.07
N ASN C 23 28.85 -38.02 -35.11
CA ASN C 23 30.03 -37.37 -35.64
C ASN C 23 30.54 -36.26 -34.72
N VAL C 24 29.63 -35.62 -33.98
CA VAL C 24 29.99 -34.54 -33.07
C VAL C 24 29.92 -34.98 -31.61
N VAL C 25 28.83 -35.63 -31.22
CA VAL C 25 28.58 -35.94 -29.80
C VAL C 25 29.28 -37.27 -29.53
N HIS C 26 30.59 -37.18 -29.29
CA HIS C 26 31.37 -38.37 -29.00
C HIS C 26 30.95 -39.01 -27.68
N GLU C 27 30.50 -38.20 -26.72
CA GLU C 27 30.05 -38.74 -25.44
C GLU C 27 28.94 -39.76 -25.63
N ALA C 28 28.06 -39.53 -26.61
CA ALA C 28 26.84 -40.31 -26.72
C ALA C 28 27.10 -41.72 -27.22
N ASN C 29 28.18 -41.94 -27.96
CA ASN C 29 28.41 -43.24 -28.59
C ASN C 29 28.49 -44.34 -27.53
N GLY C 30 27.72 -45.40 -27.74
CA GLY C 30 27.79 -46.56 -26.87
C GLY C 30 27.32 -46.34 -25.46
N VAL C 31 26.31 -45.49 -25.26
CA VAL C 31 25.72 -45.26 -23.95
C VAL C 31 24.29 -45.78 -23.98
N LYS C 32 23.99 -46.73 -23.11
CA LYS C 32 22.68 -47.36 -23.06
C LYS C 32 21.79 -46.61 -22.07
N LEU C 33 20.54 -46.40 -22.46
CA LEU C 33 19.59 -45.78 -21.54
C LEU C 33 19.46 -46.61 -20.28
N ARG C 34 19.40 -45.93 -19.13
CA ARG C 34 19.29 -46.58 -17.83
C ARG C 34 17.89 -46.29 -17.30
N GLU C 35 16.99 -47.26 -17.45
CA GLU C 35 15.63 -47.11 -16.95
C GLU C 35 15.62 -46.98 -15.43
N THR C 36 14.60 -46.30 -14.91
CA THR C 36 14.49 -46.11 -13.48
C THR C 36 14.31 -47.47 -12.79
N PRO C 37 15.08 -47.76 -11.74
CA PRO C 37 14.93 -49.07 -11.08
C PRO C 37 13.52 -49.27 -10.55
N LYS C 38 13.13 -50.55 -10.48
CA LYS C 38 11.80 -50.89 -10.00
C LYS C 38 11.58 -50.41 -8.58
N GLU C 39 12.62 -50.51 -7.74
CA GLU C 39 12.48 -50.14 -6.34
C GLU C 39 12.08 -48.67 -6.16
N PHE C 40 12.41 -47.83 -7.14
CA PHE C 40 11.99 -46.43 -7.07
C PHE C 40 10.48 -46.33 -6.97
N PHE C 41 9.76 -46.98 -7.88
CA PHE C 41 8.30 -46.91 -7.86
C PHE C 41 7.74 -47.68 -6.67
N GLU C 42 8.42 -48.73 -6.24
CA GLU C 42 7.99 -49.45 -5.04
C GLU C 42 7.95 -48.51 -3.84
N ARG C 43 9.00 -47.72 -3.66
CA ARG C 43 9.14 -46.85 -2.49
C ARG C 43 8.32 -45.56 -2.58
N GLN C 44 7.99 -45.09 -3.78
CA GLN C 44 7.30 -43.81 -3.88
C GLN C 44 5.93 -43.91 -3.21
N PRO C 45 5.56 -42.96 -2.35
CA PRO C 45 4.35 -43.14 -1.53
C PRO C 45 3.05 -43.09 -2.31
N ASN C 46 3.01 -42.40 -3.45
CA ASN C 46 1.78 -42.24 -4.20
C ASN C 46 2.09 -42.32 -5.69
N LYS C 47 1.03 -42.28 -6.49
CA LYS C 47 1.18 -42.24 -7.94
C LYS C 47 2.13 -41.14 -8.34
N GLY C 48 2.88 -41.37 -9.42
CA GLY C 48 3.82 -40.38 -9.89
C GLY C 48 3.11 -39.16 -10.47
N HIS C 49 3.79 -38.02 -10.39
CA HIS C 49 3.20 -36.79 -10.92
C HIS C 49 3.06 -36.84 -12.43
N ILE C 50 3.93 -37.58 -13.11
CA ILE C 50 3.88 -37.74 -14.56
C ILE C 50 3.88 -39.23 -14.88
N HIS C 51 2.99 -39.65 -15.78
CA HIS C 51 2.85 -41.07 -16.08
C HIS C 51 4.06 -41.59 -16.85
N ASP C 52 4.37 -40.98 -18.00
CA ASP C 52 5.41 -41.50 -18.87
C ASP C 52 6.10 -40.34 -19.58
N VAL C 53 7.15 -40.67 -20.34
CA VAL C 53 7.90 -39.66 -21.07
C VAL C 53 7.02 -38.96 -22.10
N ASN C 54 6.04 -39.67 -22.67
CA ASN C 54 5.17 -39.07 -23.67
C ASN C 54 4.35 -37.94 -23.05
N GLN C 55 3.77 -38.18 -21.88
CA GLN C 55 3.08 -37.10 -21.17
C GLN C 55 4.04 -35.96 -20.85
N TYR C 56 5.28 -36.29 -20.48
CA TYR C 56 6.26 -35.26 -20.20
C TYR C 56 6.47 -34.34 -21.40
N LYS C 57 6.65 -34.92 -22.59
CA LYS C 57 6.90 -34.10 -23.76
C LYS C 57 5.69 -33.24 -24.12
N GLN C 58 4.48 -33.77 -23.91
CA GLN C 58 3.28 -32.97 -24.14
C GLN C 58 3.28 -31.73 -23.26
N MET C 59 3.56 -31.92 -21.96
CA MET C 59 3.61 -30.78 -21.05
C MET C 59 4.76 -29.84 -21.40
N TYR C 60 5.91 -30.39 -21.74
CA TYR C 60 7.03 -29.52 -22.12
C TYR C 60 6.65 -28.66 -23.33
N GLU C 61 6.10 -29.27 -24.37
CA GLU C 61 5.74 -28.50 -25.55
C GLU C 61 4.75 -27.40 -25.20
N GLN C 62 3.80 -27.69 -24.30
CA GLN C 62 2.86 -26.65 -23.89
C GLN C 62 3.57 -25.53 -23.16
N SER C 63 4.51 -25.86 -22.27
CA SER C 63 5.22 -24.83 -21.52
C SER C 63 6.01 -23.91 -22.44
N ILE C 64 6.44 -24.43 -23.59
CA ILE C 64 7.18 -23.61 -24.56
C ILE C 64 6.22 -22.86 -25.47
N LYS C 65 5.26 -23.56 -26.06
CA LYS C 65 4.36 -22.92 -27.01
C LYS C 65 3.34 -22.04 -26.29
N ASP C 66 2.85 -22.47 -25.13
CA ASP C 66 1.75 -21.82 -24.43
C ASP C 66 2.13 -21.65 -22.97
N PRO C 67 3.12 -20.80 -22.69
CA PRO C 67 3.51 -20.59 -21.28
C PRO C 67 2.37 -20.06 -20.44
N GLN C 68 1.47 -19.27 -21.04
CA GLN C 68 0.35 -18.72 -20.30
C GLN C 68 -0.58 -19.82 -19.81
N GLY C 69 -1.08 -20.65 -20.74
CA GLY C 69 -1.97 -21.73 -20.38
C GLY C 69 -1.34 -22.81 -19.54
N PHE C 70 -0.01 -22.91 -19.55
CA PHE C 70 0.69 -23.92 -18.78
C PHE C 70 1.01 -23.46 -17.37
N PHE C 71 1.66 -22.30 -17.23
CA PHE C 71 2.17 -21.88 -15.94
C PHE C 71 1.11 -21.23 -15.07
N GLY C 72 0.10 -20.60 -15.68
CA GLY C 72 -0.96 -19.98 -14.92
C GLY C 72 -1.58 -20.93 -13.92
N PRO C 73 -2.10 -22.06 -14.41
CA PRO C 73 -2.67 -23.05 -13.47
C PRO C 73 -1.67 -23.56 -12.45
N LEU C 74 -0.45 -23.89 -12.87
CA LEU C 74 0.55 -24.37 -11.91
C LEU C 74 0.86 -23.30 -10.87
N ALA C 75 0.93 -22.03 -11.28
CA ALA C 75 1.22 -20.96 -10.34
C ALA C 75 0.11 -20.83 -9.30
N LYS C 76 -1.15 -20.94 -9.71
CA LYS C 76 -2.25 -20.89 -8.75
C LYS C 76 -2.28 -22.12 -7.87
N GLU C 77 -1.88 -23.29 -8.39
CA GLU C 77 -1.92 -24.51 -7.61
C GLU C 77 -0.88 -24.49 -6.49
N LEU C 78 0.37 -24.17 -6.84
CA LEU C 78 1.49 -24.38 -5.94
C LEU C 78 1.79 -23.19 -5.04
N LEU C 79 1.20 -22.02 -5.30
CA LEU C 79 1.49 -20.83 -4.53
C LEU C 79 0.22 -20.23 -3.97
N SER C 80 0.36 -19.59 -2.81
CA SER C 80 -0.75 -18.93 -2.12
C SER C 80 -0.61 -17.42 -2.33
N TRP C 81 -1.59 -16.83 -2.99
CA TRP C 81 -1.51 -15.44 -3.43
C TRP C 81 -2.33 -14.52 -2.53
N ASP C 82 -1.73 -13.38 -2.18
CA ASP C 82 -2.47 -12.33 -1.49
C ASP C 82 -3.31 -11.51 -2.46
N HIS C 83 -2.87 -11.41 -3.72
CA HIS C 83 -3.60 -10.73 -4.76
C HIS C 83 -3.38 -11.48 -6.07
N ASP C 84 -4.45 -11.68 -6.83
CA ASP C 84 -4.34 -12.46 -8.05
C ASP C 84 -3.56 -11.70 -9.12
N PHE C 85 -2.88 -12.45 -9.98
CA PHE C 85 -2.13 -11.86 -11.08
C PHE C 85 -3.01 -11.78 -12.32
N HIS C 86 -2.73 -10.79 -13.16
CA HIS C 86 -3.50 -10.55 -14.38
C HIS C 86 -2.77 -10.90 -15.67
N THR C 87 -1.46 -11.09 -15.62
CA THR C 87 -0.68 -11.47 -16.80
C THR C 87 0.36 -12.48 -16.38
N VAL C 88 0.38 -13.63 -17.06
CA VAL C 88 1.33 -14.69 -16.71
C VAL C 88 2.75 -14.29 -17.09
N LYS C 89 2.91 -13.67 -18.26
CA LYS C 89 4.22 -13.49 -18.85
C LYS C 89 4.27 -12.17 -19.61
N SER C 90 5.38 -11.45 -19.47
CA SER C 90 5.57 -10.18 -20.14
C SER C 90 7.05 -9.95 -20.37
N GLY C 91 7.37 -9.17 -21.40
CA GLY C 91 8.74 -8.79 -21.67
C GLY C 91 9.48 -9.80 -22.55
N THR C 92 10.63 -9.36 -23.03
CA THR C 92 11.47 -10.15 -23.91
C THR C 92 12.91 -10.14 -23.38
N LEU C 93 13.68 -11.15 -23.81
CA LEU C 93 15.09 -11.20 -23.43
C LEU C 93 15.84 -10.01 -23.99
N LYS C 94 15.62 -9.71 -25.28
CA LYS C 94 16.41 -8.69 -25.96
C LYS C 94 16.31 -7.34 -25.25
N ASN C 95 15.19 -7.07 -24.58
CA ASN C 95 15.00 -5.83 -23.86
C ASN C 95 15.22 -5.95 -22.36
N GLY C 96 15.50 -7.15 -21.86
CA GLY C 96 15.75 -7.33 -20.44
C GLY C 96 14.62 -6.81 -19.57
N ASP C 97 13.39 -7.03 -19.98
CA ASP C 97 12.21 -6.58 -19.26
C ASP C 97 11.27 -7.74 -18.94
N ALA C 98 11.85 -8.89 -18.64
CA ALA C 98 11.05 -10.07 -18.33
C ALA C 98 10.27 -9.86 -17.04
N ALA C 99 9.00 -10.27 -17.06
CA ALA C 99 8.15 -10.22 -15.89
C ALA C 99 7.16 -11.37 -15.96
N TRP C 100 6.87 -11.97 -14.81
CA TRP C 100 5.95 -13.09 -14.71
C TRP C 100 4.92 -12.83 -13.63
N PHE C 101 3.68 -13.23 -13.89
CA PHE C 101 2.60 -13.15 -12.92
C PHE C 101 2.43 -11.72 -12.44
N LEU C 102 2.20 -10.84 -13.41
CA LEU C 102 2.15 -9.41 -13.15
C LEU C 102 0.89 -9.05 -12.39
N GLY C 103 1.03 -8.14 -11.43
CA GLY C 103 -0.05 -7.72 -10.59
C GLY C 103 -0.27 -8.56 -9.35
N GLY C 104 0.31 -9.76 -9.30
CA GLY C 104 0.12 -10.61 -8.15
C GLY C 104 0.87 -10.09 -6.94
N GLU C 105 0.34 -10.41 -5.76
CA GLU C 105 1.00 -10.11 -4.50
C GLU C 105 1.03 -11.38 -3.67
N LEU C 106 2.12 -11.57 -2.92
CA LEU C 106 2.29 -12.76 -2.09
C LEU C 106 3.47 -12.50 -1.15
N ASN C 107 3.71 -13.45 -0.25
CA ASN C 107 4.84 -13.40 0.66
C ASN C 107 5.52 -14.76 0.70
N ALA C 108 6.85 -14.78 0.54
CA ALA C 108 7.58 -16.04 0.49
C ALA C 108 7.54 -16.77 1.83
N SER C 109 7.69 -16.04 2.94
CA SER C 109 7.71 -16.69 4.24
C SER C 109 6.36 -17.30 4.57
N TYR C 110 5.27 -16.73 4.05
CA TYR C 110 3.96 -17.34 4.23
C TYR C 110 3.87 -18.67 3.49
N ASN C 111 4.34 -18.71 2.24
CA ASN C 111 4.26 -19.94 1.45
C ASN C 111 5.22 -21.00 1.95
N CYS C 112 6.32 -20.62 2.57
CA CYS C 112 7.28 -21.58 3.08
C CYS C 112 6.98 -22.03 4.50
N VAL C 113 6.25 -21.21 5.29
CA VAL C 113 6.07 -21.49 6.70
C VAL C 113 4.59 -21.46 7.08
N ASP C 114 3.97 -20.29 6.95
CA ASP C 114 2.67 -20.05 7.58
C ASP C 114 1.63 -21.10 7.18
N ARG C 115 1.40 -21.25 5.87
CA ARG C 115 0.31 -22.11 5.42
C ARG C 115 0.52 -23.55 5.88
N HIS C 116 1.77 -24.02 5.84
CA HIS C 116 2.06 -25.37 6.33
C HIS C 116 1.88 -25.47 7.83
N ALA C 117 2.27 -24.41 8.56
CA ALA C 117 2.09 -24.39 10.01
C ALA C 117 0.61 -24.46 10.38
N PHE C 118 -0.24 -23.70 9.69
CA PHE C 118 -1.66 -23.75 9.98
C PHE C 118 -2.23 -25.13 9.68
N ALA C 119 -1.80 -25.74 8.57
CA ALA C 119 -2.29 -27.07 8.21
C ALA C 119 -1.92 -28.10 9.27
N ASN C 120 -0.64 -28.16 9.64
CA ASN C 120 -0.17 -29.12 10.63
C ASN C 120 1.04 -28.51 11.33
N PRO C 121 0.84 -27.85 12.47
CA PRO C 121 1.96 -27.13 13.12
C PRO C 121 3.04 -28.06 13.64
N ASP C 122 2.75 -29.35 13.83
CA ASP C 122 3.72 -30.27 14.40
C ASP C 122 4.51 -31.04 13.35
N LYS C 123 4.25 -30.81 12.06
CA LYS C 123 5.04 -31.46 11.04
C LYS C 123 6.47 -30.90 11.06
N PRO C 124 7.49 -31.75 10.97
CA PRO C 124 8.86 -31.24 10.93
C PRO C 124 9.08 -30.38 9.69
N ALA C 125 9.80 -29.27 9.89
CA ALA C 125 10.17 -28.37 8.82
C ALA C 125 11.68 -28.38 8.59
N LEU C 126 12.46 -28.09 9.63
CA LEU C 126 13.92 -28.05 9.55
C LEU C 126 14.48 -29.17 10.41
N ILE C 127 15.01 -30.20 9.76
CA ILE C 127 15.74 -31.26 10.44
C ILE C 127 17.20 -30.82 10.46
N CYS C 128 17.62 -30.24 11.59
CA CYS C 128 18.92 -29.60 11.68
C CYS C 128 19.92 -30.60 12.26
N GLU C 129 20.91 -30.99 11.45
CA GLU C 129 22.03 -31.79 11.90
C GLU C 129 23.24 -30.88 12.03
N ALA C 130 23.70 -30.66 13.25
CA ALA C 130 24.82 -29.77 13.52
C ALA C 130 26.14 -30.47 13.24
N ASP C 131 27.22 -29.68 13.30
CA ASP C 131 28.55 -30.25 13.15
C ASP C 131 28.75 -31.44 14.07
N ASP C 132 28.31 -31.32 15.32
CA ASP C 132 28.28 -32.43 16.28
C ASP C 132 26.83 -32.82 16.49
N GLU C 133 26.56 -34.13 16.42
CA GLU C 133 25.17 -34.60 16.39
C GLU C 133 24.43 -34.28 17.68
N LYS C 134 25.14 -34.12 18.81
CA LYS C 134 24.47 -33.80 20.05
C LYS C 134 23.75 -32.46 19.97
N ASP C 135 24.25 -31.53 19.14
CA ASP C 135 23.65 -30.22 18.98
C ASP C 135 22.53 -30.23 17.94
N SER C 136 22.23 -31.37 17.33
CA SER C 136 21.17 -31.47 16.35
C SER C 136 19.80 -31.31 17.01
N HIS C 137 18.84 -30.87 16.21
CA HIS C 137 17.47 -30.70 16.69
C HIS C 137 16.56 -30.64 15.47
N ILE C 138 15.25 -30.64 15.75
CA ILE C 138 14.23 -30.61 14.71
C ILE C 138 13.25 -29.50 15.07
N LEU C 139 12.94 -28.65 14.11
CA LEU C 139 11.95 -27.59 14.28
C LEU C 139 10.71 -27.94 13.46
N THR C 140 9.54 -27.81 14.06
CA THR C 140 8.30 -28.02 13.34
C THR C 140 7.89 -26.73 12.64
N TYR C 141 6.97 -26.87 11.68
CA TYR C 141 6.52 -25.71 10.94
C TYR C 141 5.94 -24.66 11.88
N GLY C 142 5.29 -25.10 12.96
CA GLY C 142 4.87 -24.16 13.99
C GLY C 142 6.04 -23.51 14.68
N ASP C 143 7.06 -24.31 15.02
CA ASP C 143 8.28 -23.75 15.62
C ASP C 143 8.91 -22.74 14.67
N LEU C 144 9.02 -23.09 13.39
CA LEU C 144 9.64 -22.17 12.43
C LEU C 144 8.84 -20.89 12.30
N LEU C 145 7.51 -20.97 12.33
CA LEU C 145 6.70 -19.77 12.26
C LEU C 145 7.02 -18.82 13.41
N ARG C 146 7.12 -19.35 14.63
CA ARG C 146 7.39 -18.50 15.78
C ARG C 146 8.78 -17.89 15.72
N GLU C 147 9.79 -18.68 15.36
CA GLU C 147 11.14 -18.15 15.29
C GLU C 147 11.26 -17.10 14.19
N VAL C 148 10.71 -17.37 13.01
CA VAL C 148 10.77 -16.40 11.93
C VAL C 148 10.02 -15.12 12.32
N SER C 149 8.85 -15.27 12.92
CA SER C 149 8.08 -14.09 13.32
C SER C 149 8.83 -13.24 14.33
N LYS C 150 9.50 -13.89 15.29
CA LYS C 150 10.22 -13.13 16.31
C LYS C 150 11.40 -12.38 15.69
N VAL C 151 12.18 -13.04 14.83
CA VAL C 151 13.29 -12.36 14.18
C VAL C 151 12.79 -11.22 13.31
N ALA C 152 11.68 -11.44 12.59
CA ALA C 152 11.12 -10.38 11.77
C ALA C 152 10.60 -9.23 12.63
N GLY C 153 10.10 -9.54 13.83
CA GLY C 153 9.71 -8.48 14.74
C GLY C 153 10.89 -7.68 15.22
N VAL C 154 12.02 -8.34 15.48
CA VAL C 154 13.25 -7.64 15.82
C VAL C 154 13.64 -6.70 14.68
N LEU C 155 13.66 -7.23 13.45
CA LEU C 155 14.07 -6.42 12.31
C LEU C 155 13.09 -5.28 12.05
N GLN C 156 11.79 -5.53 12.20
CA GLN C 156 10.81 -4.49 11.93
C GLN C 156 10.94 -3.35 12.93
N SER C 157 11.18 -3.68 14.21
CA SER C 157 11.39 -2.63 15.20
C SER C 157 12.63 -1.81 14.89
N TRP C 158 13.61 -2.40 14.21
CA TRP C 158 14.84 -1.70 13.84
C TRP C 158 14.66 -0.80 12.63
N GLY C 159 13.49 -0.82 12.01
CA GLY C 159 13.21 0.01 10.85
C GLY C 159 13.38 -0.70 9.52
N ILE C 160 13.79 -1.97 9.52
CA ILE C 160 13.87 -2.71 8.28
C ILE C 160 12.47 -2.82 7.69
N LYS C 161 12.33 -2.49 6.42
CA LYS C 161 11.03 -2.51 5.77
C LYS C 161 11.21 -2.92 4.32
N LYS C 162 10.08 -3.10 3.63
CA LYS C 162 10.11 -3.43 2.22
C LYS C 162 11.00 -2.45 1.46
N GLY C 163 11.84 -3.00 0.58
CA GLY C 163 12.78 -2.22 -0.18
C GLY C 163 14.18 -2.17 0.39
N ASP C 164 14.37 -2.66 1.61
CA ASP C 164 15.69 -2.72 2.22
C ASP C 164 16.36 -4.05 1.88
N THR C 165 17.67 -4.09 2.08
CA THR C 165 18.46 -5.31 1.94
C THR C 165 19.11 -5.64 3.27
N VAL C 166 19.07 -6.92 3.64
CA VAL C 166 19.66 -7.40 4.89
C VAL C 166 20.67 -8.49 4.55
N ALA C 167 21.89 -8.33 5.04
CA ALA C 167 22.96 -9.29 4.78
C ALA C 167 22.93 -10.40 5.83
N VAL C 168 23.23 -11.61 5.38
CA VAL C 168 23.33 -12.78 6.25
C VAL C 168 24.72 -13.36 6.10
N TYR C 169 25.41 -13.55 7.22
CA TYR C 169 26.73 -14.18 7.26
C TYR C 169 26.66 -15.28 8.31
N LEU C 170 26.11 -16.43 7.91
CA LEU C 170 25.86 -17.53 8.83
C LEU C 170 26.26 -18.85 8.19
N PRO C 171 26.65 -19.84 9.01
CA PRO C 171 26.83 -21.20 8.48
C PRO C 171 25.49 -21.88 8.20
N MET C 172 25.52 -23.15 7.83
CA MET C 172 24.30 -23.88 7.48
C MET C 172 23.65 -24.43 8.73
N ASN C 173 22.66 -23.71 9.25
CA ASN C 173 21.91 -24.15 10.41
C ASN C 173 20.57 -23.44 10.41
N ALA C 174 19.76 -23.69 11.44
CA ALA C 174 18.41 -23.13 11.49
C ALA C 174 18.45 -21.61 11.39
N GLN C 175 19.43 -20.97 12.02
CA GLN C 175 19.43 -19.52 12.09
C GLN C 175 19.60 -18.89 10.71
N ALA C 176 20.35 -19.54 9.80
CA ALA C 176 20.47 -19.03 8.44
C ALA C 176 19.13 -19.07 7.72
N ILE C 177 18.41 -20.20 7.83
CA ILE C 177 17.10 -20.32 7.20
C ILE C 177 16.13 -19.30 7.80
N ILE C 178 16.13 -19.20 9.14
CA ILE C 178 15.20 -18.29 9.80
C ILE C 178 15.48 -16.86 9.41
N ALA C 179 16.77 -16.47 9.34
CA ALA C 179 17.12 -15.12 8.95
C ALA C 179 16.60 -14.80 7.55
N MET C 180 16.82 -15.72 6.61
CA MET C 180 16.35 -15.50 5.25
C MET C 180 14.83 -15.35 5.21
N LEU C 181 14.12 -16.22 5.92
CA LEU C 181 12.66 -16.18 5.88
C LEU C 181 12.10 -14.97 6.62
N ALA C 182 12.77 -14.52 7.69
CA ALA C 182 12.31 -13.33 8.40
C ALA C 182 12.50 -12.09 7.53
N ILE C 183 13.64 -11.97 6.86
CA ILE C 183 13.86 -10.87 5.93
C ILE C 183 12.78 -10.88 4.86
N ALA C 184 12.47 -12.06 4.32
CA ALA C 184 11.40 -12.17 3.32
C ALA C 184 10.06 -11.78 3.92
N ARG C 185 9.82 -12.15 5.18
CA ARG C 185 8.53 -11.87 5.79
C ARG C 185 8.22 -10.38 5.78
N LEU C 186 9.25 -9.54 5.97
CA LEU C 186 9.06 -8.10 6.02
C LEU C 186 9.05 -7.45 4.64
N GLY C 187 9.21 -8.23 3.57
CA GLY C 187 9.27 -7.70 2.23
C GLY C 187 10.65 -7.23 1.80
N ALA C 188 11.65 -7.30 2.67
CA ALA C 188 13.01 -6.95 2.31
C ALA C 188 13.67 -8.10 1.55
N ALA C 189 14.83 -7.79 0.96
CA ALA C 189 15.62 -8.76 0.21
C ALA C 189 16.85 -9.15 1.01
N HIS C 190 17.04 -10.45 1.21
CA HIS C 190 18.20 -10.94 1.94
C HIS C 190 19.34 -11.25 0.98
N SER C 191 20.57 -10.93 1.39
CA SER C 191 21.77 -11.26 0.63
C SER C 191 22.64 -12.15 1.52
N VAL C 192 22.74 -13.43 1.15
CA VAL C 192 23.46 -14.43 1.95
C VAL C 192 24.91 -14.48 1.51
N ILE C 193 25.83 -14.39 2.48
CA ILE C 193 27.27 -14.43 2.26
C ILE C 193 27.84 -15.71 2.85
N PHE C 194 28.63 -16.42 2.06
CA PHE C 194 29.29 -17.65 2.52
C PHE C 194 30.08 -17.38 3.80
N ALA C 195 29.91 -18.27 4.79
CA ALA C 195 30.48 -18.03 6.10
C ALA C 195 32.01 -17.96 6.07
N GLY C 196 32.64 -18.63 5.10
CA GLY C 196 34.09 -18.59 5.02
C GLY C 196 34.68 -17.36 4.37
N PHE C 197 33.86 -16.53 3.74
CA PHE C 197 34.38 -15.44 2.93
C PHE C 197 35.15 -14.43 3.77
N SER C 198 36.12 -13.79 3.12
CA SER C 198 36.99 -12.83 3.77
C SER C 198 36.24 -11.55 4.12
N ALA C 199 36.87 -10.74 4.97
CA ALA C 199 36.28 -9.46 5.34
C ALA C 199 36.11 -8.56 4.12
N GLY C 200 37.09 -8.57 3.21
CA GLY C 200 36.97 -7.76 2.01
C GLY C 200 35.80 -8.18 1.15
N SER C 201 35.55 -9.49 1.07
CA SER C 201 34.38 -9.97 0.33
C SER C 201 33.10 -9.48 0.96
N ILE C 202 32.97 -9.62 2.28
CA ILE C 202 31.78 -9.11 2.97
C ILE C 202 31.61 -7.62 2.71
N LYS C 203 32.70 -6.86 2.85
CA LYS C 203 32.65 -5.43 2.62
C LYS C 203 32.11 -5.10 1.24
N ASP C 204 32.70 -5.71 0.20
CA ASP C 204 32.30 -5.39 -1.16
C ASP C 204 30.82 -5.67 -1.40
N ARG C 205 30.34 -6.81 -0.92
CA ARG C 205 28.94 -7.18 -1.15
C ARG C 205 28.00 -6.28 -0.36
N VAL C 206 28.30 -6.06 0.92
CA VAL C 206 27.44 -5.23 1.77
C VAL C 206 27.32 -3.82 1.20
N ASN C 207 28.44 -3.24 0.77
CA ASN C 207 28.41 -1.87 0.29
C ASN C 207 27.68 -1.76 -1.05
N ASP C 208 27.82 -2.76 -1.92
CA ASP C 208 27.08 -2.73 -3.18
C ASP C 208 25.57 -2.73 -2.93
N ALA C 209 25.12 -3.58 -2.00
CA ALA C 209 23.70 -3.65 -1.69
C ALA C 209 23.27 -2.56 -0.73
N SER C 210 24.20 -1.88 -0.06
CA SER C 210 23.88 -0.87 0.93
C SER C 210 22.96 -1.46 2.01
N CYS C 211 23.37 -2.61 2.52
CA CYS C 211 22.55 -3.31 3.52
C CYS C 211 22.41 -2.45 4.77
N LYS C 212 21.19 -2.43 5.31
CA LYS C 212 20.90 -1.69 6.53
C LYS C 212 21.13 -2.52 7.79
N ALA C 213 21.19 -3.84 7.67
CA ALA C 213 21.38 -4.70 8.84
C ALA C 213 22.09 -5.97 8.42
N LEU C 214 22.67 -6.64 9.41
CA LEU C 214 23.43 -7.87 9.22
C LEU C 214 23.07 -8.86 10.31
N ILE C 215 22.88 -10.12 9.93
CA ILE C 215 22.61 -11.21 10.86
C ILE C 215 23.76 -12.20 10.78
N THR C 216 24.32 -12.54 11.93
CA THR C 216 25.51 -13.39 11.98
C THR C 216 25.53 -14.10 13.34
N CYS C 217 26.66 -14.73 13.64
CA CYS C 217 26.85 -15.44 14.90
C CYS C 217 28.24 -15.14 15.43
N ASP C 218 28.45 -15.44 16.71
CA ASP C 218 29.74 -15.15 17.33
C ASP C 218 30.84 -15.98 16.69
N GLU C 219 30.65 -17.30 16.63
CA GLU C 219 31.62 -18.20 16.02
C GLU C 219 30.85 -19.35 15.37
N GLY C 220 31.51 -20.03 14.45
CA GLY C 220 30.94 -21.22 13.86
C GLY C 220 31.73 -22.44 14.25
N LYS C 221 31.13 -23.62 14.14
CA LYS C 221 31.83 -24.87 14.40
C LYS C 221 31.66 -25.78 13.19
N ARG C 222 32.78 -26.16 12.58
CA ARG C 222 32.77 -26.95 11.36
C ARG C 222 33.88 -27.98 11.42
N GLY C 223 33.54 -29.24 11.18
CA GLY C 223 34.52 -30.30 11.23
C GLY C 223 35.22 -30.44 12.57
N GLY C 224 34.55 -30.02 13.65
CA GLY C 224 35.11 -30.10 14.98
C GLY C 224 35.92 -28.91 15.42
N ARG C 225 36.20 -27.96 14.53
CA ARG C 225 37.00 -26.79 14.83
C ARG C 225 36.14 -25.53 14.81
N THR C 226 36.44 -24.61 15.72
CA THR C 226 35.76 -23.33 15.77
C THR C 226 36.30 -22.42 14.67
N THR C 227 35.40 -21.65 14.07
CA THR C 227 35.72 -20.80 12.93
C THR C 227 35.31 -19.37 13.22
N ASN C 228 36.08 -18.43 12.68
CA ASN C 228 35.87 -17.02 12.95
C ASN C 228 34.80 -16.45 12.04
N ILE C 229 33.69 -16.01 12.65
CA ILE C 229 32.58 -15.39 11.94
C ILE C 229 32.47 -13.91 12.29
N LYS C 230 32.21 -13.61 13.57
CA LYS C 230 32.04 -12.23 14.00
C LYS C 230 33.28 -11.38 13.77
N LYS C 231 34.47 -11.96 13.88
CA LYS C 231 35.68 -11.17 13.66
C LYS C 231 35.74 -10.62 12.24
N LEU C 232 35.52 -11.48 11.25
CA LEU C 232 35.55 -11.02 9.86
C LEU C 232 34.46 -9.99 9.59
N CYS C 233 33.28 -10.17 10.21
CA CYS C 233 32.22 -9.20 10.03
C CYS C 233 32.64 -7.83 10.56
N ASP C 234 33.19 -7.80 11.78
CA ASP C 234 33.63 -6.53 12.35
C ASP C 234 34.68 -5.86 11.47
N GLU C 235 35.64 -6.64 10.99
CA GLU C 235 36.68 -6.09 10.12
C GLU C 235 36.09 -5.50 8.85
N ALA C 236 35.01 -6.10 8.34
CA ALA C 236 34.35 -5.54 7.17
C ALA C 236 33.53 -4.31 7.54
N LEU C 237 32.75 -4.41 8.62
CA LEU C 237 31.76 -3.39 8.94
C LEU C 237 32.39 -2.02 9.24
N VAL C 238 33.68 -1.97 9.57
CA VAL C 238 34.30 -0.67 9.74
C VAL C 238 34.21 0.13 8.45
N ASP C 239 33.98 -0.54 7.32
CA ASP C 239 33.91 0.11 6.01
C ASP C 239 32.53 -0.03 5.37
N CYS C 240 31.50 -0.35 6.16
CA CYS C 240 30.13 -0.53 5.67
C CYS C 240 29.23 0.46 6.40
N PRO C 241 29.21 1.73 5.96
CA PRO C 241 28.46 2.74 6.71
C PRO C 241 26.95 2.53 6.71
N THR C 242 26.41 1.76 5.75
CA THR C 242 24.97 1.60 5.68
C THR C 242 24.42 0.67 6.75
N VAL C 243 25.25 -0.20 7.31
CA VAL C 243 24.79 -1.20 8.26
C VAL C 243 24.50 -0.50 9.59
N GLU C 244 23.22 -0.39 9.94
CA GLU C 244 22.83 0.30 11.16
C GLU C 244 22.90 -0.62 12.37
N LYS C 245 22.55 -1.90 12.21
CA LYS C 245 22.48 -2.80 13.34
C LYS C 245 22.88 -4.21 12.93
N VAL C 246 23.38 -4.97 13.90
CA VAL C 246 23.82 -6.34 13.70
C VAL C 246 23.09 -7.23 14.70
N LEU C 247 22.62 -8.38 14.24
CA LEU C 247 22.03 -9.39 15.10
C LEU C 247 23.00 -10.56 15.19
N VAL C 248 23.40 -10.91 16.41
CA VAL C 248 24.43 -11.92 16.66
C VAL C 248 23.80 -13.08 17.40
N TYR C 249 23.97 -14.29 16.87
CA TYR C 249 23.50 -15.51 17.52
C TYR C 249 24.64 -16.14 18.31
N LYS C 250 24.31 -16.65 19.50
CA LYS C 250 25.31 -17.28 20.38
C LYS C 250 25.47 -18.74 19.96
N ARG C 251 26.17 -18.94 18.84
CA ARG C 251 26.44 -20.30 18.39
C ARG C 251 27.37 -21.02 19.34
N THR C 252 28.43 -20.36 19.79
CA THR C 252 29.36 -20.92 20.76
C THR C 252 29.32 -20.20 22.10
N ASN C 253 28.69 -19.03 22.18
CA ASN C 253 28.64 -18.26 23.42
C ASN C 253 30.03 -18.07 24.00
N ASN C 254 30.97 -17.77 23.13
CA ASN C 254 32.35 -17.52 23.56
C ASN C 254 32.43 -16.14 24.21
N PRO C 255 32.76 -16.04 25.50
CA PRO C 255 32.79 -14.71 26.14
C PRO C 255 33.79 -13.77 25.51
N GLU C 256 34.83 -14.29 24.85
CA GLU C 256 35.84 -13.43 24.25
C GLU C 256 35.33 -12.69 23.03
N ILE C 257 34.14 -13.04 22.55
CA ILE C 257 33.58 -12.40 21.36
C ILE C 257 32.98 -11.05 21.75
N HIS C 258 33.35 -10.01 20.98
CA HIS C 258 33.01 -8.63 21.29
C HIS C 258 31.87 -8.15 20.42
N LEU C 259 30.89 -7.49 21.04
CA LEU C 259 29.81 -6.82 20.33
C LEU C 259 29.97 -5.31 20.50
N THR C 260 29.89 -4.59 19.39
CA THR C 260 29.99 -3.13 19.43
C THR C 260 28.67 -2.55 19.94
N GLU C 261 28.72 -1.89 21.10
CA GLU C 261 27.52 -1.34 21.71
C GLU C 261 26.91 -0.27 20.81
N GLY C 262 25.58 -0.30 20.70
CA GLY C 262 24.85 0.63 19.85
C GLY C 262 24.68 0.17 18.42
N ARG C 263 25.33 -0.92 18.04
CA ARG C 263 25.14 -1.53 16.73
C ARG C 263 24.81 -3.00 16.84
N ASP C 264 25.49 -3.74 17.73
CA ASP C 264 25.39 -5.19 17.81
C ASP C 264 24.46 -5.57 18.95
N TYR C 265 23.53 -6.48 18.68
CA TYR C 265 22.57 -6.94 19.67
C TYR C 265 22.45 -8.45 19.54
N TYR C 266 22.07 -9.10 20.64
CA TYR C 266 22.07 -10.55 20.71
C TYR C 266 20.75 -11.14 20.22
N TRP C 267 20.85 -12.20 19.42
CA TRP C 267 19.67 -12.86 18.86
C TRP C 267 18.68 -13.21 19.95
N ASP C 268 19.12 -13.96 20.96
CA ASP C 268 18.21 -14.42 22.01
C ASP C 268 17.60 -13.25 22.76
N VAL C 269 18.42 -12.25 23.12
CA VAL C 269 17.94 -11.14 23.92
C VAL C 269 16.83 -10.39 23.19
N GLU C 270 17.04 -10.11 21.90
CA GLU C 270 16.07 -9.31 21.16
C GLU C 270 14.80 -10.10 20.86
N THR C 271 14.94 -11.34 20.40
CA THR C 271 13.76 -12.13 20.05
C THR C 271 12.88 -12.37 21.27
N ALA C 272 13.44 -12.34 22.48
CA ALA C 272 12.63 -12.50 23.68
C ALA C 272 11.64 -11.37 23.84
N LYS C 273 11.89 -10.22 23.23
CA LYS C 273 11.04 -9.05 23.38
C LYS C 273 9.76 -9.12 22.56
N PHE C 274 9.71 -9.97 21.54
CA PHE C 274 8.68 -9.89 20.51
C PHE C 274 7.85 -11.16 20.42
N PRO C 275 6.63 -11.07 19.91
CA PRO C 275 5.71 -12.20 19.95
C PRO C 275 6.00 -13.23 18.87
N GLY C 276 5.41 -14.42 19.07
CA GLY C 276 5.60 -15.56 18.20
C GLY C 276 4.81 -15.53 16.92
N TYR C 277 4.08 -14.44 16.65
CA TYR C 277 3.45 -14.25 15.34
C TYR C 277 3.65 -12.82 14.90
N LEU C 278 4.02 -12.64 13.63
CA LEU C 278 4.13 -11.34 13.02
C LEU C 278 3.47 -11.41 11.65
N PRO C 279 2.53 -10.52 11.34
CA PRO C 279 1.94 -10.53 10.01
C PRO C 279 3.00 -10.40 8.94
N PRO C 280 2.95 -11.23 7.91
CA PRO C 280 3.87 -11.06 6.77
C PRO C 280 3.49 -9.84 5.94
N VAL C 281 4.47 -9.33 5.21
CA VAL C 281 4.28 -8.18 4.34
C VAL C 281 4.11 -8.69 2.91
N SER C 282 3.00 -8.32 2.28
CA SER C 282 2.78 -8.70 0.88
C SER C 282 3.68 -7.87 -0.03
N VAL C 283 4.16 -8.51 -1.10
CA VAL C 283 5.01 -7.88 -2.09
C VAL C 283 4.54 -8.30 -3.47
N ASN C 284 4.87 -7.48 -4.46
CA ASN C 284 4.49 -7.78 -5.84
C ASN C 284 5.31 -8.95 -6.36
N SER C 285 4.74 -9.65 -7.35
CA SER C 285 5.44 -10.78 -7.94
C SER C 285 6.87 -10.43 -8.29
N GLU C 286 7.07 -9.25 -8.89
CA GLU C 286 8.38 -8.86 -9.39
C GLU C 286 9.19 -8.02 -8.39
N ASP C 287 8.70 -7.82 -7.18
CA ASP C 287 9.54 -7.25 -6.14
C ASP C 287 10.65 -8.23 -5.78
N PRO C 288 11.88 -7.74 -5.53
CA PRO C 288 13.02 -8.65 -5.39
C PRO C 288 12.95 -9.45 -4.10
N LEU C 289 13.10 -10.78 -4.22
CA LEU C 289 13.11 -11.64 -3.05
C LEU C 289 14.49 -11.69 -2.39
N PHE C 290 15.54 -11.75 -3.19
CA PHE C 290 16.88 -11.84 -2.62
C PHE C 290 17.92 -11.45 -3.66
N LEU C 291 19.05 -10.96 -3.16
CA LEU C 291 20.27 -10.79 -3.93
C LEU C 291 21.22 -11.91 -3.59
N LEU C 292 21.84 -12.49 -4.61
CA LEU C 292 22.87 -13.50 -4.41
C LEU C 292 24.08 -13.12 -5.25
N TYR C 293 25.18 -12.80 -4.57
CA TYR C 293 26.40 -12.37 -5.23
C TYR C 293 27.17 -13.59 -5.69
N THR C 294 27.77 -13.48 -6.87
CA THR C 294 28.45 -14.59 -7.52
C THR C 294 29.95 -14.38 -7.41
N SER C 295 30.66 -15.45 -7.09
CA SER C 295 32.11 -15.35 -7.05
C SER C 295 32.59 -14.98 -8.43
N GLY C 296 33.31 -13.87 -8.53
CA GLY C 296 33.62 -13.33 -9.84
C GLY C 296 35.08 -13.26 -10.18
N SER C 297 35.44 -13.89 -11.29
CA SER C 297 36.71 -13.60 -11.93
C SER C 297 36.84 -12.10 -12.11
N THR C 298 38.09 -11.62 -12.12
CA THR C 298 38.35 -10.19 -12.18
C THR C 298 38.02 -9.55 -10.84
N GLY C 299 37.59 -8.29 -10.84
CA GLY C 299 37.46 -7.55 -9.60
C GLY C 299 36.11 -7.57 -8.94
N THR C 300 35.05 -7.13 -9.64
CA THR C 300 33.83 -6.79 -8.91
C THR C 300 32.88 -7.98 -8.86
N PRO C 301 32.32 -8.28 -7.69
CA PRO C 301 31.23 -9.27 -7.62
C PRO C 301 29.92 -8.66 -8.08
N LYS C 302 29.07 -9.51 -8.66
CA LYS C 302 27.80 -9.05 -9.21
C LYS C 302 26.65 -9.67 -8.42
N GLY C 303 25.67 -8.85 -8.07
CA GLY C 303 24.52 -9.31 -7.32
C GLY C 303 23.38 -9.75 -8.20
N VAL C 304 23.18 -11.06 -8.30
CA VAL C 304 22.06 -11.60 -9.08
C VAL C 304 20.78 -11.38 -8.30
N VAL C 305 19.82 -10.68 -8.91
CA VAL C 305 18.55 -10.34 -8.27
C VAL C 305 17.49 -11.31 -8.79
N HIS C 306 16.74 -11.91 -7.86
CA HIS C 306 15.67 -12.84 -8.21
C HIS C 306 14.35 -12.30 -7.71
N SER C 307 13.35 -12.29 -8.59
CA SER C 307 12.00 -11.87 -8.24
C SER C 307 11.41 -12.79 -7.18
N THR C 308 10.16 -12.55 -6.80
CA THR C 308 9.49 -13.35 -5.78
C THR C 308 8.66 -14.47 -6.38
N ALA C 309 7.63 -14.12 -7.16
CA ALA C 309 6.71 -15.13 -7.67
C ALA C 309 7.43 -16.09 -8.61
N GLY C 310 8.16 -15.56 -9.58
CA GLY C 310 8.80 -16.43 -10.56
C GLY C 310 9.79 -17.39 -9.94
N TYR C 311 10.63 -16.89 -9.04
CA TYR C 311 11.61 -17.75 -8.40
C TYR C 311 10.94 -18.83 -7.58
N LEU C 312 9.95 -18.47 -6.76
CA LEU C 312 9.30 -19.44 -5.90
C LEU C 312 8.60 -20.53 -6.71
N LEU C 313 7.90 -20.14 -7.78
CA LEU C 313 7.27 -21.14 -8.64
C LEU C 313 8.31 -22.09 -9.22
N GLY C 314 9.42 -21.54 -9.73
CA GLY C 314 10.47 -22.40 -10.26
C GLY C 314 11.01 -23.36 -9.23
N ALA C 315 11.21 -22.90 -8.00
CA ALA C 315 11.70 -23.78 -6.95
C ALA C 315 10.72 -24.91 -6.69
N ALA C 316 9.44 -24.57 -6.46
CA ALA C 316 8.44 -25.58 -6.16
C ALA C 316 8.23 -26.52 -7.35
N LEU C 317 8.21 -25.97 -8.57
CA LEU C 317 7.96 -26.79 -9.75
C LEU C 317 9.08 -27.79 -9.98
N SER C 318 10.33 -27.31 -9.99
CA SER C 318 11.46 -28.22 -10.19
C SER C 318 11.58 -29.23 -9.05
N THR C 319 11.44 -28.76 -7.80
CA THR C 319 11.53 -29.68 -6.67
C THR C 319 10.47 -30.78 -6.77
N LYS C 320 9.27 -30.42 -7.23
CA LYS C 320 8.19 -31.39 -7.28
C LYS C 320 8.43 -32.44 -8.37
N TYR C 321 8.80 -32.00 -9.58
CA TYR C 321 8.78 -32.90 -10.73
C TYR C 321 10.12 -33.57 -11.00
N ILE C 322 11.23 -32.82 -10.97
CA ILE C 322 12.52 -33.43 -11.28
C ILE C 322 12.92 -34.41 -10.19
N PHE C 323 12.67 -34.08 -8.93
CA PHE C 323 13.01 -34.98 -7.84
C PHE C 323 11.85 -35.87 -7.40
N ASP C 324 10.64 -35.62 -7.92
CA ASP C 324 9.47 -36.38 -7.52
C ASP C 324 9.26 -36.32 -6.00
N ILE C 325 9.12 -35.10 -5.51
CA ILE C 325 8.89 -34.87 -4.09
C ILE C 325 7.40 -34.97 -3.83
N HIS C 326 7.03 -35.74 -2.81
CA HIS C 326 5.67 -35.89 -2.34
C HIS C 326 5.59 -35.44 -0.89
N PRO C 327 4.40 -35.14 -0.39
CA PRO C 327 4.29 -34.64 1.00
C PRO C 327 4.95 -35.55 2.02
N GLU C 328 4.92 -36.86 1.80
CA GLU C 328 5.50 -37.81 2.73
C GLU C 328 7.02 -37.81 2.72
N ASP C 329 7.65 -37.15 1.75
CA ASP C 329 9.08 -37.29 1.52
C ASP C 329 9.91 -36.42 2.47
N ILE C 330 11.19 -36.74 2.55
CA ILE C 330 12.18 -35.99 3.31
C ILE C 330 13.37 -35.74 2.41
N LEU C 331 13.77 -34.49 2.27
CA LEU C 331 14.84 -34.10 1.35
C LEU C 331 16.08 -33.70 2.13
N PHE C 332 17.24 -34.09 1.62
CA PHE C 332 18.53 -33.74 2.20
C PHE C 332 19.38 -33.14 1.08
N THR C 333 19.48 -31.81 1.06
CA THR C 333 20.31 -31.10 0.08
C THR C 333 21.62 -30.71 0.75
N ALA C 334 22.71 -31.34 0.34
CA ALA C 334 24.03 -31.09 0.92
C ALA C 334 24.71 -29.91 0.23
N GLY C 335 24.04 -28.76 0.29
CA GLY C 335 24.57 -27.54 -0.28
C GLY C 335 24.43 -26.38 0.69
N ASP C 336 25.27 -25.37 0.48
CA ASP C 336 25.33 -24.21 1.37
C ASP C 336 24.46 -23.08 0.85
N VAL C 337 23.82 -22.35 1.77
CA VAL C 337 22.96 -21.24 1.38
C VAL C 337 23.75 -20.14 0.68
N GLY C 338 25.05 -20.06 0.90
CA GLY C 338 25.87 -19.14 0.13
C GLY C 338 25.90 -19.46 -1.35
N TRP C 339 25.39 -20.63 -1.73
CA TRP C 339 25.31 -21.09 -3.11
C TRP C 339 23.84 -21.17 -3.50
N ILE C 340 23.54 -20.88 -4.77
CA ILE C 340 22.15 -20.89 -5.22
C ILE C 340 21.49 -22.23 -4.90
N THR C 341 22.29 -23.30 -4.83
CA THR C 341 21.74 -24.62 -4.49
C THR C 341 21.04 -24.58 -3.13
N GLY C 342 21.68 -23.99 -2.13
CA GLY C 342 21.06 -23.90 -0.82
C GLY C 342 19.75 -23.14 -0.85
N HIS C 343 19.74 -21.99 -1.53
CA HIS C 343 18.52 -21.19 -1.63
C HIS C 343 17.36 -22.00 -2.19
N THR C 344 17.53 -22.53 -3.40
CA THR C 344 16.40 -23.09 -4.12
C THR C 344 15.99 -24.45 -3.56
N TYR C 345 16.95 -25.32 -3.27
CA TYR C 345 16.64 -26.73 -2.99
C TYR C 345 16.95 -27.17 -1.57
N ALA C 346 17.57 -26.32 -0.75
CA ALA C 346 17.64 -26.58 0.69
C ALA C 346 16.58 -25.85 1.49
N LEU C 347 16.10 -24.70 0.99
CA LEU C 347 15.14 -23.87 1.71
C LEU C 347 13.81 -23.78 0.96
N TYR C 348 13.80 -23.15 -0.22
CA TYR C 348 12.54 -22.73 -0.82
C TYR C 348 11.79 -23.90 -1.42
N GLY C 349 12.42 -24.66 -2.32
CA GLY C 349 11.78 -25.79 -2.94
C GLY C 349 11.06 -26.70 -1.95
N PRO C 350 11.80 -27.26 -1.00
CA PRO C 350 11.15 -28.17 -0.03
C PRO C 350 10.12 -27.48 0.86
N LEU C 351 10.45 -26.30 1.40
CA LEU C 351 9.54 -25.66 2.35
C LEU C 351 8.27 -25.16 1.66
N LEU C 352 8.35 -24.72 0.41
CA LEU C 352 7.14 -24.39 -0.33
C LEU C 352 6.23 -25.61 -0.43
N LEU C 353 6.80 -26.78 -0.75
CA LEU C 353 6.04 -28.01 -0.84
C LEU C 353 5.70 -28.60 0.52
N GLY C 354 6.13 -27.98 1.60
CA GLY C 354 5.73 -28.40 2.94
C GLY C 354 6.40 -29.65 3.47
N VAL C 355 7.46 -30.12 2.83
CA VAL C 355 8.16 -31.33 3.28
C VAL C 355 9.29 -30.93 4.21
N PRO C 356 9.76 -31.83 5.08
CA PRO C 356 10.95 -31.52 5.87
C PRO C 356 12.19 -31.44 4.99
N THR C 357 13.10 -30.56 5.40
CA THR C 357 14.40 -30.42 4.75
C THR C 357 15.48 -30.58 5.80
N ILE C 358 16.55 -31.29 5.45
CA ILE C 358 17.65 -31.53 6.38
C ILE C 358 18.72 -30.48 6.15
N ILE C 359 19.11 -29.82 7.23
CA ILE C 359 20.06 -28.72 7.21
C ILE C 359 21.32 -29.20 7.95
N PHE C 360 22.40 -29.43 7.22
CA PHE C 360 23.62 -30.00 7.77
C PHE C 360 24.67 -28.91 7.92
N GLU C 361 25.15 -28.71 9.16
CA GLU C 361 26.12 -27.66 9.43
C GLU C 361 27.56 -28.10 9.20
N GLY C 362 27.86 -29.39 9.38
CA GLY C 362 29.22 -29.88 9.37
C GLY C 362 29.74 -30.21 7.99
N THR C 363 30.81 -31.02 7.98
CA THR C 363 31.50 -31.45 6.78
C THR C 363 31.26 -32.95 6.55
N PRO C 364 31.35 -33.43 5.31
CA PRO C 364 31.12 -34.87 5.07
C PRO C 364 32.07 -35.80 5.80
N ALA C 365 33.20 -35.31 6.31
CA ALA C 365 34.21 -36.16 6.92
C ALA C 365 34.14 -36.22 8.44
N TYR C 366 33.62 -35.18 9.09
CA TYR C 366 33.58 -35.18 10.55
C TYR C 366 32.27 -35.74 11.06
N PRO C 367 32.28 -36.64 12.07
CA PRO C 367 33.46 -37.28 12.68
C PRO C 367 34.09 -38.34 11.77
N ASP C 368 33.29 -38.98 10.91
CA ASP C 368 33.80 -39.93 9.94
C ASP C 368 33.06 -39.74 8.63
N TYR C 369 33.57 -40.37 7.58
CA TYR C 369 32.99 -40.20 6.24
C TYR C 369 31.64 -40.89 6.08
N GLY C 370 31.10 -41.51 7.13
CA GLY C 370 29.74 -42.00 7.12
C GLY C 370 28.73 -40.99 7.59
N ARG C 371 29.10 -39.71 7.68
CA ARG C 371 28.21 -38.72 8.27
C ARG C 371 26.96 -38.53 7.42
N PHE C 372 27.14 -38.31 6.11
CA PHE C 372 25.98 -38.18 5.22
C PHE C 372 25.06 -39.37 5.36
N TRP C 373 25.63 -40.58 5.30
CA TRP C 373 24.80 -41.79 5.35
C TRP C 373 24.21 -41.98 6.74
N GLN C 374 24.94 -41.59 7.78
CA GLN C 374 24.38 -41.60 9.13
C GLN C 374 23.12 -40.75 9.19
N ILE C 375 23.16 -39.56 8.60
CA ILE C 375 22.02 -38.66 8.62
C ILE C 375 20.86 -39.26 7.84
N VAL C 376 21.15 -39.80 6.64
CA VAL C 376 20.09 -40.36 5.81
C VAL C 376 19.37 -41.47 6.55
N GLU C 377 20.12 -42.40 7.15
CA GLU C 377 19.50 -43.49 7.89
C GLU C 377 18.74 -42.96 9.11
N LYS C 378 19.31 -41.95 9.78
CA LYS C 378 18.69 -41.44 11.00
C LYS C 378 17.28 -40.90 10.74
N HIS C 379 17.11 -40.19 9.62
CA HIS C 379 15.84 -39.54 9.31
C HIS C 379 15.15 -40.15 8.09
N LYS C 380 15.65 -41.28 7.59
CA LYS C 380 15.03 -41.97 6.45
C LYS C 380 14.81 -41.02 5.28
N ALA C 381 15.83 -40.22 4.97
CA ALA C 381 15.70 -39.25 3.88
C ALA C 381 15.36 -39.98 2.59
N THR C 382 14.39 -39.45 1.86
CA THR C 382 13.94 -40.05 0.62
C THR C 382 14.68 -39.51 -0.60
N HIS C 383 15.21 -38.29 -0.52
CA HIS C 383 15.89 -37.65 -1.63
C HIS C 383 17.21 -37.07 -1.13
N PHE C 384 18.27 -37.28 -1.91
CA PHE C 384 19.61 -36.83 -1.55
C PHE C 384 20.20 -36.04 -2.70
N TYR C 385 20.73 -34.86 -2.38
CA TYR C 385 21.23 -33.91 -3.37
C TYR C 385 22.63 -33.49 -2.95
N VAL C 386 23.62 -33.71 -3.81
CA VAL C 386 25.02 -33.47 -3.46
C VAL C 386 25.78 -33.08 -4.72
N ALA C 387 26.95 -32.41 -4.51
CA ALA C 387 27.81 -32.05 -5.62
C ALA C 387 28.79 -33.19 -5.92
N PRO C 388 29.24 -33.33 -7.17
CA PRO C 388 30.19 -34.40 -7.48
C PRO C 388 31.48 -34.31 -6.68
N THR C 389 31.87 -33.12 -6.23
CA THR C 389 33.10 -32.98 -5.46
C THR C 389 33.07 -33.88 -4.23
N ALA C 390 31.99 -33.81 -3.46
CA ALA C 390 31.85 -34.67 -2.29
C ALA C 390 31.85 -36.14 -2.69
N LEU C 391 31.25 -36.47 -3.84
CA LEU C 391 31.24 -37.86 -4.29
C LEU C 391 32.66 -38.36 -4.55
N ARG C 392 33.49 -37.53 -5.19
CA ARG C 392 34.88 -37.93 -5.43
C ARG C 392 35.64 -38.08 -4.12
N LEU C 393 35.45 -37.14 -3.20
CA LEU C 393 36.12 -37.22 -1.90
C LEU C 393 35.70 -38.46 -1.14
N LEU C 394 34.40 -38.77 -1.13
CA LEU C 394 33.92 -39.96 -0.43
C LEU C 394 34.38 -41.23 -1.13
N ARG C 395 34.43 -41.21 -2.46
CA ARG C 395 34.99 -42.33 -3.21
C ARG C 395 36.42 -42.62 -2.76
N LYS C 396 37.21 -41.57 -2.50
CA LYS C 396 38.58 -41.76 -2.08
C LYS C 396 38.66 -42.38 -0.68
N ALA C 397 37.87 -41.85 0.26
CA ALA C 397 38.07 -42.12 1.68
C ALA C 397 36.93 -42.87 2.36
N GLY C 398 35.69 -42.80 1.84
CA GLY C 398 34.55 -43.25 2.61
C GLY C 398 33.73 -44.40 2.07
N GLU C 399 34.28 -45.21 1.17
CA GLU C 399 33.52 -46.34 0.64
C GLU C 399 33.15 -47.32 1.75
N GLN C 400 34.06 -47.57 2.67
CA GLN C 400 33.82 -48.57 3.71
C GLN C 400 32.63 -48.22 4.58
N GLU C 401 32.38 -46.92 4.80
CA GLU C 401 31.34 -46.50 5.73
C GLU C 401 29.95 -46.70 5.13
N ILE C 402 29.83 -46.69 3.80
CA ILE C 402 28.51 -46.77 3.17
C ILE C 402 27.80 -48.06 3.58
N ALA C 403 28.53 -49.17 3.63
CA ALA C 403 27.91 -50.45 3.91
C ALA C 403 27.33 -50.52 5.32
N LYS C 404 27.84 -49.72 6.25
CA LYS C 404 27.36 -49.76 7.63
C LYS C 404 25.94 -49.24 7.77
N TYR C 405 25.48 -48.40 6.85
CA TYR C 405 24.23 -47.67 7.02
C TYR C 405 23.16 -48.19 6.07
N ASP C 406 21.90 -47.92 6.44
CA ASP C 406 20.72 -48.35 5.69
C ASP C 406 20.22 -47.19 4.85
N LEU C 407 20.38 -47.30 3.54
CA LEU C 407 19.96 -46.26 2.60
C LEU C 407 18.73 -46.66 1.80
N SER C 408 17.99 -47.67 2.25
CA SER C 408 16.83 -48.13 1.50
C SER C 408 15.74 -47.06 1.41
N SER C 409 15.74 -46.08 2.32
CA SER C 409 14.75 -45.02 2.28
C SER C 409 14.94 -44.14 1.05
N LEU C 410 16.15 -44.06 0.53
CA LEU C 410 16.42 -43.22 -0.63
C LEU C 410 15.80 -43.82 -1.90
N ARG C 411 15.35 -42.92 -2.78
CA ARG C 411 14.98 -43.30 -4.14
C ARG C 411 15.41 -42.30 -5.19
N THR C 412 15.80 -41.08 -4.81
CA THR C 412 16.27 -40.07 -5.76
C THR C 412 17.60 -39.53 -5.30
N LEU C 413 18.59 -39.56 -6.20
CA LEU C 413 19.93 -39.06 -5.95
C LEU C 413 20.20 -37.93 -6.94
N GLY C 414 20.69 -36.80 -6.44
CA GLY C 414 20.91 -35.63 -7.26
C GLY C 414 22.38 -35.26 -7.36
N SER C 415 22.75 -34.66 -8.49
CA SER C 415 24.09 -34.15 -8.74
C SER C 415 23.99 -32.71 -9.22
N VAL C 416 24.84 -31.85 -8.68
CA VAL C 416 24.73 -30.40 -8.88
C VAL C 416 26.12 -29.80 -9.05
N GLY C 417 26.20 -28.77 -9.91
CA GLY C 417 27.33 -27.87 -9.91
C GLY C 417 28.45 -28.22 -10.87
N GLU C 418 28.52 -29.46 -11.34
CA GLU C 418 29.63 -29.87 -12.19
C GLU C 418 29.14 -30.96 -13.13
N PRO C 419 29.86 -31.20 -14.22
CA PRO C 419 29.63 -32.43 -14.99
C PRO C 419 29.92 -33.64 -14.11
N ILE C 420 29.06 -34.64 -14.21
CA ILE C 420 29.22 -35.87 -13.45
C ILE C 420 29.84 -36.91 -14.37
N SER C 421 31.02 -37.41 -14.00
CA SER C 421 31.70 -38.38 -14.83
C SER C 421 30.91 -39.69 -14.85
N PRO C 422 30.92 -40.41 -15.98
CA PRO C 422 30.22 -41.70 -15.99
C PRO C 422 30.71 -42.64 -14.92
N ASP C 423 32.01 -42.62 -14.62
CA ASP C 423 32.53 -43.44 -13.53
C ASP C 423 31.95 -43.01 -12.19
N ILE C 424 31.90 -41.69 -11.96
CA ILE C 424 31.28 -41.18 -10.74
C ILE C 424 29.79 -41.47 -10.73
N TRP C 425 29.15 -41.41 -11.90
CA TRP C 425 27.74 -41.75 -11.98
C TRP C 425 27.50 -43.19 -11.55
N GLU C 426 28.30 -44.13 -12.06
CA GLU C 426 28.15 -45.53 -11.68
C GLU C 426 28.47 -45.73 -10.20
N TRP C 427 29.51 -45.07 -9.70
CA TRP C 427 29.82 -45.16 -8.27
C TRP C 427 28.63 -44.69 -7.45
N TYR C 428 28.07 -43.53 -7.82
CA TYR C 428 26.90 -43.00 -7.14
C TYR C 428 25.76 -44.02 -7.13
N ASN C 429 25.45 -44.60 -8.30
CA ASN C 429 24.32 -45.50 -8.40
C ASN C 429 24.54 -46.78 -7.59
N GLU C 430 25.75 -47.35 -7.66
CA GLU C 430 26.00 -48.66 -7.07
C GLU C 430 26.15 -48.56 -5.55
N PHE C 431 27.05 -47.70 -5.08
CA PHE C 431 27.39 -47.70 -3.67
C PHE C 431 26.34 -46.96 -2.84
N VAL C 432 25.83 -45.85 -3.35
CA VAL C 432 24.81 -45.08 -2.63
C VAL C 432 23.41 -45.56 -3.00
N GLY C 433 23.10 -45.60 -4.30
CA GLY C 433 21.76 -45.99 -4.73
C GLY C 433 21.47 -47.47 -4.72
N LYS C 434 22.50 -48.31 -4.69
CA LYS C 434 22.32 -49.77 -4.78
C LYS C 434 21.67 -50.18 -6.10
N ASN C 435 21.84 -49.36 -7.14
CA ASN C 435 21.16 -49.58 -8.41
C ASN C 435 19.66 -49.74 -8.19
N GLN C 436 19.13 -48.97 -7.23
CA GLN C 436 17.71 -48.96 -6.93
C GLN C 436 17.11 -47.57 -6.95
N CYS C 437 17.90 -46.54 -7.24
CA CYS C 437 17.45 -45.16 -7.18
C CYS C 437 17.60 -44.49 -8.54
N HIS C 438 16.83 -43.43 -8.74
CA HIS C 438 16.98 -42.57 -9.90
C HIS C 438 18.03 -41.51 -9.61
N ILE C 439 18.83 -41.18 -10.62
CA ILE C 439 19.89 -40.20 -10.51
C ILE C 439 19.56 -39.01 -11.40
N SER C 440 19.59 -37.81 -10.82
CA SER C 440 19.21 -36.58 -11.50
C SER C 440 20.44 -35.67 -11.59
N ASP C 441 21.04 -35.60 -12.77
CA ASP C 441 22.15 -34.68 -13.03
C ASP C 441 21.53 -33.35 -13.46
N THR C 442 21.47 -32.40 -12.52
CA THR C 442 20.79 -31.13 -12.74
C THR C 442 21.78 -30.09 -13.21
N TYR C 443 21.50 -29.49 -14.36
CA TYR C 443 22.28 -28.38 -14.89
C TYR C 443 21.50 -27.09 -14.69
N TRP C 444 22.15 -26.09 -14.09
CA TRP C 444 21.53 -24.79 -13.89
C TRP C 444 22.56 -23.83 -13.31
N GLN C 445 22.16 -22.56 -13.24
CA GLN C 445 23.02 -21.49 -12.79
C GLN C 445 22.33 -20.72 -11.66
N THR C 446 23.12 -19.88 -10.98
CA THR C 446 22.53 -18.92 -10.07
C THR C 446 21.48 -18.08 -10.78
N GLU C 447 21.76 -17.68 -12.02
CA GLU C 447 20.87 -16.80 -12.76
C GLU C 447 19.58 -17.49 -13.16
N SER C 448 19.62 -18.80 -13.39
CA SER C 448 18.42 -19.50 -13.81
C SER C 448 17.44 -19.71 -12.67
N GLY C 449 17.91 -19.61 -11.43
CA GLY C 449 17.04 -19.72 -10.27
C GLY C 449 16.73 -21.16 -9.90
N SER C 450 16.50 -22.00 -10.90
CA SER C 450 16.17 -23.40 -10.68
C SER C 450 16.67 -24.21 -11.86
N HIS C 451 16.30 -25.49 -11.89
CA HIS C 451 16.85 -26.41 -12.88
C HIS C 451 16.50 -25.97 -14.29
N LEU C 452 17.49 -26.11 -15.19
CA LEU C 452 17.30 -25.90 -16.62
C LEU C 452 17.20 -27.21 -17.39
N ILE C 453 18.16 -28.11 -17.21
CA ILE C 453 18.18 -29.41 -17.86
C ILE C 453 18.43 -30.47 -16.80
N ALA C 454 17.52 -31.45 -16.69
CA ALA C 454 17.65 -32.49 -15.68
C ALA C 454 16.69 -33.64 -15.99
N PRO C 455 17.09 -34.89 -15.72
CA PRO C 455 16.19 -36.02 -15.98
C PRO C 455 15.20 -36.21 -14.83
N LEU C 456 13.91 -36.16 -15.16
CA LEU C 456 12.87 -36.26 -14.14
C LEU C 456 12.91 -37.64 -13.48
N ALA C 457 12.82 -37.65 -12.15
CA ALA C 457 12.85 -38.90 -11.41
C ALA C 457 11.65 -39.75 -11.77
N GLY C 458 11.90 -40.98 -12.21
CA GLY C 458 10.83 -41.90 -12.54
C GLY C 458 10.16 -41.67 -13.87
N VAL C 459 10.69 -40.75 -14.70
CA VAL C 459 10.05 -40.40 -15.96
C VAL C 459 11.05 -40.53 -17.09
N VAL C 460 12.24 -39.97 -16.93
CA VAL C 460 13.24 -39.91 -17.98
C VAL C 460 14.30 -40.98 -17.69
N PRO C 461 14.50 -41.95 -18.58
CA PRO C 461 15.66 -42.84 -18.41
C PRO C 461 16.94 -42.07 -18.65
N ASN C 462 17.99 -42.51 -17.97
CA ASN C 462 19.21 -41.73 -17.87
C ASN C 462 20.31 -42.27 -18.79
N LYS C 463 21.09 -41.35 -19.35
CA LYS C 463 22.38 -41.66 -19.95
C LYS C 463 23.47 -41.13 -19.02
N PRO C 464 24.25 -41.98 -18.36
CA PRO C 464 25.22 -41.46 -17.37
C PRO C 464 26.09 -40.36 -17.94
N GLY C 465 26.17 -39.25 -17.22
CA GLY C 465 26.92 -38.09 -17.64
C GLY C 465 26.13 -37.06 -18.42
N SER C 466 24.83 -37.27 -18.64
CA SER C 466 24.00 -36.39 -19.43
C SER C 466 22.92 -35.77 -18.55
N ALA C 467 22.74 -34.45 -18.67
CA ALA C 467 21.65 -33.78 -17.98
C ALA C 467 20.29 -34.13 -18.59
N SER C 468 20.28 -34.65 -19.81
CA SER C 468 19.07 -35.15 -20.46
C SER C 468 18.22 -34.01 -21.02
N TYR C 469 16.89 -34.09 -20.86
CA TYR C 469 15.97 -33.17 -21.52
C TYR C 469 15.81 -31.87 -20.72
N PRO C 470 15.52 -30.77 -21.39
CA PRO C 470 15.25 -29.51 -20.68
C PRO C 470 13.95 -29.57 -19.89
N PHE C 471 13.86 -28.69 -18.89
CA PHE C 471 12.71 -28.65 -18.01
C PHE C 471 11.67 -27.67 -18.54
N PHE C 472 10.50 -27.66 -17.89
CA PHE C 472 9.40 -26.81 -18.32
C PHE C 472 9.85 -25.37 -18.49
N GLY C 473 9.40 -24.75 -19.57
CA GLY C 473 9.70 -23.36 -19.85
C GLY C 473 11.10 -23.11 -20.38
N ILE C 474 11.94 -24.14 -20.51
CA ILE C 474 13.32 -23.98 -20.94
C ILE C 474 13.38 -24.44 -22.39
N ASP C 475 13.44 -23.47 -23.31
CA ASP C 475 13.56 -23.76 -24.74
C ASP C 475 15.04 -23.67 -25.09
N ALA C 476 15.74 -24.78 -24.89
CA ALA C 476 17.18 -24.81 -25.09
C ALA C 476 17.54 -24.73 -26.58
N ALA C 477 18.72 -24.21 -26.85
CA ALA C 477 19.24 -24.10 -28.21
C ALA C 477 20.76 -24.04 -28.15
N LEU C 478 21.39 -24.50 -29.23
CA LEU C 478 22.84 -24.42 -29.40
C LEU C 478 23.17 -23.43 -30.51
N ILE C 479 24.04 -22.48 -30.22
CA ILE C 479 24.47 -21.47 -31.18
C ILE C 479 25.93 -21.73 -31.56
N ASP C 480 26.21 -21.64 -32.85
CA ASP C 480 27.59 -21.64 -33.32
C ASP C 480 28.29 -20.32 -32.98
N PRO C 481 29.35 -20.31 -32.18
CA PRO C 481 29.99 -19.04 -31.85
C PRO C 481 30.45 -18.26 -33.07
N VAL C 482 30.87 -18.96 -34.13
CA VAL C 482 31.43 -18.28 -35.29
C VAL C 482 30.33 -17.57 -36.07
N THR C 483 29.26 -18.29 -36.41
CA THR C 483 28.16 -17.68 -37.16
C THR C 483 27.16 -16.97 -36.25
N GLY C 484 27.12 -17.32 -34.97
CA GLY C 484 26.11 -16.77 -34.11
C GLY C 484 24.71 -17.23 -34.44
N VAL C 485 24.59 -18.37 -35.11
CA VAL C 485 23.32 -18.88 -35.62
C VAL C 485 22.96 -20.15 -34.88
N GLU C 486 21.66 -20.34 -34.60
CA GLU C 486 21.21 -21.54 -33.94
C GLU C 486 21.49 -22.77 -34.79
N ILE C 487 21.89 -23.86 -34.14
CA ILE C 487 22.21 -25.10 -34.81
C ILE C 487 20.98 -25.98 -34.82
N GLU C 488 20.45 -26.25 -36.02
CA GLU C 488 19.32 -27.14 -36.18
C GLU C 488 19.79 -28.59 -36.22
N GLY C 489 18.90 -29.50 -35.84
CA GLY C 489 19.19 -30.92 -35.90
C GLY C 489 19.97 -31.40 -34.68
N ASN C 490 20.04 -32.72 -34.55
CA ASN C 490 20.72 -33.35 -33.43
C ASN C 490 22.18 -33.60 -33.79
N ASP C 491 22.91 -34.25 -32.88
CA ASP C 491 24.33 -34.52 -33.06
C ASP C 491 25.08 -33.22 -33.32
N ALA C 492 24.88 -32.24 -32.44
CA ALA C 492 25.40 -30.89 -32.61
C ALA C 492 26.13 -30.44 -31.36
N GLU C 493 27.02 -29.46 -31.55
CA GLU C 493 27.77 -28.85 -30.46
C GLU C 493 27.76 -27.34 -30.63
N GLY C 494 27.71 -26.62 -29.51
CA GLY C 494 27.74 -25.18 -29.56
C GLY C 494 27.57 -24.61 -28.16
N VAL C 495 27.47 -23.28 -28.11
CA VAL C 495 27.23 -22.60 -26.84
C VAL C 495 25.76 -22.73 -26.50
N LEU C 496 25.46 -23.08 -25.25
CA LEU C 496 24.10 -23.35 -24.83
C LEU C 496 23.37 -22.05 -24.54
N ALA C 497 22.18 -21.91 -25.10
CA ALA C 497 21.35 -20.72 -24.90
C ALA C 497 19.90 -21.14 -24.73
N ILE C 498 19.09 -20.20 -24.25
CA ILE C 498 17.66 -20.39 -24.09
C ILE C 498 16.95 -19.33 -24.92
N LYS C 499 15.88 -19.74 -25.61
CA LYS C 499 15.26 -18.89 -26.63
C LYS C 499 14.27 -17.89 -26.04
N ASP C 500 13.79 -18.11 -24.81
CA ASP C 500 12.88 -17.18 -24.17
C ASP C 500 13.05 -17.29 -22.66
N HIS C 501 12.69 -16.21 -21.96
CA HIS C 501 12.88 -16.18 -20.53
C HIS C 501 11.87 -17.07 -19.81
N TRP C 502 12.29 -17.56 -18.64
CA TRP C 502 11.51 -18.49 -17.83
C TRP C 502 11.19 -17.84 -16.49
N PRO C 503 10.24 -18.40 -15.73
CA PRO C 503 9.77 -17.69 -14.53
C PRO C 503 10.87 -17.30 -13.56
N SER C 504 11.79 -18.22 -13.25
CA SER C 504 12.80 -17.98 -12.22
C SER C 504 14.07 -17.35 -12.77
N MET C 505 14.05 -16.85 -14.01
CA MET C 505 15.24 -16.21 -14.55
C MET C 505 15.58 -14.96 -13.76
N ALA C 506 16.87 -14.74 -13.52
CA ALA C 506 17.32 -13.55 -12.83
C ALA C 506 16.91 -12.30 -13.60
N ARG C 507 16.44 -11.30 -12.87
CA ARG C 507 15.84 -10.12 -13.49
C ARG C 507 16.83 -9.00 -13.76
N THR C 508 17.86 -8.86 -12.94
CA THR C 508 18.87 -7.82 -13.14
C THR C 508 20.09 -8.17 -12.30
N VAL C 509 21.14 -7.36 -12.45
CA VAL C 509 22.26 -7.33 -11.54
C VAL C 509 22.14 -6.03 -10.76
N TYR C 510 22.17 -6.13 -9.43
CA TYR C 510 21.75 -5.03 -8.57
C TYR C 510 22.37 -3.71 -9.01
N LYS C 511 21.50 -2.75 -9.33
CA LYS C 511 21.87 -1.39 -9.71
C LYS C 511 22.82 -1.33 -10.89
N ASN C 512 22.99 -2.44 -11.64
CA ASN C 512 23.80 -2.43 -12.87
C ASN C 512 23.08 -3.33 -13.89
N HIS C 513 22.04 -2.77 -14.52
CA HIS C 513 21.30 -3.52 -15.52
C HIS C 513 22.05 -3.61 -16.85
N THR C 514 22.92 -2.64 -17.12
CA THR C 514 23.73 -2.71 -18.33
C THR C 514 24.68 -3.90 -18.29
N LYS C 515 25.28 -4.18 -17.12
CA LYS C 515 26.08 -5.38 -16.97
C LYS C 515 25.24 -6.63 -17.17
N TYR C 516 24.03 -6.65 -16.62
CA TYR C 516 23.11 -7.76 -16.85
C TYR C 516 22.88 -7.98 -18.33
N MET C 517 22.60 -6.92 -19.08
CA MET C 517 22.37 -7.05 -20.51
C MET C 517 23.63 -7.53 -21.22
N ASP C 518 24.78 -6.92 -20.90
CA ASP C 518 26.01 -7.28 -21.59
C ASP C 518 26.42 -8.73 -21.32
N THR C 519 26.06 -9.25 -20.15
CA THR C 519 26.51 -10.58 -19.76
C THR C 519 25.65 -11.66 -20.39
N TYR C 520 24.33 -11.51 -20.37
CA TYR C 520 23.42 -12.57 -20.76
C TYR C 520 22.66 -12.26 -22.04
N MET C 521 22.11 -11.06 -22.17
CA MET C 521 21.17 -10.73 -23.23
C MET C 521 21.86 -10.28 -24.52
N ASN C 522 22.85 -9.41 -24.42
CA ASN C 522 23.42 -8.74 -25.58
C ASN C 522 24.35 -9.61 -26.43
N PRO C 523 25.17 -10.50 -25.85
CA PRO C 523 26.12 -11.24 -26.71
C PRO C 523 25.44 -12.00 -27.83
N TYR C 524 24.28 -12.59 -27.58
CA TYR C 524 23.49 -13.29 -28.60
C TYR C 524 22.06 -12.79 -28.48
N PRO C 525 21.72 -11.68 -29.16
CA PRO C 525 20.40 -11.08 -28.97
C PRO C 525 19.28 -12.04 -29.30
N GLY C 526 18.19 -11.94 -28.54
CA GLY C 526 17.09 -12.87 -28.63
C GLY C 526 17.28 -14.16 -27.89
N TYR C 527 18.44 -14.34 -27.26
CA TYR C 527 18.78 -15.56 -26.53
C TYR C 527 19.30 -15.20 -25.16
N TYR C 528 19.21 -16.15 -24.24
CA TYR C 528 19.88 -16.07 -22.95
C TYR C 528 21.17 -16.88 -23.06
N PHE C 529 22.30 -16.24 -22.81
CA PHE C 529 23.59 -16.88 -22.95
C PHE C 529 24.00 -17.51 -21.62
N THR C 530 24.12 -18.82 -21.60
CA THR C 530 24.47 -19.50 -20.35
C THR C 530 25.93 -19.28 -19.99
N GLY C 531 26.80 -19.07 -20.96
CA GLY C 531 28.23 -19.10 -20.72
C GLY C 531 28.80 -20.50 -20.71
N ASP C 532 28.00 -21.50 -21.04
CA ASP C 532 28.42 -22.90 -21.09
C ASP C 532 28.29 -23.42 -22.50
N GLY C 533 29.23 -24.27 -22.90
CA GLY C 533 29.12 -25.03 -24.13
C GLY C 533 28.56 -26.41 -23.84
N ALA C 534 27.78 -26.92 -24.78
CA ALA C 534 27.10 -28.20 -24.61
C ALA C 534 26.79 -28.78 -25.98
N ALA C 535 26.41 -30.06 -25.98
CA ALA C 535 26.08 -30.78 -27.20
C ALA C 535 24.77 -31.53 -27.02
N ARG C 536 24.14 -31.86 -28.14
CA ARG C 536 22.89 -32.59 -28.18
C ARG C 536 23.02 -33.77 -29.13
N ASP C 537 22.62 -34.96 -28.68
CA ASP C 537 22.80 -36.19 -29.43
C ASP C 537 21.55 -36.54 -30.21
N HIS C 538 21.54 -37.73 -30.83
CA HIS C 538 20.43 -38.12 -31.69
C HIS C 538 19.12 -38.24 -30.90
N ASP C 539 19.20 -38.60 -29.63
CA ASP C 539 18.02 -38.76 -28.80
C ASP C 539 17.53 -37.45 -28.20
N GLY C 540 18.25 -36.35 -28.40
CA GLY C 540 17.88 -35.08 -27.80
C GLY C 540 18.47 -34.83 -26.43
N TYR C 541 19.15 -35.81 -25.85
CA TYR C 541 19.80 -35.62 -24.56
C TYR C 541 20.92 -34.59 -24.68
N TYR C 542 21.02 -33.73 -23.68
CA TYR C 542 21.99 -32.64 -23.66
C TYR C 542 23.21 -33.03 -22.83
N TRP C 543 24.39 -32.74 -23.37
CA TRP C 543 25.67 -33.03 -22.72
C TRP C 543 26.38 -31.69 -22.50
N ILE C 544 26.56 -31.31 -21.24
CA ILE C 544 27.20 -30.04 -20.91
C ILE C 544 28.71 -30.23 -20.92
N ARG C 545 29.40 -29.49 -21.78
CA ARG C 545 30.85 -29.57 -21.92
C ARG C 545 31.59 -28.50 -21.13
N GLY C 546 30.90 -27.60 -20.45
CA GLY C 546 31.58 -26.62 -19.62
C GLY C 546 31.62 -25.25 -20.26
N ARG C 547 32.34 -24.35 -19.57
CA ARG C 547 32.36 -22.94 -19.94
C ARG C 547 32.85 -22.74 -21.38
N VAL C 548 32.46 -21.61 -21.95
CA VAL C 548 32.77 -21.28 -23.33
C VAL C 548 34.14 -20.65 -23.44
N ASP C 549 34.41 -19.63 -22.63
CA ASP C 549 35.81 -19.29 -22.34
C ASP C 549 36.45 -20.51 -21.68
N ASP C 550 37.68 -20.81 -22.09
CA ASP C 550 38.50 -21.97 -21.70
C ASP C 550 38.16 -23.20 -22.53
N VAL C 551 37.38 -23.05 -23.61
CA VAL C 551 37.12 -24.17 -24.52
C VAL C 551 38.28 -24.27 -25.51
#